data_6CO8
#
_entry.id   6CO8
#
_cell.length_a   1
_cell.length_b   1
_cell.length_c   1
_cell.angle_alpha   90.00
_cell.angle_beta   90.00
_cell.angle_gamma   90.00
#
_symmetry.space_group_name_H-M   'P 1'
#
loop_
_entity.id
_entity.type
_entity.pdbx_description
1 polymer 'E protein'
2 polymer 'M protein'
3 branched 2-acetamido-2-deoxy-beta-D-glucopyranose-(1-4)-2-acetamido-2-deoxy-beta-D-glucopyranose
#
loop_
_entity_poly.entity_id
_entity_poly.type
_entity_poly.pdbx_seq_one_letter_code
_entity_poly.pdbx_strand_id
1 'polypeptide(L)'
;IRCIGVSNRDFVEGMSGGTWVDVVLEHGGCVTVMAQDKPTVDIELVTTTVSNMAEVRSYCYEASISDMASDSRCPTQGEA
YLDKQSDTQYVCKRTLVDRGWGNGCGLFGKGSLVTCAKFACSKKMTGKSIQPENLEYRIMLSVHGSQHSGMIVNDTGHET
DENRAKVEITPNSPRAEATLGGFGSLGLDCEPRTGLDFSDLYYLTMNNKHWLVHKEWFHDIPLPWHAGADTGTPHWNNKE
ALVEFKDAHAKRQTVVVLGSQEGAVHTALAGALEAEMDGAKGRLSSGHLKCRLKMDKLRLKGVSYSLCTAAFTFTKIPAE
TLHGTVTVEVQYAGTDGPCKVPAQMAVDMQTLTPVGRLITANPVITESTENSKMMLELDPPFGDSYIVIGVGEKKITHHW
HRSGSTIGKAFEATVRGAKRMAVLGDTAWDFGSVGGALNSLGKGIHQIFGAAFKSLFGGMSWFSQILIGTLLMWLGLNTK
NGSISLMCLALGGVLIFLSTAVSA
;
A,C,E
2 'polypeptide(L)' AVTLPSHSTRKLQTRSQTWLESREYTKHLIRVENWIFRNPGFALAAAAIAWLLGSSTSQKVIYLVMILLIAPAYS B,D,F
#
loop_
_chem_comp.id
_chem_comp.type
_chem_comp.name
_chem_comp.formula
NAG D-saccharide, beta linking 2-acetamido-2-deoxy-beta-D-glucopyranose 'C8 H15 N O6'
#
# COMPACT_ATOMS: atom_id res chain seq x y z
N ILE A 1 -57.62 -9.82 20.93
CA ILE A 1 -58.17 -10.03 19.60
C ILE A 1 -57.14 -9.50 18.64
N ARG A 2 -56.69 -10.40 17.74
CA ARG A 2 -55.51 -10.43 16.86
C ARG A 2 -54.26 -10.79 17.66
N CYS A 3 -54.36 -10.78 18.97
CA CYS A 3 -53.23 -11.14 19.80
C CYS A 3 -53.58 -12.22 20.80
N ILE A 4 -54.83 -12.70 20.79
CA ILE A 4 -55.33 -13.52 21.88
C ILE A 4 -54.95 -14.98 21.72
N GLY A 5 -54.60 -15.41 20.51
CA GLY A 5 -54.20 -16.79 20.28
C GLY A 5 -52.72 -16.87 20.04
N VAL A 6 -52.02 -15.80 20.39
CA VAL A 6 -50.59 -15.67 20.14
C VAL A 6 -49.83 -16.15 21.36
N SER A 7 -48.83 -17.01 21.15
CA SER A 7 -48.05 -17.55 22.24
C SER A 7 -47.11 -16.52 22.85
N ASN A 8 -46.88 -15.40 22.18
CA ASN A 8 -45.90 -14.41 22.60
C ASN A 8 -46.57 -13.06 22.86
N ARG A 9 -47.75 -13.07 23.45
CA ARG A 9 -48.48 -11.85 23.75
C ARG A 9 -47.95 -11.21 25.03
N ASP A 10 -47.79 -9.90 25.03
CA ASP A 10 -47.33 -9.15 26.18
C ASP A 10 -48.45 -8.24 26.69
N PHE A 11 -48.45 -8.02 28.01
CA PHE A 11 -49.46 -7.22 28.66
C PHE A 11 -48.81 -5.97 29.22
N VAL A 12 -49.18 -4.81 28.68
CA VAL A 12 -48.58 -3.54 29.06
C VAL A 12 -49.64 -2.74 29.81
N GLU A 13 -49.31 -2.31 31.02
CA GLU A 13 -50.20 -1.54 31.86
C GLU A 13 -49.39 -0.71 32.84
N GLY A 14 -49.98 0.38 33.31
CA GLY A 14 -49.28 1.27 34.20
C GLY A 14 -48.57 2.34 33.39
N MET A 15 -48.99 3.60 33.51
CA MET A 15 -48.61 4.63 32.56
C MET A 15 -48.03 5.83 33.28
N SER A 16 -47.50 6.76 32.47
CA SER A 16 -46.92 8.01 32.96
C SER A 16 -48.03 8.98 33.35
N GLY A 17 -48.65 8.68 34.49
CA GLY A 17 -49.81 9.42 34.92
C GLY A 17 -51.05 9.20 34.09
N GLY A 18 -51.12 8.09 33.35
CA GLY A 18 -52.19 7.84 32.43
C GLY A 18 -52.05 8.50 31.08
N THR A 19 -50.85 8.92 30.71
CA THR A 19 -50.66 9.68 29.48
C THR A 19 -50.11 8.81 28.36
N TRP A 20 -48.96 8.17 28.59
CA TRP A 20 -48.30 7.38 27.57
C TRP A 20 -47.55 6.23 28.21
N VAL A 21 -47.25 5.22 27.40
CA VAL A 21 -46.37 4.13 27.79
C VAL A 21 -45.49 3.80 26.60
N ASP A 22 -44.24 3.42 26.88
CA ASP A 22 -43.22 3.24 25.87
C ASP A 22 -43.01 1.74 25.67
N VAL A 23 -43.32 1.24 24.48
CA VAL A 23 -43.36 -0.20 24.24
C VAL A 23 -42.37 -0.54 23.13
N VAL A 24 -42.01 -1.82 23.05
CA VAL A 24 -41.12 -2.32 22.01
C VAL A 24 -41.88 -3.38 21.22
N LEU A 25 -42.36 -3.02 20.04
CA LEU A 25 -43.19 -3.93 19.26
C LEU A 25 -42.29 -4.92 18.55
N GLU A 26 -42.07 -6.08 19.18
CA GLU A 26 -41.34 -7.14 18.53
C GLU A 26 -42.15 -7.70 17.37
N HIS A 27 -41.47 -8.38 16.45
CA HIS A 27 -42.08 -8.65 15.16
C HIS A 27 -42.86 -9.94 15.12
N GLY A 28 -42.40 -10.98 15.81
CA GLY A 28 -43.14 -12.21 15.91
C GLY A 28 -44.16 -12.23 17.02
N GLY A 29 -43.94 -11.45 18.07
CA GLY A 29 -44.84 -11.43 19.20
C GLY A 29 -45.88 -10.35 19.10
N CYS A 30 -46.54 -10.05 20.22
CA CYS A 30 -47.71 -9.21 20.26
C CYS A 30 -47.77 -8.46 21.59
N VAL A 31 -48.40 -7.30 21.56
CA VAL A 31 -48.48 -6.44 22.73
C VAL A 31 -49.92 -6.07 22.98
N THR A 32 -50.44 -6.40 24.15
CA THR A 32 -51.78 -6.03 24.59
C THR A 32 -51.68 -4.93 25.62
N VAL A 33 -52.29 -3.78 25.33
CA VAL A 33 -52.11 -2.57 26.11
C VAL A 33 -53.44 -2.21 26.75
N MET A 34 -53.44 -2.08 28.08
CA MET A 34 -54.65 -1.86 28.84
C MET A 34 -54.44 -0.71 29.81
N ALA A 35 -55.49 0.09 30.00
CA ALA A 35 -55.39 1.26 30.87
C ALA A 35 -56.47 1.19 31.94
N GLN A 36 -56.65 2.27 32.67
CA GLN A 36 -57.62 2.26 33.76
C GLN A 36 -59.04 2.38 33.25
N ASP A 37 -59.34 3.42 32.46
CA ASP A 37 -60.68 3.58 31.88
C ASP A 37 -60.62 3.75 30.37
N LYS A 38 -59.73 3.03 29.69
CA LYS A 38 -59.53 3.11 28.26
C LYS A 38 -59.53 1.71 27.67
N PRO A 39 -59.98 1.54 26.42
CA PRO A 39 -60.17 0.19 25.89
C PRO A 39 -58.85 -0.53 25.65
N THR A 40 -58.90 -1.84 25.85
CA THR A 40 -57.72 -2.66 25.67
C THR A 40 -57.46 -2.84 24.19
N VAL A 41 -56.36 -2.26 23.71
CA VAL A 41 -56.00 -2.33 22.31
C VAL A 41 -54.90 -3.38 22.15
N ASP A 42 -54.95 -4.12 21.05
CA ASP A 42 -54.00 -5.18 20.77
C ASP A 42 -53.12 -4.77 19.60
N ILE A 43 -51.82 -4.70 19.83
CA ILE A 43 -50.88 -4.07 18.91
C ILE A 43 -49.92 -5.12 18.40
N GLU A 44 -49.70 -5.13 17.09
CA GLU A 44 -48.86 -6.16 16.48
C GLU A 44 -48.19 -5.62 15.24
N LEU A 45 -46.87 -5.56 15.25
CA LEU A 45 -46.09 -5.33 14.05
C LEU A 45 -46.18 -6.56 13.16
N VAL A 46 -46.56 -6.39 11.90
CA VAL A 46 -46.85 -7.51 11.03
C VAL A 46 -45.85 -7.65 9.88
N THR A 47 -45.41 -6.56 9.27
CA THR A 47 -44.40 -6.62 8.21
C THR A 47 -43.45 -5.44 8.33
N THR A 48 -42.39 -5.50 7.52
CA THR A 48 -41.41 -4.43 7.41
C THR A 48 -40.91 -4.47 5.97
N THR A 49 -41.51 -3.65 5.10
CA THR A 49 -41.18 -3.70 3.69
C THR A 49 -40.05 -2.73 3.41
N VAL A 50 -38.84 -3.25 3.21
CA VAL A 50 -37.70 -2.44 2.84
C VAL A 50 -37.82 -2.12 1.36
N SER A 51 -38.01 -0.85 1.03
CA SER A 51 -38.43 -0.45 -0.30
C SER A 51 -37.26 0.07 -1.12
N ASN A 52 -37.14 -0.46 -2.34
CA ASN A 52 -36.29 0.06 -3.42
C ASN A 52 -34.81 0.09 -3.02
N MET A 53 -34.29 -1.11 -2.85
CA MET A 53 -32.90 -1.33 -2.46
C MET A 53 -32.00 -1.28 -3.67
N ALA A 54 -30.83 -0.69 -3.52
CA ALA A 54 -29.87 -0.57 -4.60
C ALA A 54 -28.79 -1.63 -4.44
N GLU A 55 -28.48 -2.31 -5.54
CA GLU A 55 -27.63 -3.48 -5.52
C GLU A 55 -26.17 -3.12 -5.23
N VAL A 56 -25.49 -4.08 -4.62
CA VAL A 56 -24.09 -4.01 -4.21
C VAL A 56 -23.50 -5.19 -4.99
N ARG A 57 -22.26 -5.59 -4.69
CA ARG A 57 -21.55 -6.67 -5.34
C ARG A 57 -22.39 -7.93 -5.45
N SER A 58 -22.34 -8.57 -6.60
CA SER A 58 -23.14 -9.77 -6.83
C SER A 58 -22.19 -10.93 -7.11
N TYR A 59 -22.03 -11.80 -6.13
CA TYR A 59 -21.09 -12.90 -6.25
C TYR A 59 -21.63 -14.00 -7.15
N CYS A 60 -20.71 -14.68 -7.83
CA CYS A 60 -21.03 -15.87 -8.59
C CYS A 60 -20.92 -17.08 -7.68
N TYR A 61 -21.81 -18.04 -7.85
CA TYR A 61 -21.69 -19.30 -7.12
C TYR A 61 -21.62 -20.53 -8.00
N GLU A 62 -22.23 -20.52 -9.18
CA GLU A 62 -22.06 -21.62 -10.13
C GLU A 62 -21.41 -21.08 -11.39
N ALA A 63 -20.14 -21.42 -11.58
CA ALA A 63 -19.37 -20.88 -12.67
C ALA A 63 -19.26 -21.90 -13.79
N SER A 64 -18.60 -21.48 -14.87
CA SER A 64 -18.38 -22.36 -16.00
C SER A 64 -17.07 -21.97 -16.66
N ILE A 65 -16.49 -22.89 -17.39
CA ILE A 65 -15.27 -22.62 -18.16
C ILE A 65 -15.52 -22.98 -19.60
N SER A 66 -15.38 -21.99 -20.47
CA SER A 66 -15.54 -22.15 -21.91
C SER A 66 -14.19 -22.49 -22.52
N ASP A 67 -14.05 -22.26 -23.83
CA ASP A 67 -12.90 -22.68 -24.64
C ASP A 67 -11.58 -22.20 -24.09
N MET A 68 -10.79 -23.16 -23.61
CA MET A 68 -9.54 -22.93 -22.93
C MET A 68 -8.38 -23.25 -23.87
N ALA A 69 -7.22 -22.71 -23.52
CA ALA A 69 -6.00 -22.93 -24.29
C ALA A 69 -4.83 -22.68 -23.37
N SER A 70 -3.63 -23.03 -23.84
CA SER A 70 -2.46 -22.89 -23.00
C SER A 70 -1.23 -22.73 -23.86
N ASP A 71 -0.19 -22.13 -23.28
CA ASP A 71 1.06 -21.88 -23.98
C ASP A 71 2.21 -22.06 -23.00
N SER A 72 3.35 -22.54 -23.53
CA SER A 72 4.52 -22.83 -22.73
C SER A 72 5.78 -22.36 -23.45
N ARG A 73 6.77 -21.93 -22.68
CA ARG A 73 8.07 -21.57 -23.21
C ARG A 73 9.14 -22.45 -22.62
N CYS A 74 10.22 -22.58 -23.36
CA CYS A 74 11.37 -23.37 -22.98
C CYS A 74 12.07 -22.71 -21.78
N PRO A 75 12.96 -23.45 -21.08
CA PRO A 75 13.70 -22.83 -19.97
C PRO A 75 14.60 -21.68 -20.41
N THR A 76 14.59 -20.61 -19.60
CA THR A 76 15.33 -19.35 -19.82
C THR A 76 15.00 -18.73 -21.18
N GLN A 77 13.76 -18.86 -21.62
CA GLN A 77 13.28 -18.31 -22.87
C GLN A 77 12.13 -17.38 -22.62
N GLY A 78 12.05 -16.87 -21.39
CA GLY A 78 11.00 -15.95 -20.99
C GLY A 78 9.85 -16.65 -20.32
N GLU A 79 8.79 -15.88 -20.09
CA GLU A 79 7.55 -16.42 -19.55
C GLU A 79 6.54 -16.57 -20.67
N ALA A 80 5.65 -17.53 -20.50
CA ALA A 80 4.73 -17.90 -21.56
C ALA A 80 3.59 -16.89 -21.65
N TYR A 81 2.93 -16.87 -22.81
CA TYR A 81 1.92 -15.84 -23.06
C TYR A 81 0.94 -16.32 -24.12
N LEU A 82 -0.34 -16.37 -23.76
CA LEU A 82 -1.41 -16.42 -24.74
C LEU A 82 -1.85 -15.01 -25.09
N ASP A 83 -2.31 -14.83 -26.33
CA ASP A 83 -2.93 -13.57 -26.71
C ASP A 83 -4.26 -13.35 -26.01
N LYS A 84 -4.87 -14.41 -25.48
CA LYS A 84 -6.11 -14.37 -24.74
C LYS A 84 -5.87 -14.22 -23.25
N GLN A 85 -4.64 -13.89 -22.86
CA GLN A 85 -4.35 -13.37 -21.53
C GLN A 85 -4.61 -11.87 -21.46
N SER A 86 -4.71 -11.22 -22.62
CA SER A 86 -5.12 -9.83 -22.74
C SER A 86 -6.63 -9.67 -22.80
N ASP A 87 -7.37 -10.66 -22.33
CA ASP A 87 -8.82 -10.61 -22.22
C ASP A 87 -9.18 -10.73 -20.76
N THR A 88 -10.04 -9.85 -20.28
CA THR A 88 -10.47 -9.92 -18.88
C THR A 88 -11.54 -10.96 -18.63
N GLN A 89 -12.09 -11.58 -19.66
CA GLN A 89 -13.07 -12.63 -19.45
C GLN A 89 -12.45 -13.99 -19.24
N TYR A 90 -11.13 -14.12 -19.35
CA TYR A 90 -10.48 -15.42 -19.24
C TYR A 90 -9.62 -15.44 -17.99
N VAL A 91 -9.87 -16.42 -17.13
CA VAL A 91 -9.03 -16.61 -15.95
C VAL A 91 -7.76 -17.30 -16.43
N CYS A 92 -6.67 -17.12 -15.70
CA CYS A 92 -5.34 -17.33 -16.24
C CYS A 92 -4.36 -17.57 -15.11
N LYS A 93 -3.38 -18.46 -15.33
CA LYS A 93 -2.36 -18.72 -14.33
C LYS A 93 -1.07 -19.21 -14.97
N ARG A 94 0.04 -18.60 -14.61
CA ARG A 94 1.36 -19.05 -15.02
C ARG A 94 1.89 -20.09 -14.06
N THR A 95 2.79 -20.93 -14.57
CA THR A 95 3.45 -21.94 -13.75
C THR A 95 4.77 -22.30 -14.39
N LEU A 96 5.54 -23.14 -13.70
CA LEU A 96 6.80 -23.68 -14.18
C LEU A 96 6.70 -25.19 -14.21
N VAL A 97 6.84 -25.79 -15.39
CA VAL A 97 6.69 -27.23 -15.55
C VAL A 97 7.95 -27.82 -16.14
N ASP A 98 8.04 -29.14 -16.08
CA ASP A 98 9.21 -29.85 -16.56
C ASP A 98 9.27 -29.80 -18.07
N ARG A 99 10.41 -29.35 -18.60
CA ARG A 99 10.57 -29.11 -20.01
C ARG A 99 11.93 -29.64 -20.43
N GLY A 100 11.96 -30.62 -21.35
CA GLY A 100 13.21 -31.26 -21.73
C GLY A 100 13.31 -31.61 -23.19
N TRP A 101 14.25 -32.49 -23.56
CA TRP A 101 14.40 -32.87 -24.97
C TRP A 101 13.22 -33.65 -25.50
N GLY A 102 12.50 -34.37 -24.65
CA GLY A 102 11.33 -35.09 -25.11
C GLY A 102 10.16 -34.19 -25.42
N ASN A 103 10.15 -32.98 -24.86
CA ASN A 103 9.09 -32.01 -25.04
C ASN A 103 9.35 -31.07 -26.21
N GLY A 104 10.24 -31.43 -27.12
CA GLY A 104 10.57 -30.57 -28.22
C GLY A 104 11.51 -29.42 -27.89
N CYS A 105 11.91 -29.27 -26.64
CA CYS A 105 12.81 -28.21 -26.22
C CYS A 105 14.25 -28.59 -26.54
N GLY A 106 15.20 -27.82 -26.02
CA GLY A 106 16.61 -28.12 -26.20
C GLY A 106 17.42 -27.83 -24.96
N LEU A 107 16.75 -27.72 -23.82
CA LEU A 107 17.42 -27.36 -22.57
C LEU A 107 16.58 -27.88 -21.42
N PHE A 108 17.17 -28.74 -20.60
CA PHE A 108 16.45 -29.34 -19.48
C PHE A 108 16.32 -28.36 -18.34
N GLY A 109 15.10 -28.17 -17.86
CA GLY A 109 14.86 -27.25 -16.78
C GLY A 109 13.37 -27.10 -16.51
N LYS A 110 13.03 -25.99 -15.88
CA LYS A 110 11.64 -25.69 -15.52
C LYS A 110 11.09 -24.67 -16.51
N GLY A 111 10.58 -25.15 -17.63
CA GLY A 111 9.98 -24.27 -18.61
C GLY A 111 8.67 -23.70 -18.14
N SER A 112 8.43 -22.45 -18.51
CA SER A 112 7.24 -21.72 -18.09
C SER A 112 6.04 -22.24 -18.85
N LEU A 113 4.85 -21.88 -18.37
CA LEU A 113 3.59 -22.39 -18.89
C LEU A 113 2.46 -21.53 -18.35
N VAL A 114 1.58 -21.08 -19.23
CA VAL A 114 0.43 -20.27 -18.83
C VAL A 114 -0.81 -20.89 -19.45
N THR A 115 -1.92 -20.86 -18.72
CA THR A 115 -3.16 -21.51 -19.13
C THR A 115 -4.33 -20.58 -18.93
N CYS A 116 -5.02 -20.26 -20.02
CA CYS A 116 -6.19 -19.40 -19.99
C CYS A 116 -7.45 -20.23 -20.07
N ALA A 117 -8.54 -19.69 -19.52
CA ALA A 117 -9.81 -20.41 -19.44
C ALA A 117 -10.93 -19.40 -19.29
N LYS A 118 -11.86 -19.40 -20.23
CA LYS A 118 -12.90 -18.37 -20.28
C LYS A 118 -13.89 -18.53 -19.14
N PHE A 119 -13.86 -17.60 -18.19
CA PHE A 119 -14.78 -17.63 -17.07
C PHE A 119 -16.10 -17.03 -17.52
N ALA A 120 -17.17 -17.81 -17.39
CA ALA A 120 -18.51 -17.35 -17.75
C ALA A 120 -19.47 -17.85 -16.67
N CYS A 121 -19.86 -16.95 -15.77
CA CYS A 121 -20.70 -17.36 -14.66
C CYS A 121 -22.15 -17.54 -15.08
N SER A 122 -22.71 -18.66 -14.70
CA SER A 122 -24.05 -19.07 -15.11
C SER A 122 -25.11 -18.68 -14.10
N LYS A 123 -24.84 -18.83 -12.81
CA LYS A 123 -25.80 -18.46 -11.76
C LYS A 123 -25.07 -17.65 -10.71
N LYS A 124 -25.64 -16.50 -10.36
CA LYS A 124 -25.02 -15.60 -9.40
C LYS A 124 -26.03 -15.16 -8.35
N MET A 125 -25.54 -14.91 -7.14
CA MET A 125 -26.33 -14.32 -6.08
C MET A 125 -26.07 -12.83 -6.06
N THR A 126 -26.99 -12.07 -5.48
CA THR A 126 -26.93 -10.61 -5.53
C THR A 126 -27.27 -10.03 -4.17
N GLY A 127 -26.39 -9.16 -3.66
CA GLY A 127 -26.67 -8.49 -2.42
C GLY A 127 -27.10 -7.06 -2.64
N LYS A 128 -28.22 -6.68 -2.05
CA LYS A 128 -28.74 -5.32 -2.17
C LYS A 128 -28.60 -4.60 -0.83
N SER A 129 -28.47 -3.28 -0.89
CA SER A 129 -28.22 -2.50 0.30
C SER A 129 -29.51 -2.02 0.92
N ILE A 130 -29.62 -2.15 2.24
CA ILE A 130 -30.80 -1.73 2.98
C ILE A 130 -30.52 -0.37 3.60
N GLN A 131 -31.31 0.62 3.22
CA GLN A 131 -31.17 1.92 3.84
C GLN A 131 -32.20 2.06 4.95
N PRO A 132 -31.84 2.68 6.08
CA PRO A 132 -32.82 2.88 7.16
C PRO A 132 -33.90 3.88 6.82
N GLU A 133 -33.70 4.69 5.78
CA GLU A 133 -34.67 5.67 5.32
C GLU A 133 -35.75 5.08 4.43
N ASN A 134 -35.80 3.76 4.28
CA ASN A 134 -36.79 3.11 3.44
C ASN A 134 -37.59 2.04 4.16
N LEU A 135 -37.48 1.95 5.48
CA LEU A 135 -38.25 1.00 6.26
C LEU A 135 -39.70 1.43 6.34
N GLU A 136 -40.63 0.48 6.19
CA GLU A 136 -42.06 0.76 6.20
C GLU A 136 -42.73 -0.28 7.09
N TYR A 137 -42.78 0.00 8.40
CA TYR A 137 -43.36 -0.91 9.39
C TYR A 137 -44.88 -0.78 9.40
N ARG A 138 -45.62 -1.87 9.14
CA ARG A 138 -47.07 -1.85 9.32
C ARG A 138 -47.41 -2.33 10.72
N ILE A 139 -48.19 -1.55 11.44
CA ILE A 139 -48.63 -1.88 12.79
C ILE A 139 -50.11 -2.15 12.73
N MET A 140 -50.51 -3.40 12.97
CA MET A 140 -51.92 -3.73 13.02
C MET A 140 -52.45 -3.50 14.43
N LEU A 141 -53.64 -2.91 14.53
CA LEU A 141 -54.29 -2.61 15.79
C LEU A 141 -55.65 -3.28 15.82
N SER A 142 -56.09 -3.68 17.01
CA SER A 142 -57.41 -4.29 17.14
C SER A 142 -57.86 -4.12 18.58
N VAL A 143 -58.88 -3.30 18.82
CA VAL A 143 -59.35 -3.06 20.17
C VAL A 143 -60.29 -4.17 20.59
N HIS A 144 -60.42 -4.34 21.90
CA HIS A 144 -61.34 -5.29 22.48
C HIS A 144 -62.72 -4.65 22.61
N GLY A 145 -63.74 -5.34 22.13
CA GLY A 145 -65.07 -4.76 22.08
C GLY A 145 -66.04 -5.58 21.25
N SER A 146 -66.69 -4.93 20.29
CA SER A 146 -67.69 -5.57 19.43
C SER A 146 -67.03 -6.49 18.41
N GLN A 147 -66.45 -7.58 18.90
CA GLN A 147 -65.77 -8.54 18.07
C GLN A 147 -65.98 -9.94 18.64
N HIS A 148 -65.94 -10.92 17.76
CA HIS A 148 -66.16 -12.32 18.08
C HIS A 148 -64.93 -13.12 17.68
N SER A 149 -65.05 -14.46 17.69
CA SER A 149 -63.91 -15.31 17.41
C SER A 149 -63.45 -15.22 15.96
N GLY A 150 -64.33 -14.82 15.05
CA GLY A 150 -63.96 -14.70 13.66
C GLY A 150 -63.43 -13.33 13.28
N MET A 151 -62.81 -12.63 14.24
CA MET A 151 -62.19 -11.34 13.98
C MET A 151 -60.80 -11.27 14.60
N ILE A 152 -60.17 -12.42 14.83
CA ILE A 152 -58.84 -12.46 15.39
C ILE A 152 -57.83 -12.49 14.25
N VAL A 153 -57.90 -13.53 13.43
CA VAL A 153 -57.04 -13.67 12.25
C VAL A 153 -57.63 -12.91 11.05
N ASN A 154 -58.94 -12.70 11.02
CA ASN A 154 -59.62 -12.15 9.85
C ASN A 154 -59.23 -10.69 9.67
N ASP A 155 -58.87 -10.35 8.44
CA ASP A 155 -58.35 -9.04 8.10
C ASP A 155 -58.93 -8.52 6.79
N THR A 156 -59.92 -9.22 6.22
CA THR A 156 -60.53 -8.77 4.99
C THR A 156 -61.44 -7.60 5.29
N GLY A 157 -60.90 -6.39 5.21
CA GLY A 157 -61.65 -5.18 5.42
C GLY A 157 -61.47 -4.62 6.80
N HIS A 158 -60.61 -3.61 6.93
CA HIS A 158 -60.43 -2.92 8.20
C HIS A 158 -60.33 -1.41 8.04
N GLU A 159 -60.44 -0.88 6.83
CA GLU A 159 -60.57 0.55 6.66
C GLU A 159 -61.95 1.04 7.07
N THR A 160 -62.94 0.14 7.12
CA THR A 160 -64.29 0.46 7.56
C THR A 160 -64.75 -0.42 8.72
N ASP A 161 -63.82 -0.96 9.50
CA ASP A 161 -64.19 -1.85 10.59
C ASP A 161 -64.42 -1.12 11.90
N GLU A 162 -63.66 -0.04 12.15
CA GLU A 162 -63.79 0.92 13.26
C GLU A 162 -63.28 0.33 14.57
N ASN A 163 -63.00 -0.98 14.58
CA ASN A 163 -62.28 -1.64 15.67
C ASN A 163 -60.83 -1.93 15.33
N ARG A 164 -60.48 -1.93 14.04
CA ARG A 164 -59.17 -2.32 13.56
C ARG A 164 -58.65 -1.25 12.61
N ALA A 165 -57.34 -1.04 12.64
CA ALA A 165 -56.67 -0.09 11.76
C ALA A 165 -55.20 -0.41 11.70
N LYS A 166 -54.61 -0.25 10.52
CA LYS A 166 -53.16 -0.34 10.36
C LYS A 166 -52.58 1.06 10.29
N VAL A 167 -51.31 1.19 10.66
CA VAL A 167 -50.54 2.40 10.44
C VAL A 167 -49.18 2.00 9.90
N GLU A 168 -48.70 2.72 8.89
CA GLU A 168 -47.35 2.52 8.41
C GLU A 168 -46.39 3.51 9.07
N ILE A 169 -45.21 3.03 9.42
CA ILE A 169 -44.20 3.84 10.08
C ILE A 169 -42.98 3.89 9.15
N THR A 170 -42.94 4.88 8.31
CA THR A 170 -41.73 5.28 7.62
C THR A 170 -40.93 6.13 8.60
N PRO A 171 -39.62 6.27 8.36
CA PRO A 171 -38.68 7.08 9.14
C PRO A 171 -39.06 8.57 9.02
N ASN A 172 -39.44 9.00 7.82
CA ASN A 172 -39.85 10.41 7.58
C ASN A 172 -41.11 10.72 8.40
N SER A 173 -42.06 9.78 8.44
CA SER A 173 -43.31 9.97 9.23
C SER A 173 -43.54 8.72 10.09
N PRO A 174 -42.70 8.52 11.10
CA PRO A 174 -42.67 7.41 12.07
C PRO A 174 -43.90 7.35 12.98
N ARG A 175 -44.42 8.50 13.40
CA ARG A 175 -45.57 8.51 14.35
C ARG A 175 -46.88 8.84 13.63
N ALA A 176 -47.86 7.95 13.81
CA ALA A 176 -49.23 8.09 13.29
C ALA A 176 -50.22 8.05 14.45
N GLU A 177 -51.43 8.54 14.26
CA GLU A 177 -52.54 8.55 15.20
C GLU A 177 -53.72 7.86 14.51
N ALA A 178 -53.95 6.60 14.86
CA ALA A 178 -54.90 5.77 14.14
C ALA A 178 -56.33 6.10 14.54
N THR A 179 -57.21 6.17 13.55
CA THR A 179 -58.61 6.54 13.78
C THR A 179 -59.38 5.30 14.22
N LEU A 180 -59.68 5.22 15.50
CA LEU A 180 -60.53 4.19 16.07
C LEU A 180 -61.82 4.89 16.50
N GLY A 181 -62.79 4.91 15.59
CA GLY A 181 -64.02 5.67 15.78
C GLY A 181 -64.86 5.24 16.96
N GLY A 182 -65.09 6.16 17.89
CA GLY A 182 -65.74 5.85 19.14
C GLY A 182 -64.75 5.49 20.22
N PHE A 183 -63.68 4.79 19.86
CA PHE A 183 -62.62 4.42 20.78
C PHE A 183 -61.56 5.50 20.91
N GLY A 184 -61.73 6.63 20.26
CA GLY A 184 -60.77 7.72 20.38
C GLY A 184 -59.77 7.68 19.26
N SER A 185 -58.48 7.76 19.61
CA SER A 185 -57.41 7.74 18.62
C SER A 185 -56.14 7.31 19.32
N LEU A 186 -55.65 6.11 19.01
CA LEU A 186 -54.41 5.63 19.59
C LEU A 186 -53.23 6.34 18.93
N GLY A 187 -52.47 7.08 19.73
CA GLY A 187 -51.33 7.80 19.20
C GLY A 187 -50.03 7.03 19.31
N LEU A 188 -49.54 6.55 18.17
CA LEU A 188 -48.26 5.86 18.11
C LEU A 188 -47.15 6.88 17.83
N ASP A 189 -46.00 6.66 18.44
CA ASP A 189 -44.89 7.60 18.42
C ASP A 189 -43.59 6.86 18.16
N CYS A 190 -43.59 6.05 17.10
CA CYS A 190 -42.61 4.98 16.91
C CYS A 190 -41.21 5.53 16.63
N GLU A 191 -40.23 4.63 16.73
CA GLU A 191 -38.82 4.92 16.49
C GLU A 191 -38.31 3.94 15.44
N PRO A 192 -38.41 4.27 14.16
CA PRO A 192 -38.15 3.27 13.11
C PRO A 192 -36.71 3.12 12.68
N ARG A 193 -35.84 4.10 12.90
CA ARG A 193 -34.44 3.91 12.54
C ARG A 193 -33.69 2.99 13.49
N THR A 194 -34.15 2.87 14.73
CA THR A 194 -33.55 1.91 15.67
C THR A 194 -34.37 0.63 15.72
N GLY A 195 -34.42 -0.04 14.58
CA GLY A 195 -35.05 -1.34 14.52
C GLY A 195 -34.02 -2.44 14.58
N LEU A 196 -33.95 -3.26 13.55
CA LEU A 196 -32.96 -4.32 13.47
C LEU A 196 -31.77 -3.86 12.63
N ASP A 197 -31.01 -2.91 13.20
CA ASP A 197 -29.70 -2.37 12.81
C ASP A 197 -29.42 -2.34 11.31
N PHE A 198 -30.38 -1.84 10.53
CA PHE A 198 -30.41 -2.01 9.08
C PHE A 198 -29.35 -1.22 8.33
N SER A 199 -28.51 -0.45 9.00
CA SER A 199 -27.37 0.13 8.33
C SER A 199 -26.17 -0.80 8.30
N ASP A 200 -26.31 -2.02 8.84
CA ASP A 200 -25.27 -3.03 8.80
C ASP A 200 -25.78 -4.35 8.22
N LEU A 201 -26.82 -4.32 7.41
CA LEU A 201 -27.39 -5.54 6.86
C LEU A 201 -27.58 -5.36 5.37
N TYR A 202 -27.51 -6.45 4.63
CA TYR A 202 -27.83 -6.44 3.21
C TYR A 202 -29.02 -7.36 2.97
N TYR A 203 -29.30 -7.60 1.70
CA TYR A 203 -30.48 -8.33 1.29
C TYR A 203 -30.07 -9.25 0.14
N LEU A 204 -29.67 -10.47 0.46
CA LEU A 204 -29.17 -11.42 -0.52
C LEU A 204 -30.29 -11.86 -1.45
N THR A 205 -29.92 -12.38 -2.60
CA THR A 205 -30.91 -12.92 -3.54
C THR A 205 -30.28 -14.09 -4.27
N MET A 206 -30.67 -15.30 -3.91
CA MET A 206 -30.12 -16.52 -4.50
C MET A 206 -31.26 -17.40 -4.95
N ASN A 207 -31.44 -17.52 -6.26
CA ASN A 207 -32.37 -18.46 -6.90
C ASN A 207 -33.80 -18.23 -6.42
N ASN A 208 -34.17 -16.95 -6.32
CA ASN A 208 -35.42 -16.47 -5.72
C ASN A 208 -35.58 -16.99 -4.28
N LYS A 209 -34.52 -16.84 -3.50
CA LYS A 209 -34.56 -16.96 -2.06
C LYS A 209 -33.74 -15.82 -1.49
N HIS A 210 -34.30 -15.11 -0.51
CA HIS A 210 -33.74 -13.85 -0.05
C HIS A 210 -33.39 -13.97 1.42
N TRP A 211 -32.31 -13.32 1.84
CA TRP A 211 -31.89 -13.37 3.23
C TRP A 211 -31.50 -11.99 3.74
N LEU A 212 -31.48 -11.84 5.06
CA LEU A 212 -30.92 -10.65 5.71
C LEU A 212 -29.46 -10.89 6.08
N VAL A 213 -28.63 -10.89 5.04
CA VAL A 213 -27.20 -11.04 5.18
C VAL A 213 -26.60 -9.80 5.84
N HIS A 214 -25.72 -10.02 6.83
CA HIS A 214 -25.02 -8.96 7.53
C HIS A 214 -24.01 -8.30 6.60
N LYS A 215 -23.60 -7.08 6.97
CA LYS A 215 -22.67 -6.32 6.13
C LYS A 215 -21.28 -6.94 6.15
N GLU A 216 -20.79 -7.31 7.33
CA GLU A 216 -19.43 -7.83 7.44
C GLU A 216 -19.31 -9.24 6.88
N TRP A 217 -20.39 -10.02 6.90
CA TRP A 217 -20.33 -11.36 6.33
C TRP A 217 -20.30 -11.31 4.82
N PHE A 218 -20.95 -10.31 4.24
CA PHE A 218 -21.11 -10.29 2.79
C PHE A 218 -19.84 -9.87 2.08
N HIS A 219 -19.01 -9.06 2.72
CA HIS A 219 -17.77 -8.60 2.13
C HIS A 219 -16.60 -9.49 2.49
N ASP A 220 -16.85 -10.71 2.95
CA ASP A 220 -15.80 -11.67 3.23
C ASP A 220 -15.97 -12.96 2.44
N ILE A 221 -16.95 -13.02 1.54
CA ILE A 221 -17.26 -14.21 0.78
C ILE A 221 -16.20 -14.41 -0.29
N PRO A 222 -15.53 -15.56 -0.34
CA PRO A 222 -14.56 -15.81 -1.41
C PRO A 222 -15.20 -16.35 -2.69
N LEU A 223 -15.86 -15.47 -3.42
CA LEU A 223 -16.52 -15.84 -4.66
C LEU A 223 -16.25 -14.77 -5.70
N PRO A 224 -16.28 -15.13 -6.98
CA PRO A 224 -16.12 -14.13 -8.04
C PRO A 224 -17.28 -13.16 -8.07
N TRP A 225 -16.96 -11.88 -8.01
CA TRP A 225 -17.97 -10.85 -7.90
C TRP A 225 -17.73 -9.77 -8.93
N HIS A 226 -18.81 -9.15 -9.36
CA HIS A 226 -18.71 -7.89 -10.08
C HIS A 226 -19.40 -6.83 -9.25
N ALA A 227 -19.27 -5.58 -9.68
CA ALA A 227 -19.88 -4.49 -8.93
C ALA A 227 -21.38 -4.48 -9.15
N GLY A 228 -22.08 -3.76 -8.29
CA GLY A 228 -23.51 -3.56 -8.51
C GLY A 228 -23.78 -2.62 -9.68
N ALA A 229 -22.80 -1.79 -10.02
CA ALA A 229 -22.91 -0.85 -11.13
C ALA A 229 -22.30 -1.46 -12.39
N ASP A 230 -22.85 -2.60 -12.78
CA ASP A 230 -22.31 -3.37 -13.91
C ASP A 230 -23.51 -4.02 -14.60
N THR A 231 -23.77 -3.59 -15.83
CA THR A 231 -24.99 -3.92 -16.53
C THR A 231 -24.82 -4.98 -17.61
N GLY A 232 -23.83 -4.84 -18.48
CA GLY A 232 -23.64 -5.75 -19.59
C GLY A 232 -22.98 -7.05 -19.16
N THR A 233 -22.07 -7.52 -20.01
CA THR A 233 -21.25 -8.66 -19.63
C THR A 233 -20.34 -8.25 -18.47
N PRO A 234 -20.40 -8.95 -17.35
CA PRO A 234 -19.76 -8.47 -16.12
C PRO A 234 -18.24 -8.57 -16.20
N HIS A 235 -17.59 -8.01 -15.19
CA HIS A 235 -16.14 -8.08 -15.13
C HIS A 235 -15.66 -9.29 -14.35
N TRP A 236 -16.37 -9.66 -13.28
CA TRP A 236 -16.02 -10.75 -12.37
C TRP A 236 -14.62 -10.58 -11.80
N ASN A 237 -14.45 -9.62 -10.89
CA ASN A 237 -13.30 -9.60 -10.01
C ASN A 237 -13.18 -10.94 -9.27
N ASN A 238 -11.93 -11.32 -9.03
CA ASN A 238 -11.55 -12.52 -8.27
C ASN A 238 -12.10 -13.80 -8.90
N LYS A 239 -11.72 -14.02 -10.15
CA LYS A 239 -12.11 -15.22 -10.88
C LYS A 239 -11.41 -16.48 -10.38
N GLU A 240 -10.27 -16.35 -9.71
CA GLU A 240 -9.50 -17.50 -9.27
C GLU A 240 -10.04 -18.14 -8.00
N ALA A 241 -11.25 -17.77 -7.57
CA ALA A 241 -11.86 -18.37 -6.39
C ALA A 241 -12.76 -19.55 -6.73
N LEU A 242 -13.03 -19.79 -8.02
CA LEU A 242 -13.79 -20.95 -8.43
C LEU A 242 -13.11 -21.79 -9.49
N VAL A 243 -11.96 -21.40 -9.99
CA VAL A 243 -11.22 -22.27 -10.89
C VAL A 243 -10.06 -22.91 -10.14
N GLU A 244 -9.69 -24.11 -10.57
CA GLU A 244 -8.63 -24.86 -9.92
C GLU A 244 -7.60 -25.26 -10.96
N PHE A 245 -6.42 -24.64 -10.90
CA PHE A 245 -5.32 -24.97 -11.80
C PHE A 245 -4.46 -26.00 -11.08
N LYS A 246 -4.64 -27.26 -11.43
CA LYS A 246 -3.76 -28.31 -10.97
C LYS A 246 -2.87 -28.73 -12.13
N ASP A 247 -1.56 -28.76 -11.89
CA ASP A 247 -0.65 -29.27 -12.90
C ASP A 247 -0.56 -30.78 -12.79
N ALA A 248 0.33 -31.37 -13.57
CA ALA A 248 0.60 -32.80 -13.47
C ALA A 248 2.09 -32.95 -13.21
N HIS A 249 2.63 -34.15 -13.34
CA HIS A 249 4.06 -34.36 -13.22
C HIS A 249 4.80 -34.10 -14.53
N ALA A 250 4.19 -33.37 -15.46
CA ALA A 250 4.70 -33.14 -16.80
C ALA A 250 4.19 -31.78 -17.25
N LYS A 251 4.18 -31.57 -18.58
CA LYS A 251 3.75 -30.33 -19.22
C LYS A 251 2.30 -29.94 -18.93
N ARG A 252 1.47 -30.85 -18.43
CA ARG A 252 0.04 -30.57 -18.36
C ARG A 252 -0.29 -29.61 -17.21
N GLN A 253 -1.08 -28.57 -17.51
CA GLN A 253 -1.74 -27.70 -16.54
C GLN A 253 -3.24 -27.87 -16.75
N THR A 254 -3.89 -28.62 -15.86
CA THR A 254 -5.31 -28.88 -16.00
C THR A 254 -6.10 -27.87 -15.19
N VAL A 255 -7.04 -27.19 -15.83
CA VAL A 255 -7.93 -26.26 -15.17
C VAL A 255 -9.32 -26.88 -15.08
N VAL A 256 -9.85 -26.91 -13.86
CA VAL A 256 -11.21 -27.37 -13.61
C VAL A 256 -11.90 -26.36 -12.71
N VAL A 257 -13.18 -26.18 -12.92
CA VAL A 257 -13.98 -25.24 -12.15
C VAL A 257 -14.54 -25.95 -10.94
N LEU A 258 -14.61 -25.26 -9.81
CA LEU A 258 -15.32 -25.82 -8.68
C LEU A 258 -16.82 -25.77 -8.95
N GLY A 259 -17.55 -26.62 -8.26
CA GLY A 259 -18.96 -26.82 -8.54
C GLY A 259 -19.83 -25.67 -8.06
N SER A 260 -21.13 -25.96 -8.00
CA SER A 260 -22.10 -24.95 -7.61
C SER A 260 -21.99 -24.66 -6.13
N GLN A 261 -21.71 -23.40 -5.80
CA GLN A 261 -21.60 -22.94 -4.43
C GLN A 261 -22.93 -22.47 -3.86
N GLU A 262 -24.05 -22.95 -4.40
CA GLU A 262 -25.35 -22.58 -3.86
C GLU A 262 -25.57 -23.21 -2.50
N GLY A 263 -25.53 -24.53 -2.43
CA GLY A 263 -25.71 -25.19 -1.15
C GLY A 263 -24.51 -25.10 -0.24
N ALA A 264 -23.35 -24.72 -0.78
CA ALA A 264 -22.17 -24.55 0.04
C ALA A 264 -22.18 -23.24 0.80
N VAL A 265 -23.10 -22.35 0.46
CA VAL A 265 -23.27 -21.10 1.20
C VAL A 265 -24.60 -21.06 1.93
N HIS A 266 -25.54 -21.96 1.62
CA HIS A 266 -26.71 -22.15 2.48
C HIS A 266 -26.29 -22.67 3.84
N THR A 267 -25.21 -23.44 3.91
CA THR A 267 -24.63 -23.85 5.17
C THR A 267 -23.73 -22.78 5.76
N ALA A 268 -23.40 -21.74 4.99
CA ALA A 268 -22.67 -20.59 5.50
C ALA A 268 -23.57 -19.45 5.91
N LEU A 269 -24.85 -19.50 5.55
CA LEU A 269 -25.88 -18.56 6.00
C LEU A 269 -26.55 -19.08 7.28
N ALA A 270 -25.72 -19.46 8.24
CA ALA A 270 -26.18 -20.22 9.40
C ALA A 270 -26.76 -19.33 10.48
N GLY A 271 -26.82 -18.03 10.27
CA GLY A 271 -27.38 -17.14 11.26
C GLY A 271 -28.26 -16.07 10.62
N ALA A 272 -28.31 -16.07 9.30
CA ALA A 272 -29.07 -15.07 8.58
C ALA A 272 -30.56 -15.33 8.72
N LEU A 273 -31.35 -14.31 8.37
CA LEU A 273 -32.80 -14.37 8.48
C LEU A 273 -33.41 -14.40 7.09
N GLU A 274 -34.24 -15.39 6.85
CA GLU A 274 -34.89 -15.51 5.56
C GLU A 274 -35.92 -14.40 5.40
N ALA A 275 -35.97 -13.82 4.21
CA ALA A 275 -36.93 -12.79 3.88
C ALA A 275 -37.64 -13.16 2.59
N GLU A 276 -38.59 -12.33 2.20
CA GLU A 276 -39.30 -12.50 0.94
C GLU A 276 -39.32 -11.16 0.23
N MET A 277 -39.95 -11.13 -0.94
CA MET A 277 -39.88 -9.94 -1.78
C MET A 277 -41.08 -9.95 -2.71
N ASP A 278 -41.92 -8.92 -2.62
CA ASP A 278 -43.14 -8.83 -3.42
C ASP A 278 -42.99 -7.85 -4.58
N GLY A 279 -41.84 -7.88 -5.24
CA GLY A 279 -41.54 -6.93 -6.28
C GLY A 279 -40.15 -6.38 -6.07
N ALA A 280 -40.05 -5.08 -5.80
CA ALA A 280 -38.79 -4.48 -5.40
C ALA A 280 -38.71 -4.24 -3.91
N LYS A 281 -39.75 -4.56 -3.15
CA LYS A 281 -39.81 -4.30 -1.73
C LYS A 281 -39.53 -5.58 -0.96
N GLY A 282 -38.61 -5.51 -0.02
CA GLY A 282 -38.26 -6.70 0.73
C GLY A 282 -39.08 -6.85 1.99
N ARG A 283 -40.15 -7.63 1.93
CA ARG A 283 -41.00 -7.85 3.09
C ARG A 283 -40.27 -8.73 4.09
N LEU A 284 -40.09 -8.22 5.30
CA LEU A 284 -39.45 -8.96 6.35
C LEU A 284 -40.49 -9.64 7.23
N SER A 285 -40.06 -10.68 7.92
CA SER A 285 -40.89 -11.31 8.95
C SER A 285 -40.23 -11.24 10.32
N SER A 286 -39.27 -10.33 10.50
CA SER A 286 -38.57 -10.23 11.77
C SER A 286 -38.01 -8.83 11.91
N GLY A 287 -37.68 -8.48 13.15
CA GLY A 287 -37.26 -7.15 13.52
C GLY A 287 -37.93 -6.77 14.82
N HIS A 288 -37.97 -5.46 15.07
CA HIS A 288 -38.82 -4.87 16.10
C HIS A 288 -38.89 -3.37 15.87
N LEU A 289 -40.01 -2.77 16.25
CA LEU A 289 -40.10 -1.33 16.40
C LEU A 289 -39.78 -0.90 17.82
N LYS A 290 -40.08 0.36 18.09
CA LYS A 290 -39.89 0.94 19.41
C LYS A 290 -40.90 2.07 19.49
N CYS A 291 -42.03 1.80 20.12
CA CYS A 291 -43.22 2.62 19.96
C CYS A 291 -43.61 3.24 21.28
N ARG A 292 -43.86 4.54 21.28
CA ARG A 292 -44.50 5.18 22.41
C ARG A 292 -45.98 5.35 22.12
N LEU A 293 -46.80 4.97 23.09
CA LEU A 293 -48.24 4.84 22.90
C LEU A 293 -48.93 5.97 23.62
N LYS A 294 -49.19 7.07 22.92
CA LYS A 294 -49.90 8.18 23.52
C LYS A 294 -51.39 7.84 23.58
N MET A 295 -51.87 7.51 24.78
CA MET A 295 -53.26 7.17 25.01
C MET A 295 -54.00 8.24 25.79
N ASP A 296 -53.76 9.50 25.47
CA ASP A 296 -54.55 10.55 26.09
C ASP A 296 -55.89 10.72 25.41
N LYS A 297 -55.96 10.46 24.10
CA LYS A 297 -57.17 10.71 23.33
C LYS A 297 -57.98 9.45 23.07
N LEU A 298 -57.42 8.27 23.32
CA LEU A 298 -58.14 7.02 23.18
C LEU A 298 -59.08 6.84 24.38
N ARG A 299 -60.38 6.86 24.12
CA ARG A 299 -61.40 6.84 25.15
C ARG A 299 -62.23 5.56 25.03
N LEU A 300 -63.03 5.31 26.06
CA LEU A 300 -63.75 4.05 26.19
C LEU A 300 -65.14 4.18 25.61
N LYS A 301 -65.42 3.39 24.58
CA LYS A 301 -66.71 3.45 23.89
C LYS A 301 -67.73 2.59 24.60
N GLY A 302 -68.85 3.19 24.97
CA GLY A 302 -69.94 2.43 25.51
C GLY A 302 -70.06 2.43 27.02
N VAL A 303 -69.54 3.46 27.68
CA VAL A 303 -69.78 3.58 29.12
C VAL A 303 -71.20 4.08 29.36
N SER A 304 -71.76 4.80 28.40
CA SER A 304 -73.12 5.29 28.47
C SER A 304 -74.17 4.21 28.25
N TYR A 305 -73.77 3.02 27.79
CA TYR A 305 -74.73 2.01 27.39
C TYR A 305 -75.35 1.32 28.60
N SER A 306 -76.63 1.01 28.51
CA SER A 306 -77.31 0.28 29.57
C SER A 306 -76.86 -1.17 29.57
N LEU A 307 -77.10 -1.85 30.67
CA LEU A 307 -76.69 -3.24 30.79
C LEU A 307 -77.52 -4.15 29.89
N CYS A 308 -76.97 -5.32 29.63
CA CYS A 308 -77.70 -6.36 28.94
C CYS A 308 -78.76 -6.94 29.84
N THR A 309 -80.01 -6.97 29.35
CA THR A 309 -81.11 -7.41 30.20
C THR A 309 -81.17 -8.91 30.37
N ALA A 310 -81.08 -9.69 29.30
CA ALA A 310 -81.50 -11.09 29.38
C ALA A 310 -80.77 -11.98 28.39
N ALA A 311 -80.62 -13.25 28.79
CA ALA A 311 -80.43 -14.40 27.90
C ALA A 311 -79.15 -14.32 27.07
N PHE A 312 -78.03 -14.44 27.77
CA PHE A 312 -76.79 -14.80 27.08
C PHE A 312 -76.77 -16.29 26.74
N THR A 313 -75.70 -16.70 26.05
CA THR A 313 -75.49 -18.10 25.70
C THR A 313 -74.02 -18.30 25.41
N PHE A 314 -73.39 -19.27 26.07
CA PHE A 314 -72.02 -19.63 25.74
C PHE A 314 -71.97 -20.40 24.43
N THR A 315 -71.33 -19.82 23.43
CA THR A 315 -70.83 -20.55 22.28
C THR A 315 -69.31 -20.53 22.36
N LYS A 316 -68.67 -21.64 21.99
CA LYS A 316 -67.24 -21.87 22.16
C LYS A 316 -66.83 -21.73 23.63
N ILE A 317 -67.17 -22.75 24.42
CA ILE A 317 -66.81 -22.98 25.83
C ILE A 317 -65.40 -22.49 26.15
N PRO A 318 -65.22 -21.68 27.19
CA PRO A 318 -63.99 -20.89 27.35
C PRO A 318 -62.72 -21.70 27.51
N ALA A 319 -61.61 -21.08 27.12
CA ALA A 319 -60.31 -21.74 27.08
C ALA A 319 -59.26 -20.80 27.62
N GLU A 320 -58.16 -21.37 28.11
CA GLU A 320 -57.06 -20.63 28.71
C GLU A 320 -56.04 -20.33 27.62
N THR A 321 -55.71 -19.06 27.44
CA THR A 321 -54.87 -18.64 26.32
C THR A 321 -53.41 -18.46 26.75
N LEU A 322 -52.81 -19.58 27.16
CA LEU A 322 -51.37 -19.79 27.34
C LEU A 322 -50.71 -18.91 28.39
N HIS A 323 -51.46 -18.02 29.06
CA HIS A 323 -50.91 -17.07 30.01
C HIS A 323 -51.72 -17.01 31.28
N GLY A 324 -52.92 -17.58 31.30
CA GLY A 324 -53.86 -17.41 32.38
C GLY A 324 -55.13 -16.69 31.99
N THR A 325 -55.18 -16.08 30.81
CA THR A 325 -56.37 -15.35 30.42
C THR A 325 -57.35 -16.26 29.71
N VAL A 326 -58.62 -15.90 29.78
CA VAL A 326 -59.73 -16.79 29.44
C VAL A 326 -60.55 -16.15 28.33
N THR A 327 -60.43 -16.67 27.13
CA THR A 327 -61.26 -16.21 26.03
C THR A 327 -62.66 -16.78 26.21
N VAL A 328 -63.61 -15.90 26.43
CA VAL A 328 -65.01 -16.26 26.59
C VAL A 328 -65.80 -15.65 25.45
N GLU A 329 -66.48 -16.49 24.69
CA GLU A 329 -67.37 -15.99 23.66
C GLU A 329 -68.81 -16.24 24.10
N VAL A 330 -69.64 -15.22 23.97
CA VAL A 330 -71.04 -15.30 24.39
C VAL A 330 -71.92 -15.02 23.18
N GLN A 331 -73.16 -15.44 23.29
CA GLN A 331 -74.17 -15.21 22.27
C GLN A 331 -75.36 -14.56 22.95
N TYR A 332 -75.44 -13.23 22.85
CA TYR A 332 -76.54 -12.51 23.45
C TYR A 332 -77.82 -12.76 22.66
N ALA A 333 -78.89 -13.14 23.34
CA ALA A 333 -80.17 -13.42 22.69
C ALA A 333 -81.16 -12.36 23.12
N GLY A 334 -81.18 -11.25 22.42
CA GLY A 334 -82.05 -10.14 22.74
C GLY A 334 -81.77 -8.96 21.83
N THR A 335 -82.76 -8.09 21.72
CA THR A 335 -82.72 -6.96 20.81
C THR A 335 -82.64 -5.64 21.57
N ASP A 336 -81.84 -5.60 22.63
CA ASP A 336 -81.70 -4.36 23.41
C ASP A 336 -80.85 -3.33 22.68
N GLY A 337 -80.07 -3.75 21.69
CA GLY A 337 -79.31 -2.83 20.89
C GLY A 337 -77.90 -2.67 21.39
N PRO A 338 -77.35 -1.47 21.28
CA PRO A 338 -76.00 -1.24 21.79
C PRO A 338 -75.98 -1.19 23.31
N CYS A 339 -75.90 -2.36 23.93
CA CYS A 339 -75.93 -2.51 25.38
C CYS A 339 -74.57 -3.00 25.87
N LYS A 340 -74.48 -3.24 27.17
CA LYS A 340 -73.20 -3.42 27.84
C LYS A 340 -73.21 -4.74 28.61
N VAL A 341 -72.22 -5.58 28.34
CA VAL A 341 -72.16 -6.93 28.92
C VAL A 341 -71.80 -6.88 30.39
N PRO A 342 -72.64 -7.43 31.27
CA PRO A 342 -72.34 -7.44 32.72
C PRO A 342 -71.54 -8.66 33.17
N ALA A 343 -70.27 -8.68 32.79
CA ALA A 343 -69.44 -9.86 33.00
C ALA A 343 -68.36 -9.58 34.03
N GLN A 344 -67.98 -10.63 34.75
CA GLN A 344 -67.04 -10.52 35.86
C GLN A 344 -66.53 -11.90 36.21
N MET A 345 -65.65 -11.95 37.21
CA MET A 345 -65.24 -13.19 37.85
C MET A 345 -65.87 -13.22 39.24
N ALA A 346 -65.97 -14.40 39.82
CA ALA A 346 -66.55 -14.55 41.15
C ALA A 346 -66.05 -15.84 41.79
N VAL A 347 -65.58 -15.72 43.03
CA VAL A 347 -65.25 -16.91 43.82
C VAL A 347 -66.53 -17.57 44.31
N ASP A 348 -67.42 -16.79 44.90
CA ASP A 348 -68.66 -17.28 45.47
C ASP A 348 -69.87 -16.83 44.66
N MET A 349 -71.06 -17.13 45.20
CA MET A 349 -72.31 -16.70 44.60
C MET A 349 -73.20 -15.95 45.57
N GLN A 350 -72.84 -15.93 46.85
CA GLN A 350 -73.59 -15.17 47.82
C GLN A 350 -73.13 -13.72 47.91
N THR A 351 -72.08 -13.37 47.20
CA THR A 351 -71.65 -11.98 47.22
C THR A 351 -71.47 -11.39 45.83
N LEU A 352 -70.96 -12.19 44.88
CA LEU A 352 -70.58 -11.75 43.52
C LEU A 352 -69.63 -10.56 43.55
N THR A 353 -68.60 -10.68 44.36
CA THR A 353 -67.50 -9.74 44.28
C THR A 353 -66.69 -10.03 43.01
N PRO A 354 -66.36 -9.02 42.23
CA PRO A 354 -65.38 -9.23 41.16
C PRO A 354 -64.00 -9.44 41.73
N VAL A 355 -63.47 -10.66 41.59
CA VAL A 355 -62.28 -11.05 42.31
C VAL A 355 -61.05 -10.91 41.42
N GLY A 356 -61.21 -11.15 40.13
CA GLY A 356 -60.13 -11.01 39.17
C GLY A 356 -60.47 -9.91 38.19
N ARG A 357 -59.45 -9.36 37.55
CA ARG A 357 -59.71 -8.26 36.65
C ARG A 357 -60.13 -8.77 35.28
N LEU A 358 -60.38 -7.83 34.39
CA LEU A 358 -60.97 -8.09 33.09
C LEU A 358 -60.04 -7.51 32.02
N ILE A 359 -59.67 -8.32 31.04
CA ILE A 359 -58.76 -7.84 30.01
C ILE A 359 -59.49 -6.92 29.05
N THR A 360 -60.59 -7.38 28.47
CA THR A 360 -61.41 -6.54 27.59
C THR A 360 -62.16 -5.54 28.44
N ALA A 361 -61.65 -4.32 28.54
CA ALA A 361 -62.35 -3.28 29.27
C ALA A 361 -63.60 -2.87 28.50
N ASN A 362 -64.72 -2.79 29.24
CA ASN A 362 -66.07 -2.51 28.77
C ASN A 362 -66.49 -3.45 27.64
N PRO A 363 -66.83 -4.71 27.93
CA PRO A 363 -67.39 -5.56 26.88
C PRO A 363 -68.80 -5.10 26.52
N VAL A 364 -69.05 -4.98 25.22
CA VAL A 364 -70.22 -4.29 24.70
C VAL A 364 -70.85 -5.14 23.60
N ILE A 365 -72.15 -5.41 23.73
CA ILE A 365 -72.94 -5.85 22.59
C ILE A 365 -73.28 -4.63 21.74
N THR A 366 -72.96 -4.68 20.46
CA THR A 366 -73.25 -3.56 19.57
C THR A 366 -74.39 -3.85 18.59
N GLU A 367 -74.45 -5.05 18.04
CA GLU A 367 -75.48 -5.40 17.07
C GLU A 367 -76.86 -5.43 17.74
N SER A 368 -77.81 -4.73 17.16
CA SER A 368 -79.17 -4.67 17.66
C SER A 368 -80.02 -5.85 17.20
N THR A 369 -79.42 -6.80 16.48
CA THR A 369 -80.16 -7.98 16.04
C THR A 369 -80.30 -8.97 17.19
N GLU A 370 -80.91 -10.12 16.91
CA GLU A 370 -81.33 -11.01 17.98
C GLU A 370 -80.16 -11.75 18.59
N ASN A 371 -79.46 -12.56 17.80
CA ASN A 371 -78.34 -13.36 18.29
C ASN A 371 -77.04 -12.69 17.82
N SER A 372 -76.26 -12.19 18.77
CA SER A 372 -75.02 -11.47 18.47
C SER A 372 -73.88 -12.19 19.16
N LYS A 373 -73.04 -12.86 18.39
CA LYS A 373 -71.84 -13.47 18.94
C LYS A 373 -70.87 -12.39 19.36
N MET A 374 -70.29 -12.56 20.55
CA MET A 374 -69.45 -11.53 21.13
C MET A 374 -68.45 -12.21 22.04
N MET A 375 -67.24 -11.65 22.09
CA MET A 375 -66.09 -12.31 22.68
C MET A 375 -65.47 -11.44 23.76
N LEU A 376 -65.07 -12.07 24.85
CA LEU A 376 -64.39 -11.38 25.94
C LEU A 376 -62.99 -11.94 26.13
N GLU A 377 -62.37 -11.50 27.21
CA GLU A 377 -61.12 -12.05 27.72
C GLU A 377 -61.01 -11.60 29.16
N LEU A 378 -60.73 -12.52 30.06
CA LEU A 378 -60.77 -12.23 31.47
C LEU A 378 -59.44 -12.61 32.09
N ASP A 379 -59.12 -12.05 33.24
CA ASP A 379 -57.90 -12.39 33.97
C ASP A 379 -58.28 -12.90 35.35
N PRO A 380 -58.50 -14.20 35.50
CA PRO A 380 -59.01 -14.73 36.77
C PRO A 380 -57.93 -14.78 37.84
N PRO A 381 -58.32 -14.91 39.10
CA PRO A 381 -57.33 -15.22 40.13
C PRO A 381 -56.96 -16.68 40.09
N PHE A 382 -55.92 -17.03 40.83
CA PHE A 382 -55.41 -18.39 40.84
C PHE A 382 -56.30 -19.27 41.71
N GLY A 383 -57.03 -20.18 41.08
CA GLY A 383 -57.88 -21.07 41.83
C GLY A 383 -59.24 -21.29 41.19
N ASP A 384 -60.16 -21.88 41.94
CA ASP A 384 -61.52 -22.12 41.48
C ASP A 384 -62.27 -20.79 41.45
N SER A 385 -62.82 -20.46 40.30
CA SER A 385 -63.51 -19.18 40.14
C SER A 385 -64.53 -19.31 39.01
N TYR A 386 -65.54 -18.46 39.06
CA TYR A 386 -66.69 -18.57 38.20
C TYR A 386 -66.78 -17.36 37.27
N ILE A 387 -67.12 -17.59 36.02
CA ILE A 387 -67.25 -16.53 35.03
C ILE A 387 -68.72 -16.16 34.99
N VAL A 388 -69.14 -15.22 35.82
CA VAL A 388 -70.53 -14.80 35.90
C VAL A 388 -70.78 -13.81 34.77
N ILE A 389 -71.59 -14.20 33.81
CA ILE A 389 -71.95 -13.33 32.68
C ILE A 389 -73.46 -13.23 32.62
N GLY A 390 -73.96 -12.00 32.63
CA GLY A 390 -75.38 -11.76 32.70
C GLY A 390 -75.79 -11.25 34.07
N VAL A 391 -76.99 -10.70 34.12
CA VAL A 391 -77.55 -10.17 35.34
C VAL A 391 -78.93 -10.78 35.54
N GLY A 392 -79.26 -11.11 36.78
CA GLY A 392 -80.55 -11.69 37.09
C GLY A 392 -80.49 -13.18 37.32
N GLU A 393 -81.59 -13.88 37.04
CA GLU A 393 -81.62 -15.32 37.19
C GLU A 393 -81.16 -16.06 35.95
N LYS A 394 -81.12 -15.40 34.80
CA LYS A 394 -80.64 -16.02 33.57
C LYS A 394 -79.18 -15.69 33.30
N LYS A 395 -78.42 -15.36 34.33
CA LYS A 395 -76.99 -15.20 34.17
C LYS A 395 -76.34 -16.55 34.02
N ILE A 396 -75.17 -16.56 33.40
CA ILE A 396 -74.49 -17.79 33.02
C ILE A 396 -73.15 -17.82 33.72
N THR A 397 -72.91 -18.87 34.49
CA THR A 397 -71.63 -19.07 35.13
C THR A 397 -70.86 -20.19 34.43
N HIS A 398 -69.56 -20.22 34.68
CA HIS A 398 -68.71 -21.28 34.15
C HIS A 398 -67.64 -21.51 35.20
N HIS A 399 -67.47 -22.74 35.64
CA HIS A 399 -66.39 -23.03 36.55
C HIS A 399 -65.07 -22.88 35.82
N TRP A 400 -64.15 -22.16 36.42
CA TRP A 400 -62.84 -21.97 35.83
C TRP A 400 -61.77 -22.22 36.88
N HIS A 401 -60.82 -23.09 36.55
CA HIS A 401 -59.65 -23.31 37.38
C HIS A 401 -58.42 -22.79 36.65
N ARG A 402 -57.90 -21.67 37.11
CA ARG A 402 -56.64 -21.13 36.61
C ARG A 402 -55.52 -21.77 37.41
N SER A 403 -54.88 -22.78 36.82
CA SER A 403 -53.80 -23.50 37.48
C SER A 403 -52.55 -22.64 37.48
N GLY A 404 -52.08 -22.28 38.67
CA GLY A 404 -50.88 -21.49 38.78
C GLY A 404 -50.76 -20.90 40.18
N SER A 405 -49.80 -19.99 40.30
CA SER A 405 -49.57 -19.28 41.56
C SER A 405 -48.94 -17.93 41.24
N THR A 406 -48.85 -17.08 42.25
CA THR A 406 -48.28 -15.75 42.04
C THR A 406 -46.78 -15.82 41.85
N ILE A 407 -46.09 -16.64 42.65
CA ILE A 407 -44.66 -16.83 42.47
C ILE A 407 -44.38 -17.65 41.21
N GLY A 408 -45.34 -18.43 40.74
CA GLY A 408 -45.20 -19.06 39.43
C GLY A 408 -45.52 -18.13 38.30
N LYS A 409 -46.16 -17.00 38.60
CA LYS A 409 -46.37 -15.98 37.59
C LYS A 409 -45.23 -14.97 37.57
N ALA A 410 -44.61 -14.74 38.74
CA ALA A 410 -43.45 -13.86 38.78
C ALA A 410 -42.23 -14.52 38.18
N PHE A 411 -42.03 -15.82 38.42
CA PHE A 411 -40.95 -16.55 37.75
C PHE A 411 -41.21 -16.70 36.27
N GLU A 412 -42.48 -16.81 35.87
CA GLU A 412 -42.82 -16.82 34.46
C GLU A 412 -42.53 -15.47 33.81
N ALA A 413 -42.62 -14.38 34.59
CA ALA A 413 -42.35 -13.06 34.07
C ALA A 413 -40.87 -12.72 34.07
N THR A 414 -40.07 -13.30 34.97
CA THR A 414 -38.63 -13.11 34.91
C THR A 414 -38.03 -13.83 33.71
N VAL A 415 -38.49 -15.04 33.44
CA VAL A 415 -38.09 -15.76 32.24
C VAL A 415 -38.60 -15.04 30.99
N ARG A 416 -39.78 -14.46 31.07
CA ARG A 416 -40.31 -13.66 29.97
C ARG A 416 -39.52 -12.38 29.79
N GLY A 417 -39.07 -11.77 30.89
CA GLY A 417 -38.27 -10.58 30.81
C GLY A 417 -36.83 -10.83 30.44
N ALA A 418 -36.35 -12.07 30.61
CA ALA A 418 -34.97 -12.39 30.25
C ALA A 418 -34.85 -12.73 28.78
N LYS A 419 -35.83 -13.43 28.21
CA LYS A 419 -35.81 -13.67 26.77
C LYS A 419 -36.04 -12.39 25.99
N ARG A 420 -36.77 -11.43 26.56
CA ARG A 420 -36.88 -10.12 25.93
C ARG A 420 -35.58 -9.35 26.03
N MET A 421 -34.84 -9.57 27.12
CA MET A 421 -33.60 -8.84 27.34
C MET A 421 -32.43 -9.46 26.57
N ALA A 422 -32.48 -10.76 26.31
CA ALA A 422 -31.43 -11.41 25.53
C ALA A 422 -31.63 -11.20 24.03
N VAL A 423 -32.81 -10.76 23.62
CA VAL A 423 -33.05 -10.47 22.21
C VAL A 423 -32.85 -8.99 21.92
N LEU A 424 -33.43 -8.13 22.74
CA LEU A 424 -33.38 -6.71 22.46
C LEU A 424 -32.12 -6.06 23.03
N GLY A 425 -31.63 -6.57 24.14
CA GLY A 425 -30.46 -5.98 24.77
C GLY A 425 -30.83 -4.71 25.54
N ASP A 426 -30.41 -3.56 25.02
CA ASP A 426 -30.65 -2.30 25.71
C ASP A 426 -32.09 -1.87 25.57
N THR A 427 -32.75 -2.26 24.48
CA THR A 427 -34.08 -1.74 24.19
C THR A 427 -35.13 -2.36 25.09
N ALA A 428 -34.86 -3.55 25.63
CA ALA A 428 -35.81 -4.23 26.49
C ALA A 428 -35.98 -3.59 27.86
N TRP A 429 -35.13 -2.64 28.23
CA TRP A 429 -35.38 -1.81 29.40
C TRP A 429 -36.44 -0.76 29.15
N ASP A 430 -36.86 -0.57 27.91
CA ASP A 430 -37.89 0.37 27.59
C ASP A 430 -39.11 -0.33 27.02
N PHE A 431 -39.51 -1.46 27.62
CA PHE A 431 -40.71 -2.13 27.11
C PHE A 431 -41.96 -1.71 27.84
N GLY A 432 -41.89 -1.50 29.14
CA GLY A 432 -43.05 -1.01 29.86
C GLY A 432 -42.68 0.25 30.58
N SER A 433 -41.61 0.89 30.13
CA SER A 433 -41.06 2.01 30.86
C SER A 433 -41.93 3.24 30.69
N VAL A 434 -42.30 3.86 31.80
CA VAL A 434 -42.96 5.15 31.79
C VAL A 434 -41.95 6.28 31.87
N GLY A 435 -40.66 5.96 31.98
CA GLY A 435 -39.63 6.97 32.07
C GLY A 435 -39.33 7.27 33.52
N GLY A 436 -38.21 6.78 34.03
CA GLY A 436 -37.86 7.02 35.42
C GLY A 436 -36.37 7.18 35.58
N ALA A 437 -35.95 7.29 36.84
CA ALA A 437 -34.55 7.23 37.19
C ALA A 437 -34.10 5.81 37.52
N LEU A 438 -34.89 4.82 37.16
CA LEU A 438 -34.52 3.42 37.25
C LEU A 438 -34.70 2.66 35.95
N ASN A 439 -35.74 2.98 35.17
CA ASN A 439 -35.88 2.43 33.84
C ASN A 439 -35.04 3.17 32.81
N SER A 440 -34.33 4.22 33.21
CA SER A 440 -33.38 4.88 32.34
C SER A 440 -31.99 4.96 32.95
N LEU A 441 -31.83 4.60 34.22
CA LEU A 441 -30.52 4.39 34.79
C LEU A 441 -30.03 2.97 34.55
N GLY A 442 -30.88 1.99 34.80
CA GLY A 442 -30.55 0.61 34.52
C GLY A 442 -30.37 0.32 33.04
N LYS A 443 -30.95 1.14 32.17
CA LYS A 443 -30.68 0.99 30.74
C LYS A 443 -29.30 1.53 30.41
N GLY A 444 -28.92 2.66 31.00
CA GLY A 444 -27.62 3.24 30.73
C GLY A 444 -26.47 2.44 31.30
N ILE A 445 -26.72 1.67 32.35
CA ILE A 445 -25.70 0.76 32.85
C ILE A 445 -25.71 -0.55 32.06
N HIS A 446 -26.80 -0.81 31.33
CA HIS A 446 -26.86 -1.97 30.44
C HIS A 446 -26.42 -1.62 29.03
N GLN A 447 -26.50 -0.34 28.64
CA GLN A 447 -26.00 0.08 27.34
C GLN A 447 -24.47 0.17 27.35
N ILE A 448 -23.88 0.32 28.53
CA ILE A 448 -22.43 0.22 28.68
C ILE A 448 -21.99 -1.24 28.63
N PHE A 449 -22.68 -2.10 29.38
CA PHE A 449 -22.40 -3.53 29.33
C PHE A 449 -22.76 -4.13 27.99
N GLY A 450 -23.78 -3.58 27.32
CA GLY A 450 -24.14 -4.11 26.01
C GLY A 450 -23.15 -3.74 24.93
N ALA A 451 -22.40 -2.65 25.13
CA ALA A 451 -21.40 -2.27 24.15
C ALA A 451 -20.06 -2.93 24.44
N ALA A 452 -19.78 -3.25 25.69
CA ALA A 452 -18.60 -4.01 26.07
C ALA A 452 -18.84 -5.50 26.07
N PHE A 453 -19.88 -5.95 25.40
CA PHE A 453 -20.15 -7.35 25.10
C PHE A 453 -20.26 -7.59 23.60
N LYS A 454 -20.87 -6.65 22.89
CA LYS A 454 -20.95 -6.71 21.44
C LYS A 454 -19.60 -6.52 20.78
N SER A 455 -18.66 -5.86 21.45
CA SER A 455 -17.31 -5.75 20.92
C SER A 455 -16.38 -6.78 21.53
N LEU A 456 -16.56 -7.11 22.81
CA LEU A 456 -15.61 -7.99 23.49
C LEU A 456 -15.78 -9.44 23.04
N PHE A 457 -16.92 -10.05 23.36
CA PHE A 457 -17.17 -11.40 22.87
C PHE A 457 -17.74 -11.31 21.46
N GLY A 458 -18.99 -10.87 21.35
CA GLY A 458 -19.55 -10.25 20.16
C GLY A 458 -19.52 -10.95 18.81
N GLY A 459 -18.89 -12.12 18.73
CA GLY A 459 -18.79 -12.83 17.48
C GLY A 459 -18.80 -14.32 17.74
N MET A 460 -19.05 -14.69 18.98
CA MET A 460 -19.11 -16.09 19.35
C MET A 460 -20.43 -16.67 18.86
N SER A 461 -20.37 -17.90 18.34
CA SER A 461 -21.55 -18.57 17.84
C SER A 461 -22.32 -19.20 19.01
N TRP A 462 -23.28 -20.08 18.70
CA TRP A 462 -24.01 -20.75 19.77
C TRP A 462 -23.11 -21.68 20.55
N PHE A 463 -22.41 -22.57 19.86
CA PHE A 463 -21.55 -23.53 20.54
C PHE A 463 -20.35 -22.84 21.17
N SER A 464 -19.82 -21.80 20.54
CA SER A 464 -18.61 -21.18 21.05
C SER A 464 -18.90 -20.23 22.21
N GLN A 465 -20.16 -19.85 22.43
CA GLN A 465 -20.49 -19.17 23.68
C GLN A 465 -20.47 -20.14 24.85
N ILE A 466 -21.14 -21.28 24.72
CA ILE A 466 -21.15 -22.29 25.76
C ILE A 466 -19.76 -22.87 25.98
N LEU A 467 -18.91 -22.83 24.96
CA LEU A 467 -17.58 -23.38 25.07
C LEU A 467 -16.66 -22.48 25.89
N ILE A 468 -16.91 -21.16 25.89
CA ILE A 468 -16.13 -20.25 26.73
C ILE A 468 -16.96 -19.87 27.95
N GLY A 469 -18.26 -20.11 27.90
CA GLY A 469 -19.10 -19.90 29.05
C GLY A 469 -18.79 -20.94 30.10
N THR A 470 -18.52 -22.17 29.66
CA THR A 470 -18.08 -23.21 30.58
C THR A 470 -16.69 -22.92 31.12
N LEU A 471 -15.84 -22.30 30.30
CA LEU A 471 -14.51 -21.93 30.76
C LEU A 471 -14.57 -20.83 31.80
N LEU A 472 -15.40 -19.82 31.60
CA LEU A 472 -15.59 -18.79 32.62
C LEU A 472 -16.43 -19.28 33.80
N MET A 473 -17.17 -20.37 33.63
CA MET A 473 -17.77 -21.03 34.78
C MET A 473 -16.69 -21.61 35.68
N TRP A 474 -15.74 -22.34 35.09
CA TRP A 474 -14.65 -22.91 35.87
C TRP A 474 -13.74 -21.83 36.44
N LEU A 475 -13.57 -20.72 35.71
CA LEU A 475 -12.80 -19.61 36.26
C LEU A 475 -13.61 -18.82 37.29
N GLY A 476 -14.90 -19.14 37.47
CA GLY A 476 -15.64 -18.55 38.56
C GLY A 476 -15.68 -19.42 39.80
N LEU A 477 -15.46 -20.71 39.63
CA LEU A 477 -15.36 -21.63 40.76
C LEU A 477 -13.95 -21.76 41.29
N ASN A 478 -12.96 -21.17 40.60
CA ASN A 478 -11.58 -21.21 41.03
C ASN A 478 -10.95 -19.85 40.76
N THR A 479 -9.68 -19.70 41.15
CA THR A 479 -8.91 -18.45 41.10
C THR A 479 -9.64 -17.35 41.87
N LYS A 480 -9.69 -17.56 43.19
CA LYS A 480 -10.37 -16.65 44.11
C LYS A 480 -9.72 -15.28 44.13
N ASN A 481 -10.48 -14.26 43.75
CA ASN A 481 -10.00 -12.88 43.72
C ASN A 481 -11.24 -11.98 43.69
N GLY A 482 -11.01 -10.67 43.63
CA GLY A 482 -12.08 -9.73 43.37
C GLY A 482 -12.68 -9.84 41.99
N SER A 483 -11.89 -10.33 41.03
CA SER A 483 -12.39 -10.66 39.69
C SER A 483 -12.95 -12.08 39.65
N ILE A 484 -13.83 -12.39 40.59
CA ILE A 484 -14.61 -13.61 40.56
C ILE A 484 -16.07 -13.32 40.22
N SER A 485 -16.51 -12.08 40.38
CA SER A 485 -17.79 -11.65 39.82
C SER A 485 -17.67 -11.30 38.35
N LEU A 486 -16.49 -10.87 37.91
CA LEU A 486 -16.26 -10.63 36.49
C LEU A 486 -16.05 -11.91 35.71
N MET A 487 -15.97 -13.05 36.37
CA MET A 487 -15.98 -14.35 35.70
C MET A 487 -17.32 -15.04 35.79
N CYS A 488 -18.22 -14.58 36.66
CA CYS A 488 -19.55 -15.15 36.78
C CYS A 488 -20.66 -14.24 36.29
N LEU A 489 -20.40 -12.94 36.13
CA LEU A 489 -21.34 -12.12 35.38
C LEU A 489 -21.13 -12.28 33.89
N ALA A 490 -19.93 -12.69 33.48
CA ALA A 490 -19.66 -13.16 32.12
C ALA A 490 -19.92 -14.66 31.99
N LEU A 491 -20.74 -15.22 32.87
CA LEU A 491 -21.20 -16.60 32.81
C LEU A 491 -22.67 -16.67 32.43
N GLY A 492 -23.55 -16.02 33.20
CA GLY A 492 -24.93 -15.89 32.80
C GLY A 492 -25.12 -14.99 31.60
N GLY A 493 -24.22 -14.04 31.40
CA GLY A 493 -24.31 -13.23 30.19
C GLY A 493 -23.84 -13.94 28.94
N VAL A 494 -23.38 -15.19 29.03
CA VAL A 494 -22.88 -15.95 27.89
C VAL A 494 -23.64 -17.26 27.72
N LEU A 495 -23.80 -18.04 28.80
CA LEU A 495 -24.54 -19.30 28.70
C LEU A 495 -26.03 -19.05 28.51
N ILE A 496 -26.58 -18.08 29.27
CA ILE A 496 -27.98 -17.64 29.04
C ILE A 496 -28.13 -17.04 27.64
N PHE A 497 -27.39 -16.02 27.28
CA PHE A 497 -27.65 -15.30 26.01
C PHE A 497 -27.82 -16.44 25.02
N LEU A 498 -27.28 -17.61 25.26
CA LEU A 498 -27.32 -18.70 24.28
C LEU A 498 -28.31 -19.80 24.63
N SER A 499 -28.83 -19.92 25.83
CA SER A 499 -29.81 -21.03 25.98
C SER A 499 -31.20 -20.44 25.90
N THR A 500 -31.33 -19.15 26.00
CA THR A 500 -32.65 -18.55 25.82
C THR A 500 -32.77 -18.32 24.31
N ALA A 501 -32.88 -19.37 23.53
CA ALA A 501 -33.00 -19.23 22.09
C ALA A 501 -33.70 -20.44 21.49
CA ALA B 1 -14.38 -20.77 -2.34
C ALA B 1 -14.25 -21.71 -1.16
N VAL B 2 -13.04 -21.85 -0.64
CA VAL B 2 -12.75 -22.78 0.43
C VAL B 2 -13.20 -22.23 1.78
N THR B 3 -12.75 -21.02 2.14
CA THR B 3 -13.09 -20.43 3.42
C THR B 3 -14.28 -19.49 3.27
N LEU B 4 -15.45 -20.09 3.08
CA LEU B 4 -16.69 -19.33 3.24
C LEU B 4 -16.85 -18.93 4.70
N PRO B 5 -17.11 -17.66 4.99
CA PRO B 5 -17.26 -17.27 6.39
C PRO B 5 -18.59 -17.75 6.93
N SER B 6 -18.59 -18.10 8.21
CA SER B 6 -19.81 -18.52 8.87
C SER B 6 -20.60 -17.30 9.30
N HIS B 7 -21.88 -17.27 8.96
CA HIS B 7 -22.73 -16.16 9.38
C HIS B 7 -23.16 -16.31 10.82
N SER B 8 -22.88 -17.45 11.46
CA SER B 8 -23.28 -17.65 12.84
C SER B 8 -22.44 -16.83 13.82
N THR B 9 -21.33 -16.26 13.37
CA THR B 9 -20.62 -15.28 14.18
C THR B 9 -21.39 -13.98 14.26
N ARG B 10 -22.15 -13.65 13.22
CA ARG B 10 -22.95 -12.43 13.20
C ARG B 10 -24.43 -12.78 13.02
N LYS B 11 -24.93 -13.75 13.79
CA LYS B 11 -26.34 -14.10 13.68
C LYS B 11 -27.21 -12.97 14.21
N LEU B 12 -28.22 -12.72 13.43
CA LEU B 12 -29.13 -11.60 13.74
C LEU B 12 -29.92 -12.06 14.91
N GLN B 13 -30.02 -11.33 15.98
CA GLN B 13 -30.85 -11.91 17.04
C GLN B 13 -32.15 -11.20 17.00
N THR B 14 -33.05 -11.87 16.36
CA THR B 14 -34.38 -11.37 16.05
C THR B 14 -35.28 -12.48 16.46
N ARG B 15 -36.19 -12.17 17.30
CA ARG B 15 -37.22 -13.01 17.89
C ARG B 15 -37.46 -14.30 17.10
N SER B 16 -37.45 -14.23 15.77
CA SER B 16 -37.78 -15.40 14.96
C SER B 16 -36.59 -16.33 14.79
N GLN B 17 -36.84 -17.47 14.18
CA GLN B 17 -35.82 -18.49 13.92
C GLN B 17 -35.01 -18.03 12.71
N THR B 18 -33.71 -18.29 12.74
CA THR B 18 -32.79 -17.88 11.67
C THR B 18 -32.90 -18.86 10.52
N TRP B 19 -31.94 -18.82 9.59
CA TRP B 19 -32.01 -19.71 8.41
C TRP B 19 -31.73 -21.13 8.87
N LEU B 20 -30.56 -21.44 9.41
CA LEU B 20 -30.37 -22.69 10.11
C LEU B 20 -30.28 -22.35 11.58
N GLU B 21 -31.22 -22.87 12.38
CA GLU B 21 -31.07 -22.89 13.82
C GLU B 21 -31.19 -24.32 14.34
N SER B 22 -32.05 -25.11 13.70
CA SER B 22 -32.23 -26.51 14.07
C SER B 22 -30.99 -27.34 13.85
N ARG B 23 -30.18 -27.00 12.85
CA ARG B 23 -28.95 -27.72 12.58
C ARG B 23 -27.73 -27.14 13.26
N GLU B 24 -27.88 -26.06 14.03
CA GLU B 24 -26.70 -25.43 14.62
C GLU B 24 -26.41 -25.90 16.03
N TYR B 25 -27.34 -26.60 16.66
CA TYR B 25 -27.05 -27.11 17.99
C TYR B 25 -26.14 -28.32 17.93
N THR B 26 -26.25 -29.11 16.87
CA THR B 26 -25.38 -30.24 16.61
C THR B 26 -24.64 -30.05 15.29
N LYS B 27 -24.16 -28.84 15.02
CA LYS B 27 -23.29 -28.66 13.87
C LYS B 27 -21.84 -28.99 14.24
N HIS B 28 -21.29 -28.24 15.18
CA HIS B 28 -19.90 -28.39 15.58
C HIS B 28 -19.69 -29.52 16.57
N LEU B 29 -20.77 -30.14 17.04
CA LEU B 29 -20.68 -31.22 18.00
C LEU B 29 -20.70 -32.57 17.30
N ILE B 30 -21.39 -32.67 16.17
CA ILE B 30 -21.29 -33.87 15.34
C ILE B 30 -19.92 -33.93 14.68
N ARG B 31 -19.36 -32.77 14.31
CA ARG B 31 -18.08 -32.74 13.62
C ARG B 31 -16.92 -33.15 14.54
N VAL B 32 -16.97 -32.76 15.81
CA VAL B 32 -15.90 -33.12 16.73
C VAL B 32 -16.07 -34.57 17.20
N GLU B 33 -17.28 -35.12 17.14
CA GLU B 33 -17.49 -36.51 17.50
C GLU B 33 -17.37 -37.44 16.31
N ASN B 34 -17.39 -36.92 15.09
CA ASN B 34 -17.11 -37.74 13.92
C ASN B 34 -15.61 -37.89 13.73
N TRP B 35 -14.86 -36.82 13.99
CA TRP B 35 -13.41 -36.87 13.80
C TRP B 35 -12.76 -37.79 14.81
N ILE B 36 -13.13 -37.68 16.08
CA ILE B 36 -12.51 -38.49 17.12
C ILE B 36 -12.97 -39.94 17.05
N PHE B 37 -14.06 -40.23 16.34
CA PHE B 37 -14.40 -41.62 16.08
C PHE B 37 -13.53 -42.22 14.98
N ARG B 38 -13.15 -41.41 13.99
CA ARG B 38 -12.36 -41.91 12.87
C ARG B 38 -10.96 -42.31 13.29
N ASN B 39 -10.24 -41.40 13.93
CA ASN B 39 -8.92 -41.72 14.50
C ASN B 39 -8.96 -41.50 16.01
N PRO B 40 -9.38 -42.51 16.78
CA PRO B 40 -9.45 -42.37 18.23
C PRO B 40 -8.11 -42.43 18.91
N GLY B 41 -7.04 -42.74 18.19
CA GLY B 41 -5.72 -42.75 18.78
C GLY B 41 -5.16 -41.39 19.12
N PHE B 42 -5.79 -40.32 18.65
CA PHE B 42 -5.29 -38.98 18.94
C PHE B 42 -5.50 -38.59 20.40
N ALA B 43 -6.46 -39.24 21.07
CA ALA B 43 -6.66 -38.96 22.49
C ALA B 43 -5.47 -39.43 23.34
N LEU B 44 -4.76 -40.45 22.88
CA LEU B 44 -3.48 -40.80 23.50
C LEU B 44 -2.42 -39.74 23.25
N ALA B 45 -2.50 -39.05 22.12
CA ALA B 45 -1.57 -37.98 21.83
C ALA B 45 -2.03 -36.66 22.43
N ALA B 46 -3.33 -36.48 22.60
CA ALA B 46 -3.83 -35.25 23.21
C ALA B 46 -3.61 -35.26 24.72
N ALA B 47 -3.79 -36.41 25.36
CA ALA B 47 -3.52 -36.53 26.80
C ALA B 47 -2.06 -36.76 27.13
N ALA B 48 -1.18 -36.70 26.14
CA ALA B 48 0.26 -36.71 26.39
C ALA B 48 0.88 -35.34 26.19
N ILE B 49 0.26 -34.48 25.39
CA ILE B 49 0.68 -33.09 25.29
C ILE B 49 0.04 -32.27 26.39
N ALA B 50 -1.21 -32.57 26.75
CA ALA B 50 -1.88 -31.84 27.81
C ALA B 50 -1.32 -32.18 29.17
N TRP B 51 -0.93 -33.44 29.37
CA TRP B 51 -0.34 -33.84 30.64
C TRP B 51 1.06 -33.25 30.81
N LEU B 52 1.73 -32.95 29.70
CA LEU B 52 3.07 -32.42 29.73
C LEU B 52 3.09 -30.90 29.84
N LEU B 53 1.96 -30.24 29.57
CA LEU B 53 1.83 -28.81 29.68
C LEU B 53 1.00 -28.44 30.90
N GLY B 54 1.21 -27.24 31.42
CA GLY B 54 0.43 -26.74 32.53
C GLY B 54 0.77 -27.32 33.88
N SER B 55 0.54 -28.63 34.05
CA SER B 55 0.80 -29.39 35.28
C SER B 55 0.03 -28.81 36.47
N SER B 56 -1.30 -28.87 36.38
CA SER B 56 -2.15 -28.48 37.49
C SER B 56 -3.39 -29.34 37.67
N THR B 57 -3.57 -30.41 36.87
CA THR B 57 -4.65 -31.40 36.89
C THR B 57 -6.03 -30.85 36.58
N SER B 58 -6.13 -29.54 36.34
CA SER B 58 -7.36 -28.91 35.89
C SER B 58 -6.99 -28.00 34.74
N GLN B 59 -5.75 -27.54 34.76
CA GLN B 59 -5.14 -26.90 33.60
C GLN B 59 -4.75 -27.94 32.57
N LYS B 60 -4.50 -29.17 33.01
CA LYS B 60 -4.20 -30.28 32.11
C LYS B 60 -5.44 -30.88 31.49
N VAL B 61 -6.62 -30.59 32.02
CA VAL B 61 -7.85 -31.06 31.40
C VAL B 61 -8.35 -30.08 30.36
N ILE B 62 -8.15 -28.78 30.59
CA ILE B 62 -8.55 -27.77 29.63
C ILE B 62 -7.66 -27.84 28.38
N TYR B 63 -6.37 -28.14 28.56
CA TYR B 63 -5.53 -28.41 27.39
C TYR B 63 -5.90 -29.71 26.71
N LEU B 64 -6.44 -30.69 27.44
CA LEU B 64 -6.96 -31.88 26.78
C LEU B 64 -8.22 -31.56 25.99
N VAL B 65 -9.00 -30.58 26.44
CA VAL B 65 -10.19 -30.19 25.71
C VAL B 65 -9.85 -29.29 24.53
N MET B 66 -8.97 -28.30 24.74
CA MET B 66 -8.70 -27.34 23.68
C MET B 66 -7.85 -27.92 22.57
N ILE B 67 -7.02 -28.93 22.85
CA ILE B 67 -6.35 -29.63 21.76
C ILE B 67 -7.34 -30.48 21.00
N LEU B 68 -8.29 -31.08 21.69
CA LEU B 68 -9.24 -31.98 21.05
C LEU B 68 -10.38 -31.24 20.38
N LEU B 69 -10.38 -29.90 20.42
CA LEU B 69 -11.28 -29.05 19.66
C LEU B 69 -10.60 -28.31 18.53
N ILE B 70 -9.30 -28.04 18.67
CA ILE B 70 -8.55 -27.44 17.57
C ILE B 70 -8.19 -28.49 16.54
N ALA B 71 -8.01 -29.75 16.96
CA ALA B 71 -7.62 -30.80 16.04
C ALA B 71 -8.67 -31.21 15.00
N PRO B 72 -10.01 -31.33 15.29
CA PRO B 72 -10.93 -31.63 14.19
C PRO B 72 -11.13 -30.51 13.17
N ALA B 73 -11.42 -29.30 13.64
CA ALA B 73 -11.51 -28.13 12.76
C ALA B 73 -10.25 -27.33 13.00
N TYR B 74 -9.34 -27.36 12.02
CA TYR B 74 -7.92 -27.18 12.26
C TYR B 74 -7.59 -25.75 12.69
N SER B 75 -8.10 -24.76 11.94
CA SER B 75 -8.03 -23.32 12.24
C SER B 75 -6.62 -22.80 12.52
N ILE C 1 54.42 -8.87 -29.70
CA ILE C 1 53.72 -8.44 -30.88
C ILE C 1 52.27 -8.83 -30.72
N ARG C 2 51.41 -7.81 -30.82
CA ARG C 2 49.97 -7.71 -30.51
C ARG C 2 49.76 -7.56 -29.00
N CYS C 3 50.80 -7.79 -28.21
CA CYS C 3 50.69 -7.64 -26.78
C CYS C 3 51.74 -6.70 -26.23
N ILE C 4 52.64 -6.22 -27.08
CA ILE C 4 53.90 -5.65 -26.63
C ILE C 4 53.76 -4.21 -26.15
N GLY C 5 52.59 -3.61 -26.33
CA GLY C 5 52.38 -2.26 -25.83
C GLY C 5 51.32 -2.19 -24.74
N VAL C 6 50.76 -3.36 -24.40
CA VAL C 6 49.66 -3.43 -23.47
C VAL C 6 50.22 -3.36 -22.05
N SER C 7 49.59 -2.55 -21.20
CA SER C 7 50.01 -2.46 -19.80
C SER C 7 49.62 -3.67 -18.99
N ASN C 8 48.73 -4.50 -19.51
CA ASN C 8 48.25 -5.70 -18.83
C ASN C 8 48.81 -6.95 -19.49
N ARG C 9 50.06 -6.91 -19.93
CA ARG C 9 50.67 -8.09 -20.54
C ARG C 9 51.28 -8.98 -19.48
N ASP C 10 51.02 -10.28 -19.61
CA ASP C 10 51.50 -11.29 -18.68
C ASP C 10 52.49 -12.20 -19.36
N PHE C 11 53.47 -12.68 -18.60
CA PHE C 11 54.51 -13.56 -19.12
C PHE C 11 54.33 -14.93 -18.48
N VAL C 12 54.09 -15.94 -19.32
CA VAL C 12 53.78 -17.28 -18.86
C VAL C 12 54.88 -18.19 -19.37
N GLU C 13 55.56 -18.87 -18.45
CA GLU C 13 56.59 -19.84 -18.79
C GLU C 13 56.70 -20.86 -17.69
N GLY C 14 57.37 -21.97 -17.98
CA GLY C 14 57.48 -23.07 -17.05
C GLY C 14 56.33 -24.02 -17.31
N MET C 15 56.63 -25.23 -17.79
CA MET C 15 55.63 -26.08 -18.40
C MET C 15 55.72 -27.49 -17.86
N SER C 16 54.76 -28.33 -18.27
CA SER C 16 54.73 -29.74 -17.88
C SER C 16 55.62 -30.54 -18.82
N GLY C 17 56.93 -30.31 -18.69
CA GLY C 17 57.90 -30.93 -19.57
C GLY C 17 57.87 -30.42 -20.99
N GLY C 18 57.37 -29.21 -21.20
CA GLY C 18 57.19 -28.67 -22.53
C GLY C 18 55.91 -29.06 -23.21
N THR C 19 55.07 -29.86 -22.56
CA THR C 19 53.83 -30.29 -23.18
C THR C 19 52.80 -29.17 -23.20
N TRP C 20 52.46 -28.62 -22.04
CA TRP C 20 51.38 -27.64 -21.97
C TRP C 20 51.55 -26.75 -20.75
N VAL C 21 50.97 -25.56 -20.85
CA VAL C 21 50.77 -24.67 -19.70
C VAL C 21 49.31 -24.23 -19.75
N ASP C 22 48.74 -23.98 -18.58
CA ASP C 22 47.33 -23.62 -18.46
C ASP C 22 47.27 -22.13 -18.16
N VAL C 23 46.44 -21.40 -18.89
CA VAL C 23 46.41 -19.95 -18.78
C VAL C 23 44.97 -19.48 -18.75
N VAL C 24 44.76 -18.31 -18.15
CA VAL C 24 43.43 -17.71 -18.02
C VAL C 24 43.41 -16.45 -18.86
N LEU C 25 42.82 -16.53 -20.05
CA LEU C 25 42.88 -15.43 -21.00
C LEU C 25 41.87 -14.37 -20.58
N GLU C 26 42.32 -13.39 -19.81
CA GLU C 26 41.49 -12.26 -19.48
C GLU C 26 41.25 -11.41 -20.72
N HIS C 27 40.15 -10.68 -20.70
CA HIS C 27 39.67 -10.06 -21.91
C HIS C 27 40.30 -8.70 -22.18
N GLY C 28 40.67 -7.99 -21.12
CA GLY C 28 41.46 -6.79 -21.26
C GLY C 28 42.94 -7.01 -21.12
N GLY C 29 43.35 -8.20 -20.68
CA GLY C 29 44.76 -8.50 -20.50
C GLY C 29 45.34 -9.34 -21.62
N CYS C 30 46.65 -9.49 -21.60
CA CYS C 30 47.38 -10.12 -22.69
C CYS C 30 48.40 -11.09 -22.12
N VAL C 31 48.68 -12.16 -22.86
CA VAL C 31 49.47 -13.27 -22.32
C VAL C 31 50.60 -13.58 -23.31
N THR C 32 51.83 -13.56 -22.82
CA THR C 32 53.01 -13.89 -23.59
C THR C 32 53.57 -15.22 -23.11
N VAL C 33 53.56 -16.22 -23.97
CA VAL C 33 53.91 -17.59 -23.61
C VAL C 33 55.23 -17.93 -24.26
N MET C 34 56.21 -18.32 -23.46
CA MET C 34 57.54 -18.64 -23.95
C MET C 34 58.02 -19.94 -23.33
N ALA C 35 58.74 -20.73 -24.11
CA ALA C 35 59.09 -22.08 -23.70
C ALA C 35 60.59 -22.31 -23.76
N GLN C 36 61.02 -23.58 -23.67
CA GLN C 36 62.44 -23.88 -23.68
C GLN C 36 63.06 -23.60 -25.05
N ASP C 37 62.61 -24.31 -26.09
CA ASP C 37 63.09 -24.07 -27.45
C ASP C 37 61.94 -23.91 -28.42
N LYS C 38 60.90 -23.18 -28.04
CA LYS C 38 59.71 -23.00 -28.84
C LYS C 38 59.43 -21.51 -28.99
N PRO C 39 58.80 -21.09 -30.10
CA PRO C 39 58.65 -19.65 -30.34
C PRO C 39 57.70 -18.99 -29.36
N THR C 40 58.05 -17.78 -28.98
CA THR C 40 57.28 -17.02 -28.01
C THR C 40 56.01 -16.51 -28.67
N VAL C 41 54.86 -17.01 -28.22
CA VAL C 41 53.58 -16.67 -28.82
C VAL C 41 52.86 -15.71 -27.89
N ASP C 42 52.26 -14.68 -28.48
CA ASP C 42 51.46 -13.71 -27.75
C ASP C 42 49.99 -14.02 -27.97
N ILE C 43 49.25 -14.22 -26.88
CA ILE C 43 47.91 -14.76 -26.93
C ILE C 43 46.95 -13.76 -26.30
N GLU C 44 45.88 -13.43 -27.02
CA GLU C 44 44.97 -12.40 -26.55
C GLU C 44 43.53 -12.79 -26.90
N LEU C 45 42.64 -12.65 -25.93
CA LEU C 45 41.20 -12.74 -26.17
C LEU C 45 40.68 -11.37 -26.56
N VAL C 46 39.94 -11.28 -27.66
CA VAL C 46 39.59 -9.99 -28.25
C VAL C 46 38.09 -9.73 -28.24
N THR C 47 37.25 -10.74 -28.51
CA THR C 47 35.80 -10.55 -28.51
C THR C 47 35.14 -11.76 -27.86
N THR C 48 33.84 -11.61 -27.60
CA THR C 48 32.99 -12.71 -27.18
C THR C 48 31.61 -12.42 -27.77
N THR C 49 31.35 -12.94 -28.97
CA THR C 49 30.09 -12.67 -29.64
C THR C 49 29.07 -13.67 -29.14
N VAL C 50 28.00 -13.16 -28.54
CA VAL C 50 26.95 -14.00 -27.98
C VAL C 50 25.82 -14.09 -29.00
N SER C 51 25.73 -15.22 -29.69
CA SER C 51 24.73 -15.43 -30.72
C SER C 51 23.46 -15.98 -30.09
N ASN C 52 22.35 -15.89 -30.82
CA ASN C 52 21.09 -16.59 -30.55
C ASN C 52 20.53 -16.22 -29.17
N MET C 53 20.39 -14.91 -28.97
CA MET C 53 19.79 -14.40 -27.74
C MET C 53 18.30 -14.21 -27.95
N ALA C 54 17.51 -14.98 -27.21
CA ALA C 54 16.06 -14.87 -27.27
C ALA C 54 15.58 -14.06 -26.08
N GLU C 55 14.63 -13.17 -26.33
CA GLU C 55 14.26 -12.15 -25.36
C GLU C 55 13.38 -12.71 -24.25
N VAL C 56 13.45 -12.03 -23.11
CA VAL C 56 12.81 -12.35 -21.84
C VAL C 56 11.95 -11.11 -21.67
N ARG C 57 11.35 -10.91 -20.49
CA ARG C 57 10.51 -9.75 -20.16
C ARG C 57 11.19 -8.44 -20.57
N SER C 58 10.41 -7.53 -21.12
CA SER C 58 10.96 -6.28 -21.62
C SER C 58 10.19 -5.13 -20.96
N TYR C 59 10.84 -4.45 -20.03
CA TYR C 59 10.18 -3.47 -19.19
C TYR C 59 9.95 -2.16 -19.95
N CYS C 60 9.02 -1.37 -19.44
CA CYS C 60 8.74 -0.04 -19.98
C CYS C 60 9.42 1.00 -19.10
N TYR C 61 10.05 1.99 -19.72
CA TYR C 61 10.60 3.08 -18.96
C TYR C 61 10.03 4.44 -19.28
N GLU C 62 9.38 4.63 -20.42
CA GLU C 62 8.66 5.86 -20.71
C GLU C 62 7.27 5.51 -21.20
N ALA C 63 6.27 5.82 -20.39
CA ALA C 63 4.89 5.49 -20.70
C ALA C 63 4.14 6.72 -21.15
N SER C 64 2.86 6.52 -21.49
CA SER C 64 2.01 7.60 -21.95
C SER C 64 0.58 7.22 -21.66
N ILE C 65 -0.13 8.10 -20.94
CA ILE C 65 -1.53 7.86 -20.62
C ILE C 65 -2.39 8.49 -21.71
N SER C 66 -3.21 7.67 -22.33
CA SER C 66 -4.13 8.06 -23.39
C SER C 66 -5.47 8.43 -22.75
N ASP C 67 -6.54 8.45 -23.56
CA ASP C 67 -7.87 8.90 -23.18
C ASP C 67 -8.40 8.21 -21.93
N MET C 68 -8.52 8.99 -20.87
CA MET C 68 -8.86 8.52 -19.53
C MET C 68 -10.28 8.92 -19.19
N ALA C 69 -10.83 8.26 -18.19
CA ALA C 69 -12.19 8.54 -17.73
C ALA C 69 -12.28 8.11 -16.27
N SER C 70 -13.42 8.41 -15.65
CA SER C 70 -13.61 8.11 -14.25
C SER C 70 -15.09 8.06 -13.94
N ASP C 71 -15.45 7.18 -13.00
CA ASP C 71 -16.84 7.00 -12.61
C ASP C 71 -16.92 6.91 -11.10
N SER C 72 -17.93 7.56 -10.53
CA SER C 72 -18.12 7.64 -9.09
C SER C 72 -19.42 6.95 -8.71
N ARG C 73 -19.55 6.64 -7.42
CA ARG C 73 -20.68 5.87 -6.93
C ARG C 73 -21.04 6.38 -5.55
N CYS C 74 -22.33 6.48 -5.28
CA CYS C 74 -22.89 7.06 -4.07
C CYS C 74 -22.55 6.19 -2.86
N PRO C 75 -22.60 6.72 -1.63
CA PRO C 75 -22.30 5.87 -0.47
C PRO C 75 -23.40 4.85 -0.22
N THR C 76 -22.98 3.60 -0.05
CA THR C 76 -23.83 2.42 0.16
C THR C 76 -24.87 2.26 -0.95
N GLN C 77 -24.50 2.65 -2.16
CA GLN C 77 -25.32 2.46 -3.35
C GLN C 77 -24.53 1.65 -4.36
N GLY C 78 -23.56 0.90 -3.86
CA GLY C 78 -22.78 -0.02 -4.68
C GLY C 78 -21.31 0.31 -4.67
N GLU C 79 -20.66 -0.08 -5.75
CA GLU C 79 -19.26 0.22 -6.03
C GLU C 79 -19.11 0.74 -7.46
N ALA C 80 -18.13 1.61 -7.64
CA ALA C 80 -17.98 2.29 -8.92
C ALA C 80 -17.33 1.39 -9.95
N TYR C 81 -17.65 1.64 -11.21
CA TYR C 81 -17.22 0.75 -12.29
C TYR C 81 -17.23 1.50 -13.61
N LEU C 82 -16.12 1.41 -14.34
CA LEU C 82 -16.09 1.79 -15.75
C LEU C 82 -16.20 0.56 -16.62
N ASP C 83 -16.84 0.71 -17.77
CA ASP C 83 -16.92 -0.35 -18.75
C ASP C 83 -15.58 -0.65 -19.39
N LYS C 84 -14.63 0.28 -19.29
CA LYS C 84 -13.26 0.07 -19.74
C LYS C 84 -12.34 -0.28 -18.58
N GLN C 85 -12.89 -0.84 -17.52
CA GLN C 85 -12.09 -1.55 -16.52
C GLN C 85 -11.91 -3.01 -16.90
N SER C 86 -12.79 -3.51 -17.76
CA SER C 86 -12.67 -4.82 -18.38
C SER C 86 -11.73 -4.82 -19.57
N ASP C 87 -11.06 -3.69 -19.83
CA ASP C 87 -10.04 -3.58 -20.86
C ASP C 87 -8.69 -3.66 -20.17
N THR C 88 -7.82 -4.53 -20.68
CA THR C 88 -6.53 -4.75 -20.04
C THR C 88 -5.55 -3.62 -20.30
N GLN C 89 -5.84 -2.74 -21.25
CA GLN C 89 -4.92 -1.67 -21.60
C GLN C 89 -5.03 -0.45 -20.71
N TYR C 90 -6.00 -0.42 -19.79
CA TYR C 90 -6.20 0.75 -18.96
C TYR C 90 -5.75 0.43 -17.54
N VAL C 91 -5.01 1.32 -16.95
CA VAL C 91 -4.62 1.16 -15.57
C VAL C 91 -5.64 1.88 -14.69
N CYS C 92 -5.98 1.26 -13.57
CA CYS C 92 -7.19 1.56 -12.84
C CYS C 92 -6.94 1.49 -11.33
N LYS C 93 -7.51 2.45 -10.60
CA LYS C 93 -7.47 2.39 -9.14
C LYS C 93 -8.80 2.80 -8.58
N ARG C 94 -9.25 2.08 -7.57
CA ARG C 94 -10.48 2.32 -6.83
C ARG C 94 -10.16 3.03 -5.53
N THR C 95 -10.90 4.09 -5.24
CA THR C 95 -10.69 4.78 -3.97
C THR C 95 -12.01 5.36 -3.49
N LEU C 96 -12.01 5.82 -2.24
CA LEU C 96 -13.19 6.35 -1.58
C LEU C 96 -13.07 7.86 -1.53
N VAL C 97 -14.14 8.57 -1.88
CA VAL C 97 -14.13 10.02 -1.89
C VAL C 97 -15.30 10.53 -1.07
N ASP C 98 -15.22 11.81 -0.69
CA ASP C 98 -16.32 12.45 0.00
C ASP C 98 -17.48 12.68 -0.95
N ARG C 99 -18.61 12.06 -0.66
CA ARG C 99 -19.79 12.17 -1.50
C ARG C 99 -20.91 12.72 -0.62
N GLY C 100 -21.70 13.63 -1.16
CA GLY C 100 -22.72 14.28 -0.35
C GLY C 100 -23.82 14.91 -1.16
N TRP C 101 -24.55 15.87 -0.57
CA TRP C 101 -25.59 16.53 -1.34
C TRP C 101 -25.04 17.53 -2.33
N GLY C 102 -23.85 18.08 -2.08
CA GLY C 102 -23.21 18.92 -3.06
C GLY C 102 -22.72 18.16 -4.27
N ASN C 103 -22.38 16.89 -4.11
CA ASN C 103 -21.90 16.04 -5.19
C ASN C 103 -23.02 15.26 -5.85
N GLY C 104 -24.23 15.78 -5.86
CA GLY C 104 -25.34 15.16 -6.55
C GLY C 104 -26.01 14.02 -5.81
N CYS C 105 -25.35 13.43 -4.83
CA CYS C 105 -25.88 12.27 -4.11
C CYS C 105 -26.95 12.71 -3.11
N GLY C 106 -27.52 11.74 -2.40
CA GLY C 106 -28.54 12.01 -1.41
C GLY C 106 -28.21 11.47 -0.04
N LEU C 107 -27.04 10.86 0.10
CA LEU C 107 -26.65 10.26 1.37
C LEU C 107 -25.18 10.57 1.59
N PHE C 108 -24.89 11.25 2.70
CA PHE C 108 -23.53 11.70 3.00
C PHE C 108 -22.67 10.53 3.44
N GLY C 109 -21.40 10.57 3.05
CA GLY C 109 -20.47 9.54 3.44
C GLY C 109 -19.38 9.38 2.40
N LYS C 110 -18.48 8.44 2.67
CA LYS C 110 -17.36 8.14 1.78
C LYS C 110 -17.90 7.38 0.57
N GLY C 111 -17.81 7.98 -0.60
CA GLY C 111 -18.27 7.36 -1.82
C GLY C 111 -17.28 6.32 -2.32
N SER C 112 -17.32 6.11 -3.64
CA SER C 112 -16.36 5.22 -4.29
C SER C 112 -16.07 5.75 -5.68
N LEU C 113 -14.78 5.90 -5.99
CA LEU C 113 -14.35 6.51 -7.24
C LEU C 113 -13.35 5.59 -7.92
N VAL C 114 -13.59 5.33 -9.20
CA VAL C 114 -12.74 4.45 -10.00
C VAL C 114 -12.17 5.27 -11.16
N THR C 115 -10.85 5.31 -11.27
CA THR C 115 -10.18 6.15 -12.25
C THR C 115 -9.39 5.28 -13.20
N CYS C 116 -9.82 5.22 -14.46
CA CYS C 116 -9.14 4.42 -15.46
C CYS C 116 -8.39 5.33 -16.42
N ALA C 117 -7.21 4.88 -16.85
CA ALA C 117 -6.31 5.66 -17.68
C ALA C 117 -5.60 4.73 -18.64
N LYS C 118 -5.69 5.00 -19.93
CA LYS C 118 -5.20 4.06 -20.93
C LYS C 118 -3.67 4.05 -20.99
N PHE C 119 -3.08 2.94 -20.63
CA PHE C 119 -1.62 2.82 -20.60
C PHE C 119 -1.11 2.56 -22.00
N ALA C 120 -0.14 3.36 -22.43
CA ALA C 120 0.53 3.18 -23.70
C ALA C 120 2.01 3.44 -23.48
N CYS C 121 2.83 2.43 -23.75
CA CYS C 121 4.26 2.59 -23.49
C CYS C 121 5.02 2.94 -24.76
N SER C 122 5.61 4.11 -24.74
CA SER C 122 6.30 4.67 -25.90
C SER C 122 7.71 4.16 -26.08
N LYS C 123 8.45 3.90 -25.00
CA LYS C 123 9.81 3.39 -25.08
C LYS C 123 10.00 2.28 -24.06
N LYS C 124 10.60 1.17 -24.49
CA LYS C 124 10.79 0.03 -23.61
C LYS C 124 12.22 -0.47 -23.71
N MET C 125 12.72 -1.04 -22.61
CA MET C 125 14.03 -1.68 -22.58
C MET C 125 13.81 -3.19 -22.65
N THR C 126 14.75 -3.90 -23.28
CA THR C 126 14.54 -5.29 -23.64
C THR C 126 15.69 -6.15 -23.15
N GLY C 127 15.38 -7.12 -22.29
CA GLY C 127 16.40 -8.01 -21.80
C GLY C 127 16.41 -9.35 -22.49
N LYS C 128 17.47 -9.66 -23.21
CA LYS C 128 17.60 -10.92 -23.91
C LYS C 128 18.38 -11.90 -23.05
N SER C 129 18.14 -13.19 -23.28
CA SER C 129 18.78 -14.23 -22.49
C SER C 129 20.09 -14.65 -23.15
N ILE C 130 21.07 -14.98 -22.33
CA ILE C 130 22.36 -15.45 -22.81
C ILE C 130 22.51 -16.92 -22.45
N GLN C 131 22.68 -17.76 -23.45
CA GLN C 131 22.95 -19.16 -23.16
C GLN C 131 24.43 -19.45 -23.31
N PRO C 132 25.03 -20.19 -22.37
CA PRO C 132 26.46 -20.50 -22.47
C PRO C 132 26.83 -21.40 -23.61
N GLU C 133 25.86 -22.04 -24.26
CA GLU C 133 26.12 -22.87 -25.43
C GLU C 133 26.12 -22.07 -26.72
N ASN C 134 26.29 -20.75 -26.65
CA ASN C 134 26.27 -19.89 -27.81
C ASN C 134 27.41 -18.87 -27.81
N LEU C 135 28.43 -19.06 -27.01
CA LEU C 135 29.53 -18.11 -26.90
C LEU C 135 30.56 -18.38 -27.98
N GLU C 136 31.20 -17.32 -28.48
CA GLU C 136 32.26 -17.45 -29.48
C GLU C 136 33.42 -16.54 -29.07
N TYR C 137 34.31 -17.08 -28.25
CA TYR C 137 35.51 -16.37 -27.86
C TYR C 137 36.50 -16.37 -29.03
N ARG C 138 36.94 -15.20 -29.47
CA ARG C 138 38.01 -15.14 -30.46
C ARG C 138 39.35 -14.97 -29.75
N ILE C 139 40.27 -15.87 -30.03
CA ILE C 139 41.63 -15.81 -29.51
C ILE C 139 42.50 -15.39 -30.67
N MET C 140 43.08 -14.19 -30.58
CA MET C 140 44.05 -13.76 -31.56
C MET C 140 45.44 -14.16 -31.09
N LEU C 141 46.22 -14.75 -31.99
CA LEU C 141 47.58 -15.17 -31.69
C LEU C 141 48.54 -14.36 -32.54
N SER C 142 49.77 -14.20 -32.07
CA SER C 142 50.80 -13.50 -32.83
C SER C 142 52.15 -13.92 -32.28
N VAL C 143 52.92 -14.67 -33.07
CA VAL C 143 54.17 -15.20 -32.56
C VAL C 143 55.27 -14.16 -32.73
N HIS C 144 56.32 -14.33 -31.94
CA HIS C 144 57.50 -13.49 -32.05
C HIS C 144 58.46 -14.07 -33.07
N GLY C 145 58.81 -13.25 -34.06
CA GLY C 145 59.65 -13.71 -35.15
C GLY C 145 59.82 -12.64 -36.20
N SER C 146 59.63 -12.99 -37.47
CA SER C 146 59.80 -12.04 -38.56
C SER C 146 58.56 -11.15 -38.67
N GLN C 147 58.46 -10.22 -37.75
CA GLN C 147 57.45 -9.17 -37.79
C GLN C 147 58.10 -7.87 -37.35
N HIS C 148 57.50 -6.77 -37.79
CA HIS C 148 57.95 -5.44 -37.44
C HIS C 148 56.85 -4.74 -36.65
N SER C 149 57.02 -3.44 -36.42
CA SER C 149 56.08 -2.71 -35.56
C SER C 149 54.74 -2.49 -36.23
N GLY C 150 54.69 -2.59 -37.55
CA GLY C 150 53.44 -2.44 -38.26
C GLY C 150 52.66 -3.73 -38.39
N MET C 151 52.83 -4.63 -37.42
CA MET C 151 52.07 -5.87 -37.33
C MET C 151 51.60 -6.12 -35.91
N ILE C 152 51.73 -5.13 -35.03
CA ILE C 152 51.29 -5.26 -33.65
C ILE C 152 49.77 -5.13 -33.62
N VAL C 153 49.27 -3.96 -34.02
CA VAL C 153 47.83 -3.71 -34.07
C VAL C 153 47.23 -4.20 -35.39
N ASN C 154 48.05 -4.38 -36.42
CA ASN C 154 47.60 -4.69 -37.77
C ASN C 154 46.96 -6.08 -37.80
N ASP C 155 45.66 -6.12 -38.05
CA ASP C 155 44.91 -7.34 -38.22
C ASP C 155 44.44 -7.50 -39.66
N THR C 156 44.77 -6.55 -40.53
CA THR C 156 44.34 -6.60 -41.92
C THR C 156 45.13 -7.66 -42.67
N GLY C 157 44.63 -8.89 -42.61
CA GLY C 157 45.26 -10.02 -43.27
C GLY C 157 46.04 -10.89 -42.31
N HIS C 158 45.41 -11.97 -41.85
CA HIS C 158 46.08 -12.92 -40.98
C HIS C 158 45.84 -14.36 -41.39
N GLU C 159 45.02 -14.61 -42.41
CA GLU C 159 44.84 -15.97 -42.90
C GLU C 159 46.03 -16.43 -43.71
N THR C 160 46.84 -15.50 -44.21
CA THR C 160 48.05 -15.82 -44.98
C THR C 160 49.30 -15.23 -44.34
N ASP C 161 49.22 -14.79 -43.08
CA ASP C 161 50.33 -14.08 -42.48
C ASP C 161 51.39 -15.01 -41.89
N GLU C 162 51.00 -16.24 -41.52
CA GLU C 162 51.85 -17.35 -41.08
C GLU C 162 52.42 -17.12 -39.68
N ASN C 163 52.25 -15.91 -39.15
CA ASN C 163 52.64 -15.55 -37.79
C ASN C 163 51.46 -15.28 -36.89
N ARG C 164 50.28 -15.02 -37.47
CA ARG C 164 49.10 -14.62 -36.74
C ARG C 164 47.94 -15.50 -37.15
N ALA C 165 47.06 -15.82 -36.21
CA ALA C 165 45.89 -16.62 -36.50
C ALA C 165 44.81 -16.35 -35.46
N LYS C 166 43.56 -16.26 -35.92
CA LYS C 166 42.46 -16.21 -34.97
C LYS C 166 42.07 -17.63 -34.60
N VAL C 167 41.50 -17.75 -33.40
CA VAL C 167 40.99 -19.01 -32.89
C VAL C 167 39.62 -18.72 -32.30
N GLU C 168 38.57 -19.23 -32.93
CA GLU C 168 37.21 -19.00 -32.46
C GLU C 168 36.78 -20.17 -31.60
N ILE C 169 36.46 -19.89 -30.34
CA ILE C 169 36.14 -20.92 -29.37
C ILE C 169 34.64 -20.92 -29.06
N THR C 170 33.94 -21.86 -29.62
CA THR C 170 32.57 -22.17 -29.30
C THR C 170 32.61 -23.30 -28.26
N PRO C 171 31.60 -23.45 -27.41
CA PRO C 171 31.55 -24.66 -26.57
C PRO C 171 31.20 -25.94 -27.31
N ASN C 172 30.78 -25.84 -28.57
CA ASN C 172 30.51 -27.08 -29.35
C ASN C 172 31.86 -27.79 -29.54
N SER C 173 32.89 -27.02 -29.88
CA SER C 173 34.27 -27.53 -30.08
C SER C 173 35.26 -26.59 -29.38
N PRO C 174 35.34 -26.63 -28.04
CA PRO C 174 36.22 -25.70 -27.30
C PRO C 174 37.72 -25.87 -27.64
N ARG C 175 38.21 -27.10 -27.75
CA ARG C 175 39.65 -27.31 -28.08
C ARG C 175 39.89 -26.89 -29.53
N ALA C 176 40.99 -26.21 -29.83
CA ALA C 176 41.25 -25.81 -31.21
C ALA C 176 42.74 -25.79 -31.45
N GLU C 177 43.11 -25.73 -32.72
CA GLU C 177 44.50 -25.87 -33.16
C GLU C 177 44.76 -24.84 -34.24
N ALA C 178 45.71 -23.93 -33.99
CA ALA C 178 45.98 -22.85 -34.93
C ALA C 178 47.20 -23.17 -35.78
N THR C 179 46.99 -23.30 -37.08
CA THR C 179 48.07 -23.64 -38.00
C THR C 179 48.96 -22.42 -38.21
N LEU C 180 50.20 -22.51 -37.74
CA LEU C 180 51.22 -21.49 -37.92
C LEU C 180 52.32 -22.14 -38.75
N GLY C 181 52.46 -21.72 -40.00
CA GLY C 181 53.39 -22.33 -40.93
C GLY C 181 54.85 -22.23 -40.53
N GLY C 182 55.46 -23.37 -40.24
CA GLY C 182 56.82 -23.41 -39.76
C GLY C 182 56.91 -23.41 -38.26
N PHE C 183 56.03 -22.67 -37.60
CA PHE C 183 55.97 -22.65 -36.15
C PHE C 183 55.19 -23.81 -35.58
N GLY C 184 54.60 -24.66 -36.43
CA GLY C 184 53.87 -25.80 -35.95
C GLY C 184 52.41 -25.46 -35.74
N SER C 185 51.90 -25.70 -34.54
CA SER C 185 50.51 -25.42 -34.24
C SER C 185 50.32 -25.31 -32.74
N LEU C 186 50.03 -24.11 -32.26
CA LEU C 186 49.65 -23.91 -30.87
C LEU C 186 48.30 -24.55 -30.63
N GLY C 187 48.28 -25.63 -29.84
CA GLY C 187 47.04 -26.26 -29.49
C GLY C 187 46.40 -25.64 -28.28
N LEU C 188 45.16 -25.20 -28.41
CA LEU C 188 44.40 -24.62 -27.32
C LEU C 188 43.41 -25.66 -26.81
N ASP C 189 43.07 -25.59 -25.53
CA ASP C 189 42.16 -26.53 -24.90
C ASP C 189 41.18 -25.80 -24.00
N CYS C 190 40.53 -24.78 -24.56
CA CYS C 190 39.82 -23.75 -23.81
C CYS C 190 38.62 -24.31 -23.03
N GLU C 191 38.16 -23.51 -22.06
CA GLU C 191 36.98 -23.83 -21.27
C GLU C 191 35.99 -22.69 -21.43
N PRO C 192 35.13 -22.73 -22.46
CA PRO C 192 34.27 -21.58 -22.73
C PRO C 192 32.98 -21.52 -21.94
N ARG C 193 32.52 -22.63 -21.34
CA ARG C 193 31.33 -22.54 -20.50
C ARG C 193 31.62 -21.91 -19.15
N THR C 194 32.75 -22.22 -18.53
CA THR C 194 33.12 -21.62 -17.25
C THR C 194 33.92 -20.34 -17.46
N GLY C 195 33.27 -19.39 -18.11
CA GLY C 195 33.85 -18.08 -18.30
C GLY C 195 33.26 -17.07 -17.35
N LEU C 196 32.55 -16.08 -17.88
CA LEU C 196 31.94 -15.04 -17.05
C LEU C 196 30.46 -15.35 -16.82
N ASP C 197 30.21 -16.48 -16.13
CA ASP C 197 28.94 -17.02 -15.61
C ASP C 197 27.69 -16.71 -16.41
N PHE C 198 27.75 -16.90 -17.73
CA PHE C 198 26.74 -16.37 -18.65
C PHE C 198 25.37 -17.01 -18.53
N SER C 199 25.17 -18.00 -17.68
CA SER C 199 23.83 -18.47 -17.42
C SER C 199 23.15 -17.70 -16.31
N ASP C 200 23.79 -16.66 -15.77
CA ASP C 200 23.19 -15.77 -14.79
C ASP C 200 23.25 -14.31 -15.22
N LEU C 201 23.31 -14.05 -16.53
CA LEU C 201 23.42 -12.70 -17.04
C LEU C 201 22.47 -12.54 -18.21
N TYR C 202 21.94 -11.34 -18.37
CA TYR C 202 21.10 -11.04 -19.52
C TYR C 202 21.77 -9.98 -20.38
N TYR C 203 21.04 -9.49 -21.36
CA TYR C 203 21.59 -8.59 -22.36
C TYR C 203 20.56 -7.49 -22.61
N LEU C 204 20.65 -6.41 -21.83
CA LEU C 204 19.71 -5.31 -21.90
C LEU C 204 19.86 -4.56 -23.21
N THR C 205 18.83 -3.81 -23.59
CA THR C 205 18.87 -3.00 -24.81
C THR C 205 17.96 -1.81 -24.59
N MET C 206 18.54 -0.61 -24.62
CA MET C 206 17.80 0.59 -24.23
C MET C 206 18.24 1.75 -25.10
N ASN C 207 17.39 2.13 -26.07
CA ASN C 207 17.64 3.22 -27.01
C ASN C 207 18.96 2.99 -27.76
N ASN C 208 19.14 1.75 -28.21
CA ASN C 208 20.35 1.26 -28.88
C ASN C 208 21.59 1.42 -28.01
N LYS C 209 21.46 0.99 -26.75
CA LYS C 209 22.59 0.84 -25.84
C LYS C 209 22.40 -0.44 -25.05
N HIS C 210 23.46 -1.22 -24.90
CA HIS C 210 23.35 -2.60 -24.45
C HIS C 210 24.22 -2.81 -23.23
N TRP C 211 23.78 -3.70 -22.34
CA TRP C 211 24.52 -3.98 -21.11
C TRP C 211 24.51 -5.47 -20.82
N LEU C 212 25.45 -5.90 -19.98
CA LEU C 212 25.42 -7.23 -19.38
C LEU C 212 24.76 -7.15 -18.00
N VAL C 213 23.45 -7.16 -18.03
CA VAL C 213 22.65 -7.09 -16.83
C VAL C 213 22.57 -8.45 -16.17
N HIS C 214 22.77 -8.50 -14.85
CA HIS C 214 22.68 -9.72 -14.08
C HIS C 214 21.25 -10.24 -14.07
N LYS C 215 21.12 -11.55 -13.88
CA LYS C 215 19.81 -12.19 -13.93
C LYS C 215 18.94 -11.78 -12.74
N GLU C 216 19.52 -11.77 -11.55
CA GLU C 216 18.76 -11.45 -10.35
C GLU C 216 18.37 -9.98 -10.30
N TRP C 217 19.16 -9.10 -10.92
CA TRP C 217 18.82 -7.69 -10.94
C TRP C 217 17.69 -7.40 -11.91
N PHE C 218 17.66 -8.12 -13.03
CA PHE C 218 16.68 -7.80 -14.07
C PHE C 218 15.29 -8.25 -13.68
N HIS C 219 15.18 -9.26 -12.83
CA HIS C 219 13.88 -9.68 -12.33
C HIS C 219 13.50 -8.99 -11.04
N ASP C 220 14.11 -7.85 -10.75
CA ASP C 220 13.77 -7.04 -9.58
C ASP C 220 13.38 -5.61 -9.96
N ILE C 221 13.40 -5.29 -11.25
CA ILE C 221 13.12 -3.93 -11.72
C ILE C 221 11.62 -3.67 -11.61
N PRO C 222 11.20 -2.60 -10.94
CA PRO C 222 9.76 -2.30 -10.82
C PRO C 222 9.21 -1.42 -11.94
N LEU C 223 9.05 -2.02 -13.12
CA LEU C 223 8.56 -1.32 -14.29
C LEU C 223 7.56 -2.20 -15.00
N PRO C 224 6.64 -1.60 -15.77
CA PRO C 224 5.67 -2.41 -16.52
C PRO C 224 6.35 -3.24 -17.59
N TRP C 225 6.11 -4.54 -17.56
CA TRP C 225 6.76 -5.47 -18.47
C TRP C 225 5.73 -6.28 -19.21
N HIS C 226 6.01 -6.56 -20.48
CA HIS C 226 5.34 -7.65 -21.15
C HIS C 226 6.34 -8.78 -21.24
N ALA C 227 5.87 -9.98 -21.58
CA ALA C 227 6.64 -11.18 -21.32
C ALA C 227 7.84 -11.38 -22.25
N GLY C 228 7.92 -10.64 -23.35
CA GLY C 228 8.93 -10.89 -24.35
C GLY C 228 8.52 -11.91 -25.40
N ALA C 229 7.71 -12.89 -25.03
CA ALA C 229 7.00 -13.73 -25.97
C ALA C 229 5.71 -13.09 -26.46
N ASP C 230 5.50 -11.81 -26.13
CA ASP C 230 4.36 -11.04 -26.57
C ASP C 230 4.79 -10.25 -27.79
N THR C 231 4.28 -10.62 -28.97
CA THR C 231 4.64 -9.96 -30.21
C THR C 231 3.40 -9.37 -30.90
N GLY C 232 2.56 -8.68 -30.14
CA GLY C 232 1.48 -7.90 -30.70
C GLY C 232 1.46 -6.56 -30.00
N THR C 233 0.29 -6.02 -29.73
CA THR C 233 0.23 -4.94 -28.77
C THR C 233 0.51 -5.49 -27.39
N PRO C 234 1.52 -4.99 -26.68
CA PRO C 234 1.97 -5.66 -25.45
C PRO C 234 0.97 -5.53 -24.33
N HIS C 235 0.96 -6.54 -23.46
CA HIS C 235 -0.03 -6.57 -22.40
C HIS C 235 0.35 -5.65 -21.25
N TRP C 236 1.66 -5.50 -21.01
CA TRP C 236 2.24 -4.67 -19.95
C TRP C 236 1.73 -5.07 -18.58
N ASN C 237 2.14 -6.22 -18.09
CA ASN C 237 1.94 -6.56 -16.69
C ASN C 237 2.58 -5.50 -15.79
N ASN C 238 1.93 -5.24 -14.66
CA ASN C 238 2.33 -4.26 -13.64
C ASN C 238 2.38 -2.84 -14.22
N LYS C 239 1.26 -2.39 -14.76
CA LYS C 239 1.12 -1.02 -15.24
C LYS C 239 1.21 0.02 -14.14
N GLU C 240 0.89 -0.35 -12.91
CA GLU C 240 0.73 0.59 -11.80
C GLU C 240 2.05 1.13 -11.27
N ALA C 241 3.19 0.75 -11.84
CA ALA C 241 4.48 1.22 -11.36
C ALA C 241 4.96 2.47 -12.06
N LEU C 242 4.26 2.93 -13.09
CA LEU C 242 4.57 4.22 -13.70
C LEU C 242 3.48 5.25 -13.56
N VAL C 243 2.25 4.86 -13.27
CA VAL C 243 1.22 5.85 -13.04
C VAL C 243 1.09 6.09 -11.55
N GLU C 244 0.52 7.23 -11.19
CA GLU C 244 0.25 7.57 -9.80
C GLU C 244 -1.14 8.14 -9.70
N PHE C 245 -1.96 7.55 -8.84
CA PHE C 245 -3.30 8.03 -8.59
C PHE C 245 -3.27 8.79 -7.28
N LYS C 246 -3.73 10.04 -7.32
CA LYS C 246 -3.89 10.84 -6.12
C LYS C 246 -5.30 11.40 -6.05
N ASP C 247 -5.96 11.18 -4.93
CA ASP C 247 -7.18 11.89 -4.62
C ASP C 247 -6.83 13.23 -3.98
N ALA C 248 -7.47 14.30 -4.46
CA ALA C 248 -7.19 15.59 -3.84
C ALA C 248 -7.72 15.63 -2.41
N HIS C 249 -9.02 15.83 -2.25
CA HIS C 249 -9.72 15.53 -1.00
C HIS C 249 -11.07 14.93 -1.33
N ALA C 250 -11.70 15.55 -2.33
CA ALA C 250 -13.11 15.41 -2.66
C ALA C 250 -13.29 14.36 -3.75
N LYS C 251 -14.46 14.38 -4.39
CA LYS C 251 -14.72 13.53 -5.55
C LYS C 251 -13.91 14.04 -6.74
N ARG C 252 -12.61 13.72 -6.67
CA ARG C 252 -11.61 14.16 -7.62
C ARG C 252 -10.41 13.26 -7.40
N GLN C 253 -10.06 12.46 -8.40
CA GLN C 253 -8.88 11.63 -8.32
C GLN C 253 -8.06 11.85 -9.59
N THR C 254 -6.87 12.40 -9.42
CA THR C 254 -6.01 12.70 -10.55
C THR C 254 -5.14 11.48 -10.83
N VAL C 255 -4.70 11.36 -12.08
CA VAL C 255 -3.79 10.31 -12.49
C VAL C 255 -2.69 10.93 -13.34
N VAL C 256 -1.45 10.67 -12.96
CA VAL C 256 -0.28 11.23 -13.63
C VAL C 256 0.77 10.14 -13.75
N VAL C 257 1.30 9.99 -14.95
CA VAL C 257 2.30 8.98 -15.22
C VAL C 257 3.65 9.53 -14.81
N LEU C 258 4.50 8.68 -14.25
CA LEU C 258 5.84 9.11 -13.93
C LEU C 258 6.66 9.23 -15.21
N GLY C 259 7.78 9.93 -15.11
CA GLY C 259 8.52 10.35 -16.27
C GLY C 259 9.31 9.23 -16.94
N SER C 260 10.16 9.64 -17.86
CA SER C 260 11.02 8.69 -18.57
C SER C 260 12.04 8.12 -17.60
N GLN C 261 11.94 6.82 -17.33
CA GLN C 261 12.82 6.15 -16.38
C GLN C 261 14.14 5.72 -17.01
N GLU C 262 14.52 6.31 -18.14
CA GLU C 262 15.77 5.96 -18.79
C GLU C 262 16.97 6.40 -17.95
N GLY C 263 16.95 7.63 -17.47
CA GLY C 263 18.01 8.08 -16.62
C GLY C 263 17.95 7.53 -15.21
N ALA C 264 16.79 7.05 -14.78
CA ALA C 264 16.66 6.48 -13.45
C ALA C 264 17.24 5.09 -13.38
N VAL C 265 17.42 4.43 -14.53
CA VAL C 265 17.94 3.08 -14.55
C VAL C 265 19.40 3.04 -15.01
N HIS C 266 19.87 4.06 -15.75
CA HIS C 266 21.30 4.22 -15.99
C HIS C 266 22.03 4.46 -14.69
N THR C 267 21.45 5.24 -13.78
CA THR C 267 22.02 5.41 -12.46
C THR C 267 21.78 4.19 -11.58
N ALA C 268 20.89 3.29 -11.98
CA ALA C 268 20.62 2.08 -11.23
C ALA C 268 21.39 0.88 -11.75
N LEU C 269 22.10 1.03 -12.88
CA LEU C 269 22.97 -0.04 -13.30
C LEU C 269 24.28 0.06 -12.53
N ALA C 270 25.21 0.85 -13.06
CA ALA C 270 26.51 1.13 -12.39
C ALA C 270 27.45 -0.09 -12.43
N GLY C 271 27.02 -1.22 -11.88
CA GLY C 271 27.88 -2.43 -11.81
C GLY C 271 27.75 -3.32 -13.03
N ALA C 272 26.96 -2.96 -14.02
CA ALA C 272 26.79 -3.85 -15.20
C ALA C 272 27.62 -3.35 -16.39
N LEU C 273 28.48 -4.24 -16.90
CA LEU C 273 29.32 -3.98 -18.09
C LEU C 273 28.38 -3.83 -19.29
N GLU C 274 28.68 -2.89 -20.17
CA GLU C 274 27.84 -2.60 -21.36
C GLU C 274 28.46 -3.26 -22.60
N ALA C 275 27.65 -3.88 -23.46
CA ALA C 275 28.18 -4.56 -24.67
C ALA C 275 27.54 -3.99 -25.94
N GLU C 276 28.23 -4.12 -27.07
CA GLU C 276 27.81 -3.64 -28.35
C GLU C 276 27.10 -4.77 -29.06
N MET C 277 26.78 -4.58 -30.34
CA MET C 277 25.96 -5.54 -31.05
C MET C 277 26.18 -5.35 -32.54
N ASP C 278 26.75 -6.34 -33.21
CA ASP C 278 27.04 -6.27 -34.65
C ASP C 278 26.00 -7.03 -35.46
N GLY C 279 24.74 -6.95 -35.07
CA GLY C 279 23.69 -7.71 -35.71
C GLY C 279 22.74 -8.22 -34.65
N ALA C 280 22.55 -9.53 -34.60
CA ALA C 280 21.90 -10.16 -33.47
C ALA C 280 22.91 -10.69 -32.45
N LYS C 281 24.19 -10.64 -32.78
CA LYS C 281 25.26 -11.11 -31.90
C LYS C 281 25.73 -9.96 -31.04
N GLY C 282 25.77 -10.17 -29.73
CA GLY C 282 26.23 -9.11 -28.86
C GLY C 282 27.70 -9.21 -28.55
N ARG C 283 28.53 -8.44 -29.24
CA ARG C 283 29.97 -8.48 -29.01
C ARG C 283 30.28 -7.89 -27.65
N LEU C 284 31.04 -8.62 -26.86
CA LEU C 284 31.40 -8.16 -25.53
C LEU C 284 32.79 -7.56 -25.54
N SER C 285 33.08 -6.79 -24.51
CA SER C 285 34.41 -6.23 -24.30
C SER C 285 35.01 -6.73 -23.00
N SER C 286 34.49 -7.81 -22.44
CA SER C 286 34.93 -8.27 -21.13
C SER C 286 34.58 -9.73 -20.93
N GLY C 287 35.19 -10.33 -19.93
CA GLY C 287 35.08 -11.74 -19.64
C GLY C 287 36.45 -12.32 -19.40
N HIS C 288 36.53 -13.65 -19.44
CA HIS C 288 37.79 -14.38 -19.42
C HIS C 288 37.53 -15.81 -19.86
N LEU C 289 38.48 -16.38 -20.60
CA LEU C 289 38.50 -17.81 -20.85
C LEU C 289 39.31 -18.54 -19.81
N LYS C 290 39.59 -19.79 -20.11
CA LYS C 290 40.38 -20.67 -19.28
C LYS C 290 41.01 -21.66 -20.25
N CYS C 291 42.23 -21.39 -20.68
CA CYS C 291 42.77 -21.98 -21.88
C CYS C 291 44.04 -22.76 -21.55
N ARG C 292 44.03 -24.05 -21.84
CA ARG C 292 45.23 -24.86 -21.75
C ARG C 292 45.93 -24.88 -23.09
N LEU C 293 47.24 -24.66 -23.08
CA LEU C 293 48.01 -24.38 -24.27
C LEU C 293 48.90 -25.57 -24.60
N LYS C 294 48.38 -26.48 -25.41
CA LYS C 294 49.14 -27.67 -25.74
C LYS C 294 50.18 -27.33 -26.79
N MET C 295 51.45 -27.29 -26.37
CA MET C 295 52.57 -26.90 -27.22
C MET C 295 53.47 -28.05 -27.60
N ASP C 296 52.94 -29.27 -27.71
CA ASP C 296 53.75 -30.37 -28.20
C ASP C 296 54.03 -30.23 -29.69
N LYS C 297 53.07 -29.73 -30.46
CA LYS C 297 53.22 -29.63 -31.90
C LYS C 297 53.80 -28.30 -32.36
N LEU C 298 54.00 -27.35 -31.46
CA LEU C 298 54.52 -26.04 -31.82
C LEU C 298 56.04 -26.08 -31.78
N ARG C 299 56.67 -26.02 -32.95
CA ARG C 299 58.10 -26.12 -33.11
C ARG C 299 58.69 -24.77 -33.46
N LEU C 300 60.00 -24.68 -33.36
CA LEU C 300 60.72 -23.42 -33.57
C LEU C 300 61.02 -23.27 -35.05
N LYS C 301 60.70 -22.12 -35.61
CA LYS C 301 60.94 -21.90 -37.03
C LYS C 301 62.36 -21.45 -37.27
N GLY C 302 63.05 -22.15 -38.16
CA GLY C 302 64.38 -21.73 -38.53
C GLY C 302 65.44 -22.00 -37.50
N VAL C 303 65.51 -23.23 -37.00
CA VAL C 303 66.68 -23.62 -36.23
C VAL C 303 67.87 -23.79 -37.15
N SER C 304 67.64 -24.26 -38.37
CA SER C 304 68.69 -24.50 -39.34
C SER C 304 69.14 -23.25 -40.08
N TYR C 305 68.61 -22.08 -39.72
CA TYR C 305 68.98 -20.85 -40.43
C TYR C 305 70.37 -20.39 -40.06
N SER C 306 71.14 -20.03 -41.07
CA SER C 306 72.46 -19.46 -40.87
C SER C 306 72.33 -18.04 -40.32
N LEU C 307 73.38 -17.59 -39.63
CA LEU C 307 73.38 -16.26 -39.04
C LEU C 307 73.46 -15.18 -40.10
N CYS C 308 73.24 -13.95 -39.66
CA CYS C 308 73.29 -12.81 -40.56
C CYS C 308 74.73 -12.38 -40.77
N THR C 309 75.00 -11.75 -41.91
CA THR C 309 76.35 -11.29 -42.18
C THR C 309 76.71 -10.05 -41.37
N ALA C 310 76.05 -8.92 -41.61
CA ALA C 310 76.38 -7.65 -40.96
C ALA C 310 75.27 -6.64 -41.21
N ALA C 311 75.53 -5.40 -40.80
CA ALA C 311 74.77 -4.20 -41.17
C ALA C 311 73.32 -4.25 -40.65
N PHE C 312 73.23 -4.34 -39.33
CA PHE C 312 71.96 -4.05 -38.69
C PHE C 312 71.87 -2.58 -38.31
N THR C 313 70.73 -1.98 -38.60
CA THR C 313 70.53 -0.57 -38.34
C THR C 313 69.23 -0.43 -37.55
N PHE C 314 69.25 0.36 -36.48
CA PHE C 314 68.02 0.66 -35.77
C PHE C 314 67.07 1.44 -36.67
N THR C 315 65.80 1.09 -36.59
CA THR C 315 64.75 1.94 -37.14
C THR C 315 64.26 2.88 -36.04
N LYS C 316 64.13 2.36 -34.82
CA LYS C 316 63.67 3.14 -33.69
C LYS C 316 64.65 3.03 -32.53
N ILE C 317 64.63 4.02 -31.64
CA ILE C 317 65.33 3.87 -30.36
C ILE C 317 64.61 2.80 -29.55
N PRO C 318 65.32 1.88 -28.89
CA PRO C 318 64.65 0.92 -28.01
C PRO C 318 63.95 1.60 -26.84
N ALA C 319 62.77 1.07 -26.48
CA ALA C 319 61.99 1.64 -25.40
C ALA C 319 61.60 0.53 -24.44
N GLU C 320 61.40 0.91 -23.17
CA GLU C 320 61.05 -0.02 -22.11
C GLU C 320 59.53 -0.12 -22.04
N THR C 321 59.01 -1.34 -22.18
CA THR C 321 57.58 -1.54 -22.43
C THR C 321 56.80 -1.84 -21.15
N LEU C 322 56.91 -0.93 -20.19
CA LEU C 322 56.12 -0.82 -18.96
C LEU C 322 56.34 -1.95 -17.97
N HIS C 323 57.09 -2.98 -18.32
CA HIS C 323 57.31 -4.12 -17.45
C HIS C 323 58.78 -4.41 -17.25
N GLY C 324 59.67 -3.65 -17.88
CA GLY C 324 61.09 -3.93 -17.88
C GLY C 324 61.61 -4.45 -19.20
N THR C 325 60.77 -5.05 -20.03
CA THR C 325 61.21 -5.57 -21.30
C THR C 325 61.53 -4.44 -22.26
N VAL C 326 62.37 -4.73 -23.24
CA VAL C 326 62.88 -3.74 -24.17
C VAL C 326 62.55 -4.20 -25.57
N THR C 327 61.76 -3.41 -26.29
CA THR C 327 61.39 -3.74 -27.65
C THR C 327 62.32 -3.01 -28.61
N VAL C 328 62.96 -3.77 -29.48
CA VAL C 328 63.95 -3.26 -30.41
C VAL C 328 63.51 -3.61 -31.83
N GLU C 329 63.38 -2.60 -32.67
CA GLU C 329 63.14 -2.84 -34.09
C GLU C 329 64.39 -2.49 -34.86
N VAL C 330 64.96 -3.48 -35.53
CA VAL C 330 66.19 -3.33 -36.30
C VAL C 330 65.85 -3.39 -37.77
N GLN C 331 66.84 -3.09 -38.59
CA GLN C 331 66.68 -3.14 -40.04
C GLN C 331 67.91 -3.87 -40.59
N TYR C 332 67.70 -5.07 -41.09
CA TYR C 332 68.80 -5.81 -41.69
C TYR C 332 69.08 -5.28 -43.09
N ALA C 333 70.36 -5.03 -43.37
CA ALA C 333 70.79 -4.52 -44.67
C ALA C 333 71.62 -5.61 -45.35
N GLY C 334 71.03 -6.26 -46.35
CA GLY C 334 71.67 -7.37 -47.02
C GLY C 334 70.66 -8.38 -47.50
N THR C 335 71.12 -9.28 -48.37
CA THR C 335 70.26 -10.26 -49.03
C THR C 335 70.61 -11.70 -48.66
N ASP C 336 70.82 -11.97 -47.37
CA ASP C 336 71.04 -13.35 -46.96
C ASP C 336 69.81 -14.22 -47.13
N GLY C 337 68.62 -13.65 -47.02
CA GLY C 337 67.41 -14.40 -47.15
C GLY C 337 66.88 -14.82 -45.80
N PRO C 338 66.34 -16.03 -45.71
CA PRO C 338 65.87 -16.53 -44.42
C PRO C 338 67.00 -16.83 -43.47
N CYS C 339 67.49 -15.80 -42.80
CA CYS C 339 68.62 -15.87 -41.89
C CYS C 339 68.17 -15.54 -40.48
N LYS C 340 69.11 -15.67 -39.54
CA LYS C 340 68.81 -15.64 -38.12
C LYS C 340 69.60 -14.53 -37.45
N VAL C 341 68.90 -13.64 -36.75
CA VAL C 341 69.51 -12.44 -36.15
C VAL C 341 70.36 -12.80 -34.95
N PRO C 342 71.64 -12.42 -34.92
CA PRO C 342 72.52 -12.68 -33.77
C PRO C 342 72.47 -11.63 -32.67
N ALA C 343 71.43 -11.67 -31.85
CA ALA C 343 71.19 -10.65 -30.86
C ALA C 343 71.17 -11.24 -29.45
N GLN C 344 71.51 -10.40 -28.47
CA GLN C 344 71.66 -10.81 -27.08
C GLN C 344 71.73 -9.57 -26.20
N MET C 345 71.95 -9.82 -24.91
CA MET C 345 72.25 -8.78 -23.91
C MET C 345 73.66 -9.04 -23.41
N ALA C 346 74.49 -8.00 -23.37
CA ALA C 346 75.92 -8.20 -23.11
C ALA C 346 76.47 -7.21 -22.09
N VAL C 347 76.35 -7.58 -20.81
CA VAL C 347 77.22 -6.99 -19.80
C VAL C 347 78.64 -7.52 -20.05
N ASP C 348 79.64 -6.65 -19.89
CA ASP C 348 81.04 -6.84 -20.25
C ASP C 348 81.18 -7.11 -21.74
N MET C 349 80.88 -6.07 -22.55
CA MET C 349 80.86 -6.05 -24.01
C MET C 349 82.05 -6.72 -24.67
N GLN C 350 83.25 -6.56 -24.12
CA GLN C 350 84.46 -7.17 -24.68
C GLN C 350 84.47 -8.69 -24.55
N THR C 351 84.03 -9.24 -23.41
CA THR C 351 83.85 -10.69 -23.32
C THR C 351 82.65 -11.12 -24.15
N LEU C 352 81.64 -10.26 -24.25
CA LEU C 352 80.43 -10.43 -25.08
C LEU C 352 79.65 -11.67 -24.64
N THR C 353 79.21 -11.66 -23.40
CA THR C 353 78.54 -12.79 -22.79
C THR C 353 77.04 -12.53 -22.67
N PRO C 354 76.19 -13.55 -22.77
CA PRO C 354 74.76 -13.36 -22.48
C PRO C 354 74.52 -13.12 -21.00
N VAL C 355 73.66 -12.15 -20.67
CA VAL C 355 73.47 -11.76 -19.28
C VAL C 355 71.99 -11.76 -18.93
N GLY C 356 71.13 -11.57 -19.93
CA GLY C 356 69.70 -11.53 -19.71
C GLY C 356 68.99 -12.26 -20.84
N ARG C 357 67.80 -12.77 -20.54
CA ARG C 357 67.12 -13.61 -21.50
C ARG C 357 66.44 -12.77 -22.58
N LEU C 358 66.16 -13.43 -23.70
CA LEU C 358 65.57 -12.82 -24.88
C LEU C 358 64.11 -13.21 -24.94
N ILE C 359 63.22 -12.23 -25.12
CA ILE C 359 61.79 -12.53 -25.18
C ILE C 359 61.45 -13.22 -26.50
N THR C 360 61.78 -12.57 -27.62
CA THR C 360 61.56 -13.20 -28.92
C THR C 360 62.59 -14.30 -29.09
N ALA C 361 62.22 -15.53 -28.78
CA ALA C 361 63.10 -16.65 -29.03
C ALA C 361 63.20 -16.88 -30.54
N ASN C 362 64.43 -17.11 -31.00
CA ASN C 362 64.84 -17.21 -32.41
C ASN C 362 64.39 -15.99 -33.21
N PRO C 363 65.05 -14.83 -33.07
CA PRO C 363 64.77 -13.72 -33.99
C PRO C 363 65.27 -14.03 -35.39
N VAL C 364 64.40 -13.87 -36.38
CA VAL C 364 64.62 -14.38 -37.73
C VAL C 364 64.29 -13.27 -38.73
N ILE C 365 65.20 -13.01 -39.66
CA ILE C 365 64.86 -12.32 -40.90
C ILE C 365 64.31 -13.35 -41.87
N THR C 366 63.14 -13.10 -42.46
CA THR C 366 62.57 -14.03 -43.41
C THR C 366 62.71 -13.59 -44.86
N GLU C 367 62.44 -12.32 -45.16
CA GLU C 367 62.43 -11.88 -46.55
C GLU C 367 63.84 -11.78 -47.12
N SER C 368 63.98 -12.11 -48.39
CA SER C 368 65.25 -12.14 -49.09
C SER C 368 65.65 -10.79 -49.69
N THR C 369 64.86 -9.75 -49.45
CA THR C 369 65.17 -8.42 -49.95
C THR C 369 66.34 -7.82 -49.17
N GLU C 370 66.83 -6.67 -49.63
CA GLU C 370 68.02 -6.07 -49.04
C GLU C 370 67.71 -5.46 -47.67
N ASN C 371 66.63 -4.68 -47.58
CA ASN C 371 66.21 -4.06 -46.33
C ASN C 371 64.85 -4.60 -45.94
N SER C 372 64.82 -5.44 -44.90
CA SER C 372 63.59 -5.96 -44.33
C SER C 372 63.60 -5.61 -42.85
N LYS C 373 62.68 -4.74 -42.45
CA LYS C 373 62.60 -4.34 -41.05
C LYS C 373 62.10 -5.50 -40.21
N MET C 374 62.56 -5.55 -38.97
CA MET C 374 62.27 -6.67 -38.10
C MET C 374 62.41 -6.23 -36.66
N MET C 375 61.59 -6.82 -35.80
CA MET C 375 61.40 -6.34 -34.45
C MET C 375 61.66 -7.45 -33.45
N LEU C 376 62.45 -7.13 -32.43
CA LEU C 376 62.74 -8.04 -31.34
C LEU C 376 62.01 -7.61 -30.08
N GLU C 377 62.37 -8.28 -28.98
CA GLU C 377 62.01 -7.85 -27.64
C GLU C 377 63.00 -8.53 -26.70
N LEU C 378 63.50 -7.79 -25.72
CA LEU C 378 64.56 -8.28 -24.88
C LEU C 378 64.18 -8.05 -23.42
N ASP C 379 64.70 -8.88 -22.53
CA ASP C 379 64.46 -8.73 -21.09
C ASP C 379 65.79 -8.50 -20.38
N PRO C 380 66.23 -7.25 -20.23
CA PRO C 380 67.52 -6.97 -19.61
C PRO C 380 67.51 -7.23 -18.12
N PRO C 381 68.68 -7.45 -17.52
CA PRO C 381 68.76 -7.52 -16.06
C PRO C 381 68.70 -6.13 -15.44
N PHE C 382 68.52 -6.11 -14.13
CA PHE C 382 68.38 -4.86 -13.39
C PHE C 382 69.74 -4.21 -13.21
N GLY C 383 70.10 -3.33 -14.13
CA GLY C 383 71.36 -2.64 -14.05
C GLY C 383 71.83 -2.20 -15.42
N ASP C 384 73.06 -1.72 -15.51
CA ASP C 384 73.66 -1.28 -16.76
C ASP C 384 73.94 -2.49 -17.62
N SER C 385 73.54 -2.42 -18.89
CA SER C 385 73.66 -3.54 -19.79
C SER C 385 73.64 -3.05 -21.23
N TYR C 386 73.95 -3.93 -22.16
CA TYR C 386 74.18 -3.55 -23.54
C TYR C 386 73.40 -4.44 -24.48
N ILE C 387 72.90 -3.86 -25.55
CA ILE C 387 72.05 -4.59 -26.48
C ILE C 387 72.85 -4.84 -27.76
N VAL C 388 73.51 -5.99 -27.85
CA VAL C 388 74.33 -6.29 -29.00
C VAL C 388 73.52 -7.06 -30.02
N ILE C 389 73.29 -6.46 -31.19
CA ILE C 389 72.36 -7.02 -32.18
C ILE C 389 73.14 -7.31 -33.45
N GLY C 390 74.36 -7.79 -33.31
CA GLY C 390 75.12 -8.06 -34.52
C GLY C 390 76.30 -8.97 -34.24
N VAL C 391 77.03 -9.25 -35.31
CA VAL C 391 78.20 -10.11 -35.27
C VAL C 391 79.35 -9.37 -35.94
N GLY C 392 80.51 -9.36 -35.28
CA GLY C 392 81.68 -8.71 -35.84
C GLY C 392 81.87 -7.28 -35.41
N GLU C 393 82.45 -6.45 -36.28
CA GLU C 393 82.67 -5.04 -35.98
C GLU C 393 81.49 -4.17 -36.39
N LYS C 394 80.62 -4.64 -37.29
CA LYS C 394 79.40 -3.94 -37.64
C LYS C 394 78.23 -4.32 -36.75
N LYS C 395 78.50 -4.81 -35.54
CA LYS C 395 77.45 -5.00 -34.57
C LYS C 395 77.01 -3.65 -34.03
N ILE C 396 75.77 -3.55 -33.62
CA ILE C 396 75.23 -2.35 -33.00
C ILE C 396 75.06 -2.64 -31.51
N THR C 397 75.74 -1.85 -30.69
CA THR C 397 75.70 -2.03 -29.25
C THR C 397 75.09 -0.81 -28.59
N HIS C 398 73.95 -1.02 -27.95
CA HIS C 398 73.23 0.09 -27.34
C HIS C 398 73.24 -0.10 -25.83
N HIS C 399 73.78 0.88 -25.12
CA HIS C 399 73.81 0.87 -23.66
C HIS C 399 72.40 1.03 -23.13
N TRP C 400 71.96 0.10 -22.30
CA TRP C 400 70.64 0.14 -21.71
C TRP C 400 70.75 0.11 -20.20
N HIS C 401 69.90 0.91 -19.54
CA HIS C 401 69.81 0.88 -18.08
C HIS C 401 68.37 0.60 -17.70
N ARG C 402 68.15 -0.51 -17.00
CA ARG C 402 66.80 -0.89 -16.57
C ARG C 402 66.57 -0.36 -15.17
N SER C 403 65.70 0.65 -15.07
CA SER C 403 65.36 1.24 -13.78
C SER C 403 64.46 0.30 -13.00
N GLY C 404 64.98 -0.26 -11.91
CA GLY C 404 64.20 -1.16 -11.10
C GLY C 404 65.10 -1.99 -10.20
N SER C 405 64.50 -3.02 -9.62
CA SER C 405 65.22 -3.92 -8.73
C SER C 405 64.56 -5.28 -8.76
N THR C 406 65.22 -6.26 -8.13
CA THR C 406 64.68 -7.61 -8.06
C THR C 406 63.48 -7.67 -7.12
N ILE C 407 63.58 -7.02 -5.96
CA ILE C 407 62.45 -6.97 -5.05
C ILE C 407 61.39 -6.00 -5.54
N GLY C 408 61.75 -5.09 -6.44
CA GLY C 408 60.75 -4.26 -7.09
C GLY C 408 59.94 -5.03 -8.10
N LYS C 409 60.58 -5.98 -8.79
CA LYS C 409 59.84 -6.86 -9.69
C LYS C 409 59.01 -7.86 -8.89
N ALA C 410 59.50 -8.29 -7.73
CA ALA C 410 58.76 -9.23 -6.91
C ALA C 410 57.57 -8.57 -6.23
N PHE C 411 57.65 -7.27 -5.98
CA PHE C 411 56.49 -6.55 -5.49
C PHE C 411 55.54 -6.15 -6.62
N GLU C 412 56.08 -5.96 -7.83
CA GLU C 412 55.23 -5.67 -8.97
C GLU C 412 54.43 -6.89 -9.40
N ALA C 413 54.97 -8.09 -9.20
CA ALA C 413 54.26 -9.32 -9.51
C ALA C 413 53.42 -9.82 -8.34
N THR C 414 53.64 -9.29 -7.14
CA THR C 414 52.77 -9.62 -6.02
C THR C 414 51.45 -8.90 -6.13
N VAL C 415 51.48 -7.61 -6.49
CA VAL C 415 50.26 -6.86 -6.73
C VAL C 415 49.57 -7.37 -7.99
N ARG C 416 50.36 -7.87 -8.95
CA ARG C 416 49.81 -8.34 -10.21
C ARG C 416 49.00 -9.61 -10.04
N GLY C 417 49.44 -10.51 -9.17
CA GLY C 417 48.66 -11.67 -8.84
C GLY C 417 47.64 -11.44 -7.76
N ALA C 418 47.66 -10.27 -7.12
CA ALA C 418 46.62 -9.90 -6.17
C ALA C 418 45.49 -9.15 -6.85
N LYS C 419 45.80 -8.40 -7.90
CA LYS C 419 44.74 -7.84 -8.74
C LYS C 419 44.04 -8.93 -9.53
N ARG C 420 44.79 -9.94 -9.99
CA ARG C 420 44.19 -11.04 -10.74
C ARG C 420 43.33 -11.90 -9.84
N MET C 421 43.71 -12.04 -8.58
CA MET C 421 42.95 -12.86 -7.64
C MET C 421 41.73 -12.11 -7.11
N ALA C 422 41.74 -10.77 -7.21
CA ALA C 422 40.53 -10.03 -6.89
C ALA C 422 39.55 -10.03 -8.05
N VAL C 423 40.06 -10.04 -9.29
CA VAL C 423 39.18 -10.05 -10.44
C VAL C 423 38.59 -11.45 -10.65
N LEU C 424 39.43 -12.47 -10.67
CA LEU C 424 39.01 -13.82 -11.00
C LEU C 424 38.63 -14.62 -9.77
N GLY C 425 39.49 -14.68 -8.79
CA GLY C 425 39.23 -15.42 -7.57
C GLY C 425 39.70 -16.87 -7.67
N ASP C 426 38.77 -17.77 -7.95
CA ASP C 426 39.10 -19.19 -8.05
C ASP C 426 39.95 -19.46 -9.28
N THR C 427 39.71 -18.71 -10.36
CA THR C 427 40.33 -19.02 -11.65
C THR C 427 41.76 -18.50 -11.70
N ALA C 428 42.10 -17.54 -10.84
CA ALA C 428 43.43 -16.95 -10.83
C ALA C 428 44.51 -17.87 -10.26
N TRP C 429 44.12 -19.03 -9.72
CA TRP C 429 45.08 -20.03 -9.29
C TRP C 429 45.55 -20.91 -10.43
N ASP C 430 44.96 -20.78 -11.61
CA ASP C 430 45.40 -21.56 -12.75
C ASP C 430 45.85 -20.66 -13.88
N PHE C 431 46.62 -19.62 -13.58
CA PHE C 431 47.06 -18.75 -14.66
C PHE C 431 48.36 -19.22 -15.29
N GLY C 432 49.24 -19.85 -14.52
CA GLY C 432 50.44 -20.40 -15.11
C GLY C 432 50.65 -21.77 -14.52
N SER C 433 49.56 -22.40 -14.12
CA SER C 433 49.64 -23.67 -13.42
C SER C 433 49.95 -24.78 -14.40
N VAL C 434 50.83 -25.69 -13.99
CA VAL C 434 51.14 -26.86 -14.78
C VAL C 434 50.53 -28.12 -14.21
N GLY C 435 49.73 -28.00 -13.16
CA GLY C 435 49.14 -29.15 -12.53
C GLY C 435 49.98 -29.57 -11.34
N GLY C 436 49.55 -29.24 -10.14
CA GLY C 436 50.35 -29.48 -8.96
C GLY C 436 49.52 -30.05 -7.84
N ALA C 437 50.22 -30.56 -6.83
CA ALA C 437 49.60 -30.98 -5.59
C ALA C 437 49.41 -29.83 -4.62
N LEU C 438 49.88 -28.63 -4.98
CA LEU C 438 49.70 -27.44 -4.17
C LEU C 438 48.92 -26.36 -4.88
N ASN C 439 49.16 -26.14 -6.18
CA ASN C 439 48.38 -25.17 -6.93
C ASN C 439 46.99 -25.67 -7.28
N SER C 440 46.71 -26.96 -7.10
CA SER C 440 45.35 -27.47 -7.13
C SER C 440 44.83 -27.80 -5.74
N LEU C 441 45.67 -27.64 -4.71
CA LEU C 441 45.21 -27.64 -3.33
C LEU C 441 44.97 -26.22 -2.84
N GLY C 442 45.84 -25.29 -3.24
CA GLY C 442 45.59 -23.89 -2.97
C GLY C 442 44.40 -23.33 -3.71
N LYS C 443 44.05 -23.93 -4.85
CA LYS C 443 42.82 -23.54 -5.53
C LYS C 443 41.61 -24.13 -4.85
N GLY C 444 41.70 -25.39 -4.41
CA GLY C 444 40.57 -26.03 -3.76
C GLY C 444 40.26 -25.44 -2.40
N ILE C 445 41.28 -24.95 -1.70
CA ILE C 445 41.03 -24.26 -0.44
C ILE C 445 40.52 -22.85 -0.70
N HIS C 446 40.74 -22.31 -1.89
CA HIS C 446 40.22 -21.00 -2.27
C HIS C 446 38.84 -21.08 -2.87
N GLN C 447 38.54 -22.15 -3.60
CA GLN C 447 37.22 -22.34 -4.17
C GLN C 447 36.19 -22.61 -3.09
N ILE C 448 36.59 -23.22 -1.98
CA ILE C 448 35.71 -23.42 -0.84
C ILE C 448 35.44 -22.09 -0.14
N PHE C 449 36.49 -21.34 0.15
CA PHE C 449 36.31 -20.02 0.78
C PHE C 449 35.69 -19.02 -0.18
N GLY C 450 35.95 -19.14 -1.48
CA GLY C 450 35.35 -18.22 -2.43
C GLY C 450 33.86 -18.40 -2.55
N ALA C 451 33.36 -19.63 -2.40
CA ALA C 451 31.92 -19.85 -2.40
C ALA C 451 31.32 -19.47 -1.05
N ALA C 452 32.10 -19.48 0.01
CA ALA C 452 31.66 -19.03 1.33
C ALA C 452 31.97 -17.56 1.55
N PHE C 453 32.22 -16.82 0.50
CA PHE C 453 32.34 -15.37 0.50
C PHE C 453 31.41 -14.74 -0.52
N LYS C 454 31.26 -15.37 -1.68
CA LYS C 454 30.30 -14.95 -2.68
C LYS C 454 28.87 -15.23 -2.24
N SER C 455 28.67 -16.15 -1.29
CA SER C 455 27.36 -16.33 -0.68
C SER C 455 27.23 -15.61 0.64
N LEU C 456 28.35 -15.38 1.34
CA LEU C 456 28.24 -14.79 2.68
C LEU C 456 28.04 -13.28 2.58
N PHE C 457 29.04 -12.57 2.09
CA PHE C 457 28.86 -11.14 1.85
C PHE C 457 28.29 -10.93 0.45
N GLY C 458 29.11 -11.16 -0.57
CA GLY C 458 28.68 -11.51 -1.92
C GLY C 458 27.74 -10.61 -2.71
N GLY C 459 27.24 -9.55 -2.10
CA GLY C 459 26.26 -8.69 -2.73
C GLY C 459 26.49 -7.27 -2.30
N MET C 460 27.69 -7.01 -1.79
CA MET C 460 28.08 -5.71 -1.29
C MET C 460 28.64 -4.86 -2.41
N SER C 461 28.44 -3.56 -2.28
CA SER C 461 28.96 -2.62 -3.26
C SER C 461 30.41 -2.30 -2.93
N TRP C 462 30.95 -1.28 -3.59
CA TRP C 462 32.31 -0.83 -3.28
C TRP C 462 32.36 -0.17 -1.91
N PHE C 463 31.33 0.60 -1.56
CA PHE C 463 31.40 1.41 -0.37
C PHE C 463 31.18 0.59 0.90
N SER C 464 30.31 -0.42 0.85
CA SER C 464 30.05 -1.14 2.09
C SER C 464 31.13 -2.14 2.43
N GLN C 465 31.91 -2.61 1.45
CA GLN C 465 33.03 -3.48 1.79
C GLN C 465 34.12 -2.74 2.55
N ILE C 466 34.14 -1.49 2.35
CA ILE C 466 35.04 -0.58 3.05
C ILE C 466 34.35 -0.16 4.34
N LEU C 467 33.06 -0.43 4.50
CA LEU C 467 32.30 -0.06 5.69
C LEU C 467 32.15 -1.23 6.65
N ILE C 468 31.97 -2.45 6.15
CA ILE C 468 31.96 -3.61 7.04
C ILE C 468 33.33 -4.26 7.01
N GLY C 469 34.28 -3.60 6.36
CA GLY C 469 35.67 -3.97 6.50
C GLY C 469 36.29 -3.19 7.64
N THR C 470 35.89 -1.92 7.76
CA THR C 470 36.33 -1.11 8.89
C THR C 470 35.73 -1.59 10.19
N LEU C 471 34.51 -2.15 10.12
CA LEU C 471 33.88 -2.69 11.32
C LEU C 471 34.59 -3.95 11.80
N LEU C 472 35.08 -4.78 10.87
CA LEU C 472 35.86 -5.95 11.24
C LEU C 472 37.32 -5.60 11.53
N MET C 473 37.76 -4.42 11.12
CA MET C 473 39.03 -3.89 11.63
C MET C 473 38.94 -3.63 13.13
N TRP C 474 37.84 -3.01 13.58
CA TRP C 474 37.66 -2.76 15.00
C TRP C 474 37.37 -4.06 15.75
N LEU C 475 36.87 -5.07 15.05
CA LEU C 475 36.80 -6.40 15.63
C LEU C 475 38.09 -7.18 15.39
N GLY C 476 39.05 -6.58 14.71
CA GLY C 476 40.35 -7.21 14.56
C GLY C 476 41.42 -6.55 15.42
N LEU C 477 41.18 -5.33 15.87
CA LEU C 477 42.00 -4.70 16.88
C LEU C 477 41.44 -4.91 18.28
N ASN C 478 40.26 -5.48 18.40
CA ASN C 478 39.64 -5.78 19.69
C ASN C 478 39.06 -7.18 19.61
N THR C 479 38.33 -7.55 20.68
CA THR C 479 37.74 -8.88 20.89
C THR C 479 38.82 -9.97 20.81
N LYS C 480 39.68 -9.92 21.84
CA LYS C 480 40.80 -10.85 21.95
C LYS C 480 40.29 -12.27 22.18
N ASN C 481 40.40 -13.09 21.15
CA ASN C 481 39.82 -14.43 21.14
C ASN C 481 40.54 -15.22 20.06
N GLY C 482 40.21 -16.52 19.97
CA GLY C 482 40.67 -17.33 18.86
C GLY C 482 40.15 -16.88 17.51
N SER C 483 38.97 -16.25 17.49
CA SER C 483 38.44 -15.63 16.27
C SER C 483 38.91 -14.18 16.14
N ILE C 484 40.21 -13.98 16.30
CA ILE C 484 40.87 -12.74 15.91
C ILE C 484 41.45 -12.86 14.50
N SER C 485 41.79 -14.07 14.06
CA SER C 485 42.07 -14.31 12.66
C SER C 485 40.83 -14.09 11.80
N LEU C 486 39.70 -14.67 12.19
CA LEU C 486 38.46 -14.64 11.41
C LEU C 486 37.88 -13.25 11.26
N MET C 487 38.26 -12.29 12.09
CA MET C 487 37.87 -10.90 11.91
C MET C 487 38.94 -10.09 11.20
N CYS C 488 40.15 -10.62 11.08
CA CYS C 488 41.18 -10.06 10.23
C CYS C 488 41.33 -10.78 8.91
N LEU C 489 40.87 -12.02 8.82
CA LEU C 489 40.78 -12.72 7.54
C LEU C 489 39.72 -12.07 6.65
N ALA C 490 38.64 -11.58 7.24
CA ALA C 490 37.66 -10.78 6.54
C ALA C 490 37.92 -9.29 6.70
N LEU C 491 39.16 -8.90 6.94
CA LEU C 491 39.62 -7.52 6.82
C LEU C 491 40.29 -7.28 5.49
N GLY C 492 41.38 -8.00 5.21
CA GLY C 492 42.01 -7.92 3.91
C GLY C 492 41.19 -8.52 2.80
N GLY C 493 40.46 -9.60 3.08
CA GLY C 493 39.62 -10.22 2.08
C GLY C 493 38.44 -9.39 1.65
N VAL C 494 38.12 -8.32 2.39
CA VAL C 494 36.98 -7.46 2.10
C VAL C 494 37.42 -6.07 1.67
N LEU C 495 38.41 -5.49 2.34
CA LEU C 495 39.05 -4.17 2.02
C LEU C 495 39.91 -4.15 0.77
N ILE C 496 40.66 -5.21 0.41
CA ILE C 496 41.50 -5.29 -0.78
C ILE C 496 40.69 -5.75 -1.98
N PHE C 497 39.63 -6.48 -1.71
CA PHE C 497 38.64 -6.78 -2.77
C PHE C 497 38.02 -5.43 -3.13
N LEU C 498 37.86 -4.56 -2.13
CA LEU C 498 37.17 -3.24 -2.28
C LEU C 498 38.03 -2.16 -2.90
N SER C 499 39.33 -2.20 -2.74
CA SER C 499 40.14 -1.18 -3.43
C SER C 499 40.67 -1.72 -4.77
N THR C 500 41.46 -2.75 -4.72
CA THR C 500 42.13 -3.01 -5.99
C THR C 500 41.07 -3.05 -7.10
N ALA C 501 40.52 -1.88 -7.38
CA ALA C 501 39.50 -1.74 -8.40
C ALA C 501 39.99 -0.85 -9.53
N ALA D 1 8.46 2.24 -9.73
CA ALA D 1 9.64 2.84 -10.36
C ALA D 1 10.40 3.65 -9.33
N VAL D 2 9.80 3.77 -8.15
CA VAL D 2 10.41 4.51 -7.06
C VAL D 2 11.46 3.68 -6.34
N THR D 3 11.56 2.40 -6.65
CA THR D 3 12.41 1.44 -5.95
C THR D 3 13.21 0.59 -6.94
N LEU D 4 13.87 1.24 -7.90
CA LEU D 4 14.81 0.57 -8.80
C LEU D 4 15.94 -0.06 -8.00
N PRO D 5 16.18 -1.34 -8.12
CA PRO D 5 17.26 -1.98 -7.36
C PRO D 5 18.62 -1.57 -7.90
N SER D 6 19.57 -1.42 -7.01
CA SER D 6 20.93 -1.13 -7.44
C SER D 6 21.57 -2.39 -7.97
N HIS D 7 22.08 -2.32 -9.19
CA HIS D 7 22.91 -3.36 -9.78
C HIS D 7 24.36 -3.27 -9.31
N SER D 8 24.67 -2.31 -8.44
CA SER D 8 25.96 -2.27 -7.78
C SER D 8 26.14 -3.42 -6.81
N THR D 9 25.05 -4.07 -6.38
CA THR D 9 25.13 -5.28 -5.60
C THR D 9 25.79 -6.40 -6.41
N ARG D 10 25.18 -6.75 -7.53
CA ARG D 10 25.74 -7.77 -8.41
C ARG D 10 26.67 -7.14 -9.44
N LYS D 11 27.77 -6.56 -8.94
CA LYS D 11 28.71 -5.90 -9.83
C LYS D 11 29.51 -6.94 -10.59
N LEU D 12 29.52 -6.82 -11.90
CA LEU D 12 30.25 -7.75 -12.76
C LEU D 12 31.74 -7.51 -12.56
N GLN D 13 32.38 -8.37 -11.78
CA GLN D 13 33.78 -8.18 -11.42
C GLN D 13 34.64 -8.69 -12.57
N THR D 14 35.42 -7.80 -13.15
CA THR D 14 36.18 -8.10 -14.36
C THR D 14 37.30 -7.07 -14.50
N ARG D 15 38.01 -7.12 -15.62
CA ARG D 15 39.06 -6.16 -15.95
C ARG D 15 38.52 -4.88 -16.55
N SER D 16 37.53 -4.98 -17.42
CA SER D 16 36.92 -3.81 -18.03
C SER D 16 36.15 -3.04 -16.97
N GLN D 17 36.30 -1.72 -16.95
CA GLN D 17 35.57 -0.94 -15.97
C GLN D 17 34.10 -0.86 -16.37
N THR D 18 33.24 -0.84 -15.36
CA THR D 18 31.82 -1.05 -15.57
C THR D 18 31.12 0.22 -16.06
N TRP D 19 29.79 0.25 -15.95
CA TRP D 19 29.01 1.35 -16.50
C TRP D 19 29.26 2.66 -15.78
N LEU D 20 29.16 2.65 -14.45
CA LEU D 20 29.51 3.84 -13.67
C LEU D 20 30.42 3.36 -12.55
N GLU D 21 31.71 3.29 -12.81
CA GLU D 21 32.64 3.01 -11.73
C GLU D 21 33.30 4.27 -11.22
N SER D 22 33.53 5.24 -12.12
CA SER D 22 34.05 6.53 -11.69
C SER D 22 33.06 7.25 -10.80
N ARG D 23 31.78 7.16 -11.15
CA ARG D 23 30.71 7.82 -10.40
C ARG D 23 30.11 6.84 -9.39
N GLU D 24 30.99 6.20 -8.64
CA GLU D 24 30.59 5.17 -7.68
C GLU D 24 31.35 5.25 -6.38
N TYR D 25 32.55 5.82 -6.39
CA TYR D 25 33.40 5.88 -5.21
C TYR D 25 32.96 6.98 -4.28
N THR D 26 32.47 8.09 -4.84
CA THR D 26 31.95 9.21 -4.10
C THR D 26 30.43 9.32 -4.25
N LYS D 27 29.76 8.21 -4.52
CA LYS D 27 28.31 8.22 -4.63
C LYS D 27 27.64 8.31 -3.27
N HIS D 28 27.99 7.38 -2.38
CA HIS D 28 27.37 7.36 -1.06
C HIS D 28 27.96 8.39 -0.12
N LEU D 29 29.15 8.92 -0.41
CA LEU D 29 29.72 9.94 0.45
C LEU D 29 28.97 11.25 0.29
N ILE D 30 28.42 11.51 -0.89
CA ILE D 30 27.70 12.75 -1.11
C ILE D 30 26.36 12.73 -0.37
N ARG D 31 25.55 11.68 -0.56
CA ARG D 31 24.22 11.63 0.03
C ARG D 31 24.23 11.57 1.54
N VAL D 32 25.34 11.18 2.16
CA VAL D 32 25.49 11.41 3.59
C VAL D 32 25.86 12.86 3.87
N GLU D 33 26.90 13.36 3.22
CA GLU D 33 27.37 14.72 3.46
C GLU D 33 26.41 15.78 2.93
N ASN D 34 25.56 15.45 1.96
CA ASN D 34 24.53 16.40 1.54
C ASN D 34 23.40 16.43 2.56
N TRP D 35 23.17 15.32 3.26
CA TRP D 35 22.12 15.31 4.25
C TRP D 35 22.58 15.95 5.56
N ILE D 36 23.83 15.69 5.96
CA ILE D 36 24.36 16.28 7.19
C ILE D 36 24.52 17.78 7.04
N PHE D 37 24.88 18.25 5.83
CA PHE D 37 24.99 19.68 5.59
C PHE D 37 23.63 20.37 5.62
N ARG D 38 22.56 19.66 5.29
CA ARG D 38 21.23 20.24 5.36
C ARG D 38 20.54 19.97 6.68
N ASN D 39 20.87 18.87 7.37
CA ASN D 39 20.32 18.56 8.68
C ASN D 39 21.45 18.39 9.68
N PRO D 40 22.07 19.49 10.12
CA PRO D 40 23.20 19.37 11.04
C PRO D 40 22.81 19.05 12.46
N GLY D 41 21.56 19.35 12.84
CA GLY D 41 21.13 19.13 14.20
C GLY D 41 20.86 17.69 14.54
N PHE D 42 20.85 16.80 13.54
CA PHE D 42 20.60 15.40 13.82
C PHE D 42 21.82 14.72 14.43
N ALA D 43 23.01 15.31 14.24
CA ALA D 43 24.19 14.79 14.89
C ALA D 43 24.10 14.91 16.41
N LEU D 44 23.40 15.92 16.90
CA LEU D 44 23.07 15.99 18.32
C LEU D 44 22.06 14.91 18.68
N ALA D 45 21.11 14.64 17.79
CA ALA D 45 20.09 13.62 18.06
C ALA D 45 20.64 12.23 17.87
N ALA D 46 21.69 12.08 17.07
CA ALA D 46 22.31 10.76 16.91
C ALA D 46 23.24 10.46 18.07
N ALA D 47 23.95 11.47 18.57
CA ALA D 47 24.81 11.26 19.73
C ALA D 47 24.01 11.08 21.01
N ALA D 48 22.84 11.71 21.10
CA ALA D 48 22.00 11.55 22.28
C ALA D 48 21.39 10.17 22.40
N ILE D 49 21.21 9.46 21.29
CA ILE D 49 20.73 8.09 21.32
C ILE D 49 21.88 7.11 21.43
N ALA D 50 23.02 7.43 20.82
CA ALA D 50 24.19 6.55 20.90
C ALA D 50 24.77 6.50 22.31
N TRP D 51 24.73 7.62 23.03
CA TRP D 51 25.27 7.64 24.39
C TRP D 51 24.38 6.87 25.35
N LEU D 52 23.07 6.82 25.10
CA LEU D 52 22.18 5.98 25.89
C LEU D 52 22.19 4.53 25.45
N LEU D 53 22.66 4.25 24.23
CA LEU D 53 22.78 2.89 23.75
C LEU D 53 24.15 2.27 24.00
N GLY D 54 25.20 3.08 24.00
CA GLY D 54 26.55 2.54 24.06
C GLY D 54 26.95 2.11 25.45
N SER D 55 27.32 0.84 25.59
CA SER D 55 27.88 0.35 26.84
C SER D 55 29.37 0.70 26.91
N SER D 56 30.15 0.20 25.97
CA SER D 56 31.56 0.53 25.92
C SER D 56 31.74 1.95 25.39
N THR D 57 32.97 2.48 25.53
CA THR D 57 33.23 3.83 25.04
C THR D 57 33.30 3.84 23.52
N SER D 58 33.76 2.76 22.91
CA SER D 58 33.82 2.64 21.47
C SER D 58 32.70 1.77 20.91
N GLN D 59 31.69 1.48 21.71
CA GLN D 59 30.45 0.89 21.23
C GLN D 59 29.40 1.95 20.92
N LYS D 60 29.45 3.10 21.62
CA LYS D 60 28.58 4.22 21.26
C LYS D 60 29.09 4.93 20.02
N VAL D 61 30.38 4.74 19.70
CA VAL D 61 30.95 5.38 18.52
C VAL D 61 30.43 4.73 17.25
N ILE D 62 30.29 3.40 17.25
CA ILE D 62 29.73 2.69 16.12
C ILE D 62 28.25 2.99 15.98
N TYR D 63 27.53 3.03 17.11
CA TYR D 63 26.17 3.57 17.18
C TYR D 63 26.04 4.99 16.65
N LEU D 64 27.01 5.86 16.88
CA LEU D 64 26.95 7.20 16.31
C LEU D 64 27.12 7.16 14.80
N VAL D 65 27.94 6.22 14.31
CA VAL D 65 28.10 6.06 12.86
C VAL D 65 26.81 5.53 12.25
N MET D 66 26.31 4.41 12.74
CA MET D 66 25.28 3.67 12.05
C MET D 66 23.91 4.34 12.16
N ILE D 67 23.73 5.29 13.07
CA ILE D 67 22.54 6.13 13.02
C ILE D 67 22.70 7.21 11.96
N LEU D 68 23.90 7.78 11.83
CA LEU D 68 24.17 8.77 10.81
C LEU D 68 24.39 8.18 9.42
N LEU D 69 24.17 6.88 9.24
CA LEU D 69 24.24 6.22 7.96
C LEU D 69 22.94 5.54 7.56
N ILE D 70 22.07 5.23 8.52
CA ILE D 70 20.71 4.81 8.19
C ILE D 70 19.85 6.04 7.86
N ALA D 71 20.03 7.11 8.62
CA ALA D 71 19.19 8.29 8.46
C ALA D 71 19.32 9.02 7.12
N PRO D 72 20.50 9.24 6.51
CA PRO D 72 20.49 9.84 5.17
C PRO D 72 20.03 8.89 4.08
N ALA D 73 19.95 7.59 4.36
CA ALA D 73 19.44 6.63 3.40
C ALA D 73 18.00 6.22 3.66
N TYR D 74 17.53 6.39 4.91
CA TYR D 74 16.17 6.06 5.36
C TYR D 74 15.84 4.57 5.17
N SER D 75 16.85 3.73 5.18
CA SER D 75 16.68 2.32 4.89
C SER D 75 17.60 1.51 5.76
N ILE E 1 -23.16 24.78 4.46
CA ILE E 1 -23.38 24.89 3.04
C ILE E 1 -22.10 25.45 2.46
N ARG E 2 -21.62 24.76 1.41
CA ARG E 2 -20.30 24.75 0.76
C ARG E 2 -19.30 23.96 1.59
N CYS E 3 -19.63 23.66 2.84
CA CYS E 3 -18.75 22.87 3.66
C CYS E 3 -19.48 21.70 4.29
N ILE E 4 -20.74 21.48 3.91
CA ILE E 4 -21.60 20.58 4.65
C ILE E 4 -21.43 19.13 4.23
N GLY E 5 -20.71 18.86 3.15
CA GLY E 5 -20.47 17.49 2.73
C GLY E 5 -19.03 17.10 2.88
N VAL E 6 -18.23 18.01 3.41
CA VAL E 6 -16.78 17.84 3.50
C VAL E 6 -16.46 16.98 4.70
N SER E 7 -15.52 16.03 4.53
CA SER E 7 -15.06 15.24 5.67
C SER E 7 -14.23 16.05 6.64
N ASN E 8 -13.54 17.09 6.17
CA ASN E 8 -12.63 17.86 6.98
C ASN E 8 -13.25 19.20 7.40
N ARG E 9 -14.54 19.19 7.67
CA ARG E 9 -15.20 20.38 8.20
C ARG E 9 -14.86 20.54 9.67
N ASP E 10 -14.63 21.78 10.09
CA ASP E 10 -14.29 22.09 11.48
C ASP E 10 -15.25 23.13 12.03
N PHE E 11 -15.65 22.92 13.28
CA PHE E 11 -16.64 23.78 13.92
C PHE E 11 -15.92 24.70 14.88
N VAL E 12 -16.06 26.01 14.64
CA VAL E 12 -15.42 27.02 15.46
C VAL E 12 -16.52 27.78 16.19
N GLU E 13 -16.71 27.47 17.47
CA GLU E 13 -17.71 28.13 18.27
C GLU E 13 -17.08 28.61 19.56
N GLY E 14 -17.65 29.68 20.10
CA GLY E 14 -17.10 30.31 21.28
C GLY E 14 -16.14 31.42 20.89
N MET E 15 -16.47 32.65 21.25
CA MET E 15 -15.73 33.82 20.81
C MET E 15 -15.33 34.68 22.01
N SER E 16 -14.63 35.77 21.71
CA SER E 16 -14.20 36.71 22.75
C SER E 16 -15.34 37.71 23.03
N GLY E 17 -16.41 37.19 23.62
CA GLY E 17 -17.59 37.97 23.87
C GLY E 17 -18.41 38.29 22.64
N GLY E 18 -18.14 37.63 21.52
CA GLY E 18 -18.77 37.96 20.26
C GLY E 18 -17.98 38.89 19.37
N THR E 19 -16.74 39.23 19.75
CA THR E 19 -15.97 40.16 18.94
C THR E 19 -15.29 39.45 17.76
N TRP E 20 -14.40 38.51 18.05
CA TRP E 20 -13.65 37.84 17.00
C TRP E 20 -13.27 36.44 17.45
N VAL E 21 -12.98 35.58 16.47
CA VAL E 21 -12.33 34.31 16.72
C VAL E 21 -11.27 34.11 15.64
N ASP E 22 -10.13 33.58 16.05
CA ASP E 22 -8.94 33.49 15.20
C ASP E 22 -8.89 32.07 14.65
N VAL E 23 -9.00 31.95 13.33
CA VAL E 23 -9.17 30.65 12.70
C VAL E 23 -8.00 30.41 11.74
N VAL E 24 -7.72 29.13 11.46
CA VAL E 24 -6.64 28.73 10.57
C VAL E 24 -7.28 28.02 9.39
N LEU E 25 -7.37 28.72 8.26
CA LEU E 25 -8.04 28.18 7.10
C LEU E 25 -7.06 27.30 6.35
N GLU E 26 -7.12 26.00 6.60
CA GLU E 26 -6.35 25.07 5.80
C GLU E 26 -6.99 24.93 4.42
N HIS E 27 -6.21 24.38 3.49
CA HIS E 27 -6.57 24.50 2.09
C HIS E 27 -7.47 23.37 1.62
N GLY E 28 -7.39 22.21 2.24
CA GLY E 28 -8.33 21.14 1.98
C GLY E 28 -9.35 20.95 3.07
N GLY E 29 -9.13 21.53 4.25
CA GLY E 29 -10.11 21.52 5.30
C GLY E 29 -11.10 22.65 5.17
N CYS E 30 -12.24 22.53 5.83
CA CYS E 30 -13.29 23.52 5.77
C CYS E 30 -13.69 23.90 7.18
N VAL E 31 -14.24 25.10 7.32
CA VAL E 31 -14.42 25.71 8.64
C VAL E 31 -15.84 26.23 8.76
N THR E 32 -16.54 25.81 9.81
CA THR E 32 -17.88 26.29 10.13
C THR E 32 -17.81 27.14 11.39
N VAL E 33 -18.03 28.44 11.24
CA VAL E 33 -17.92 29.41 12.32
C VAL E 33 -19.32 29.80 12.76
N MET E 34 -19.62 29.63 14.04
CA MET E 34 -20.94 29.95 14.56
C MET E 34 -20.80 30.67 15.90
N ALA E 35 -21.77 31.55 16.18
CA ALA E 35 -21.78 32.31 17.42
C ALA E 35 -23.11 32.16 18.12
N GLN E 36 -23.35 32.97 19.15
CA GLN E 36 -24.62 32.92 19.84
C GLN E 36 -25.71 33.64 19.07
N ASP E 37 -25.39 34.81 18.52
CA ASP E 37 -26.39 35.65 17.86
C ASP E 37 -25.99 36.01 16.44
N LYS E 38 -25.10 35.24 15.82
CA LYS E 38 -24.57 35.56 14.51
C LYS E 38 -24.80 34.39 13.57
N PRO E 39 -24.98 34.65 12.27
CA PRO E 39 -25.25 33.57 11.33
C PRO E 39 -24.06 32.66 11.13
N THR E 40 -24.36 31.38 10.99
CA THR E 40 -23.33 30.36 10.86
C THR E 40 -22.77 30.41 9.45
N VAL E 41 -21.53 30.89 9.33
CA VAL E 41 -20.88 31.06 8.04
C VAL E 41 -19.89 29.92 7.85
N ASP E 42 -19.83 29.39 6.63
CA ASP E 42 -18.91 28.33 6.26
C ASP E 42 -17.78 28.94 5.44
N ILE E 43 -16.56 28.82 5.95
CA ILE E 43 -15.43 29.60 5.47
C ILE E 43 -14.38 28.65 4.92
N GLU E 44 -13.98 28.86 3.68
CA GLU E 44 -13.16 27.90 2.97
C GLU E 44 -12.13 28.60 2.11
N LEU E 45 -10.87 28.23 2.27
CA LEU E 45 -9.80 28.62 1.36
C LEU E 45 -9.80 27.67 0.17
N VAL E 46 -9.89 28.22 -1.04
CA VAL E 46 -10.10 27.40 -2.22
C VAL E 46 -8.89 27.40 -3.15
N THR E 47 -8.21 28.53 -3.36
CA THR E 47 -7.04 28.58 -4.22
C THR E 47 -5.96 29.42 -3.58
N THR E 48 -4.77 29.32 -4.16
CA THR E 48 -3.63 30.17 -3.80
C THR E 48 -2.84 30.36 -5.08
N THR E 49 -3.06 31.47 -5.77
CA THR E 49 -2.37 31.70 -7.04
C THR E 49 -1.14 32.55 -6.75
N VAL E 50 0.02 32.07 -7.19
CA VAL E 50 1.26 32.83 -7.09
C VAL E 50 1.50 33.47 -8.44
N SER E 51 1.60 34.79 -8.48
CA SER E 51 1.63 35.53 -9.73
C SER E 51 3.04 36.01 -10.04
N ASN E 52 3.44 35.83 -11.31
CA ASN E 52 4.63 36.45 -11.91
C ASN E 52 5.92 36.07 -11.17
N MET E 53 6.22 34.78 -11.25
CA MET E 53 7.40 34.23 -10.62
C MET E 53 8.61 34.35 -11.53
N ALA E 54 9.62 35.07 -11.09
CA ALA E 54 10.91 35.10 -11.74
C ALA E 54 11.73 33.94 -11.21
N GLU E 55 12.53 33.33 -12.09
CA GLU E 55 13.07 32.03 -11.74
C GLU E 55 14.52 32.07 -11.30
N VAL E 56 14.94 30.94 -10.75
CA VAL E 56 16.25 30.67 -10.18
C VAL E 56 16.71 29.53 -11.07
N ARG E 57 17.80 28.85 -10.69
CA ARG E 57 18.53 27.84 -11.47
C ARG E 57 17.61 26.83 -12.13
N SER E 58 17.82 26.61 -13.41
CA SER E 58 16.97 25.71 -14.17
C SER E 58 17.82 24.54 -14.64
N TYR E 59 17.65 23.40 -13.97
CA TYR E 59 18.48 22.24 -14.22
C TYR E 59 18.11 21.57 -15.53
N CYS E 60 19.05 20.80 -16.07
CA CYS E 60 18.83 19.99 -17.24
C CYS E 60 18.64 18.54 -16.83
N TYR E 61 17.70 17.86 -17.46
CA TYR E 61 17.50 16.45 -17.17
C TYR E 61 17.64 15.53 -18.37
N GLU E 62 17.46 16.02 -19.59
CA GLU E 62 17.65 15.21 -20.78
C GLU E 62 18.58 15.95 -21.72
N ALA E 63 19.82 15.49 -21.83
CA ALA E 63 20.84 16.18 -22.59
C ALA E 63 21.11 15.47 -23.90
N SER E 64 21.98 16.06 -24.70
CA SER E 64 22.26 15.56 -26.04
C SER E 64 23.65 15.99 -26.45
N ILE E 65 24.50 15.03 -26.74
CA ILE E 65 25.88 15.29 -27.15
C ILE E 65 25.92 15.49 -28.65
N SER E 66 26.43 16.63 -29.08
CA SER E 66 26.57 16.97 -30.48
C SER E 66 27.92 16.45 -30.97
N ASP E 67 28.40 16.98 -32.10
CA ASP E 67 29.56 16.43 -32.81
C ASP E 67 30.83 16.56 -31.97
N MET E 68 31.26 15.43 -31.44
CA MET E 68 32.40 15.30 -30.57
C MET E 68 33.67 15.11 -31.39
N ALA E 69 34.80 15.13 -30.69
CA ALA E 69 36.10 14.90 -31.29
C ALA E 69 37.04 14.45 -30.20
N SER E 70 38.28 14.15 -30.57
CA SER E 70 39.24 13.63 -29.62
C SER E 70 40.65 13.86 -30.13
N ASP E 71 41.63 13.76 -29.23
CA ASP E 71 43.02 13.94 -29.57
C ASP E 71 43.88 13.24 -28.54
N SER E 72 44.92 12.56 -29.01
CA SER E 72 45.84 11.81 -28.16
C SER E 72 47.28 12.14 -28.55
N ARG E 73 48.15 12.15 -27.54
CA ARG E 73 49.57 12.38 -27.77
C ARG E 73 50.39 11.21 -27.26
N CYS E 74 51.61 11.13 -27.76
CA CYS E 74 52.53 10.09 -27.42
C CYS E 74 53.06 10.29 -26.00
N PRO E 75 53.62 9.25 -25.38
CA PRO E 75 54.17 9.44 -24.03
C PRO E 75 55.44 10.27 -24.06
N THR E 76 55.47 11.27 -23.17
CA THR E 76 56.53 12.29 -23.08
C THR E 76 56.79 12.97 -24.43
N GLN E 77 55.73 13.26 -25.14
CA GLN E 77 55.77 14.00 -26.40
C GLN E 77 54.72 15.11 -26.37
N GLY E 78 54.38 15.56 -25.17
CA GLY E 78 53.39 16.60 -24.99
C GLY E 78 52.08 16.06 -24.43
N GLU E 79 51.19 16.99 -24.12
CA GLU E 79 49.85 16.67 -23.68
C GLU E 79 48.83 16.97 -24.77
N ALA E 80 47.64 16.40 -24.60
CA ALA E 80 46.64 16.43 -25.66
C ALA E 80 45.80 17.69 -25.59
N TYR E 81 45.41 18.19 -26.75
CA TYR E 81 44.79 19.50 -26.84
C TYR E 81 43.85 19.54 -28.04
N LEU E 82 42.58 19.83 -27.79
CA LEU E 82 41.66 20.21 -28.84
C LEU E 82 41.49 21.73 -28.82
N ASP E 83 41.26 22.30 -30.01
CA ASP E 83 40.99 23.73 -30.08
C ASP E 83 39.65 24.09 -29.45
N LYS E 84 38.72 23.14 -29.39
CA LYS E 84 37.44 23.31 -28.74
C LYS E 84 37.44 22.75 -27.33
N GLN E 85 38.56 22.90 -26.62
CA GLN E 85 38.63 22.56 -25.21
C GLN E 85 38.40 23.77 -24.32
N SER E 86 38.76 24.95 -24.80
CA SER E 86 38.49 26.21 -24.10
C SER E 86 37.11 26.77 -24.41
N ASP E 87 36.30 26.04 -25.17
CA ASP E 87 34.89 26.35 -25.37
C ASP E 87 34.13 25.83 -24.16
N THR E 88 33.27 26.67 -23.59
CA THR E 88 32.49 26.27 -22.44
C THR E 88 31.17 25.62 -22.82
N GLN E 89 30.84 25.57 -24.11
CA GLN E 89 29.68 24.80 -24.54
C GLN E 89 30.01 23.34 -24.75
N TYR E 90 31.26 22.93 -24.53
CA TYR E 90 31.64 21.53 -24.65
C TYR E 90 32.05 21.01 -23.29
N VAL E 91 31.90 19.71 -23.08
CA VAL E 91 32.42 19.06 -21.89
C VAL E 91 33.61 18.20 -22.29
N CYS E 92 34.59 18.13 -21.40
CA CYS E 92 35.92 17.63 -21.72
C CYS E 92 36.49 16.84 -20.57
N LYS E 93 37.18 15.74 -20.87
CA LYS E 93 37.88 14.99 -19.83
C LYS E 93 39.22 14.51 -20.38
N ARG E 94 40.25 14.68 -19.57
CA ARG E 94 41.61 14.28 -19.88
C ARG E 94 41.91 12.94 -19.22
N THR E 95 42.72 12.12 -19.88
CA THR E 95 43.12 10.85 -19.30
C THR E 95 44.47 10.45 -19.86
N LEU E 96 45.01 9.37 -19.30
CA LEU E 96 46.29 8.82 -19.69
C LEU E 96 46.07 7.38 -20.12
N VAL E 97 46.27 7.09 -21.40
CA VAL E 97 45.97 5.78 -21.94
C VAL E 97 47.27 5.08 -22.31
N ASP E 98 47.16 3.77 -22.57
CA ASP E 98 48.30 2.99 -23.02
C ASP E 98 48.62 3.35 -24.46
N ARG E 99 49.83 3.89 -24.68
CA ARG E 99 50.26 4.34 -25.99
C ARG E 99 51.63 3.74 -26.26
N GLY E 100 51.73 2.89 -27.28
CA GLY E 100 52.98 2.21 -27.58
C GLY E 100 53.36 2.23 -29.04
N TRP E 101 54.28 1.36 -29.48
CA TRP E 101 54.71 1.35 -30.87
C TRP E 101 53.64 0.91 -31.85
N GLY E 102 52.67 0.11 -31.40
CA GLY E 102 51.60 -0.28 -32.28
C GLY E 102 50.66 0.84 -32.64
N ASN E 103 50.63 1.90 -31.83
CA ASN E 103 49.72 3.02 -31.99
C ASN E 103 50.28 4.11 -32.89
N GLY E 104 51.33 3.81 -33.65
CA GLY E 104 52.02 4.82 -34.40
C GLY E 104 53.09 5.56 -33.63
N CYS E 105 53.09 5.47 -32.31
CA CYS E 105 54.07 6.13 -31.47
C CYS E 105 55.43 5.43 -31.57
N GLY E 106 56.42 5.99 -30.89
CA GLY E 106 57.75 5.39 -30.88
C GLY E 106 58.36 5.36 -29.49
N LEU E 107 57.53 5.39 -28.45
CA LEU E 107 58.03 5.41 -27.09
C LEU E 107 56.96 4.85 -26.18
N PHE E 108 57.25 3.74 -25.50
CA PHE E 108 56.25 3.07 -24.69
C PHE E 108 56.02 3.81 -23.38
N GLY E 109 54.77 3.83 -22.94
CA GLY E 109 54.41 4.53 -21.73
C GLY E 109 52.94 4.88 -21.77
N LYS E 110 52.50 5.57 -20.73
CA LYS E 110 51.11 6.04 -20.66
C LYS E 110 51.01 7.29 -21.51
N GLY E 111 50.07 7.30 -22.45
CA GLY E 111 49.88 8.44 -23.33
C GLY E 111 49.17 9.58 -22.63
N SER E 112 48.43 10.35 -23.42
CA SER E 112 47.62 11.43 -22.89
C SER E 112 46.51 11.73 -23.88
N LEU E 113 45.26 11.64 -23.42
CA LEU E 113 44.10 11.65 -24.29
C LEU E 113 43.08 12.65 -23.80
N VAL E 114 42.49 13.40 -24.74
CA VAL E 114 41.46 14.39 -24.44
C VAL E 114 40.31 14.18 -25.41
N THR E 115 39.10 13.99 -24.89
CA THR E 115 37.90 13.89 -25.70
C THR E 115 36.92 14.97 -25.29
N CYS E 116 36.54 15.81 -26.25
CA CYS E 116 35.60 16.89 -26.02
C CYS E 116 34.28 16.56 -26.69
N ALA E 117 33.18 16.84 -26.00
CA ALA E 117 31.85 16.53 -26.47
C ALA E 117 30.94 17.72 -26.21
N LYS E 118 30.18 18.13 -27.22
CA LYS E 118 29.35 19.32 -27.09
C LYS E 118 28.12 19.03 -26.25
N PHE E 119 27.98 19.72 -25.12
CA PHE E 119 26.81 19.56 -24.29
C PHE E 119 25.69 20.43 -24.84
N ALA E 120 24.58 19.81 -25.21
CA ALA E 120 23.41 20.52 -25.72
C ALA E 120 22.17 19.97 -25.04
N CYS E 121 21.61 20.72 -24.11
CA CYS E 121 20.48 20.21 -23.35
C CYS E 121 19.18 20.37 -24.12
N SER E 122 18.45 19.27 -24.23
CA SER E 122 17.22 19.18 -25.00
C SER E 122 15.97 19.48 -24.20
N LYS E 123 15.91 19.05 -22.93
CA LYS E 123 14.78 19.36 -22.06
C LYS E 123 15.29 19.76 -20.69
N LYS E 124 14.81 20.88 -20.18
CA LYS E 124 15.26 21.37 -18.89
C LYS E 124 14.07 21.62 -17.97
N MET E 125 14.29 21.44 -16.67
CA MET E 125 13.29 21.75 -15.65
C MET E 125 13.63 23.09 -15.04
N THR E 126 12.61 23.84 -14.62
CA THR E 126 12.77 25.23 -14.24
C THR E 126 12.16 25.49 -12.87
N GLY E 127 12.96 25.97 -11.94
CA GLY E 127 12.47 26.23 -10.61
C GLY E 127 12.30 27.70 -10.32
N LYS E 128 11.05 28.16 -10.33
CA LYS E 128 10.75 29.58 -10.17
C LYS E 128 10.65 29.94 -8.70
N SER E 129 10.94 31.19 -8.40
CA SER E 129 10.92 31.65 -7.02
C SER E 129 9.57 32.25 -6.66
N ILE E 130 9.10 31.94 -5.46
CA ILE E 130 7.82 32.41 -4.97
C ILE E 130 8.08 33.60 -4.06
N GLN E 131 7.80 34.80 -4.56
CA GLN E 131 7.91 35.83 -3.53
C GLN E 131 6.62 35.90 -2.74
N PRO E 132 6.72 36.10 -1.42
CA PRO E 132 5.51 36.12 -0.58
C PRO E 132 4.57 37.28 -0.84
N GLU E 133 4.97 38.28 -1.63
CA GLU E 133 4.11 39.39 -2.01
C GLU E 133 3.30 39.11 -3.26
N ASN E 134 3.24 37.85 -3.70
CA ASN E 134 2.50 37.48 -4.91
C ASN E 134 1.31 36.58 -4.63
N LEU E 135 1.10 36.20 -3.38
CA LEU E 135 0.06 35.23 -3.04
C LEU E 135 -1.32 35.86 -3.15
N GLU E 136 -2.29 35.08 -3.61
CA GLU E 136 -3.67 35.56 -3.77
C GLU E 136 -4.61 34.48 -3.25
N TYR E 137 -4.85 34.48 -1.94
CA TYR E 137 -5.70 33.48 -1.31
C TYR E 137 -7.16 33.84 -1.55
N ARG E 138 -7.91 32.98 -2.24
CA ARG E 138 -9.35 33.16 -2.36
C ARG E 138 -10.04 32.44 -1.21
N ILE E 139 -10.81 33.19 -0.43
CA ILE E 139 -11.57 32.65 0.70
C ILE E 139 -13.03 32.69 0.30
N MET E 140 -13.59 31.54 -0.05
CA MET E 140 -15.01 31.47 -0.36
C MET E 140 -15.81 31.40 0.92
N LEU E 141 -16.92 32.12 0.96
CA LEU E 141 -17.82 32.13 2.10
C LEU E 141 -19.19 31.65 1.67
N SER E 142 -19.94 31.10 2.62
CA SER E 142 -21.32 30.71 2.37
C SER E 142 -22.01 30.63 3.72
N VAL E 143 -23.02 31.47 3.93
CA VAL E 143 -23.70 31.52 5.22
C VAL E 143 -24.87 30.54 5.22
N HIS E 144 -25.20 30.07 6.40
CA HIS E 144 -26.35 29.21 6.60
C HIS E 144 -27.61 30.07 6.70
N GLY E 145 -28.56 29.85 5.80
CA GLY E 145 -29.75 30.65 5.76
C GLY E 145 -30.62 30.22 4.60
N SER E 146 -31.10 31.16 3.79
CA SER E 146 -32.00 30.85 2.69
C SER E 146 -31.22 30.23 1.55
N GLN E 147 -30.85 28.97 1.73
CA GLN E 147 -30.17 28.20 0.71
C GLN E 147 -30.74 26.79 0.71
N HIS E 148 -30.67 26.15 -0.44
CA HIS E 148 -31.12 24.77 -0.60
C HIS E 148 -29.91 23.92 -0.98
N SER E 149 -30.18 22.67 -1.38
CA SER E 149 -29.11 21.71 -1.58
C SER E 149 -28.28 22.02 -2.81
N GLY E 150 -28.87 22.67 -3.80
CA GLY E 150 -28.14 23.03 -4.99
C GLY E 150 -27.46 24.38 -4.89
N MET E 151 -26.92 24.70 -3.71
CA MET E 151 -26.09 25.89 -3.51
C MET E 151 -24.86 25.55 -2.67
N ILE E 152 -24.39 24.31 -2.78
CA ILE E 152 -23.19 23.87 -2.06
C ILE E 152 -21.99 24.02 -2.97
N VAL E 153 -21.98 23.28 -4.09
CA VAL E 153 -20.93 23.38 -5.08
C VAL E 153 -21.29 24.39 -6.15
N ASN E 154 -22.55 24.82 -6.21
CA ASN E 154 -23.02 25.78 -7.20
C ASN E 154 -22.39 27.14 -6.93
N ASP E 155 -21.41 27.49 -7.76
CA ASP E 155 -20.71 28.75 -7.66
C ASP E 155 -21.08 29.69 -8.81
N THR E 156 -22.05 29.30 -9.64
CA THR E 156 -22.49 30.15 -10.73
C THR E 156 -23.31 31.30 -10.15
N GLY E 157 -22.62 32.40 -9.83
CA GLY E 157 -23.27 33.57 -9.28
C GLY E 157 -23.08 33.66 -7.78
N HIS E 158 -22.13 34.47 -7.34
CA HIS E 158 -21.99 34.79 -5.94
C HIS E 158 -21.83 36.27 -5.68
N GLU E 159 -21.48 37.07 -6.69
CA GLU E 159 -21.51 38.51 -6.54
C GLU E 159 -22.94 39.04 -6.53
N THR E 160 -23.89 38.27 -7.05
CA THR E 160 -25.31 38.62 -7.03
C THR E 160 -26.14 37.56 -6.33
N ASP E 161 -25.63 36.96 -5.25
CA ASP E 161 -26.37 35.91 -4.56
C ASP E 161 -26.66 36.24 -3.11
N GLU E 162 -25.91 37.19 -2.53
CA GLU E 162 -26.16 37.83 -1.24
C GLU E 162 -25.89 36.91 -0.05
N ASN E 163 -25.66 35.62 -0.31
CA ASN E 163 -25.28 34.66 0.71
C ASN E 163 -23.81 34.27 0.64
N ARG E 164 -23.21 34.35 -0.55
CA ARG E 164 -21.89 33.81 -0.80
C ARG E 164 -20.97 34.91 -1.28
N ALA E 165 -19.67 34.77 -1.02
CA ALA E 165 -18.70 35.79 -1.40
C ALA E 165 -17.30 35.19 -1.42
N LYS E 166 -16.45 35.69 -2.31
CA LYS E 166 -15.03 35.40 -2.24
C LYS E 166 -14.29 36.55 -1.59
N VAL E 167 -13.26 36.20 -0.83
CA VAL E 167 -12.48 37.16 -0.06
C VAL E 167 -11.03 36.98 -0.49
N GLU E 168 -10.61 37.71 -1.51
CA GLU E 168 -9.27 37.56 -2.07
C GLU E 168 -8.26 38.24 -1.16
N ILE E 169 -7.42 37.45 -0.51
CA ILE E 169 -6.44 37.96 0.45
C ILE E 169 -5.06 38.00 -0.20
N THR E 170 -4.68 39.14 -0.68
CA THR E 170 -3.33 39.45 -1.11
C THR E 170 -2.59 39.99 0.12
N PRO E 171 -1.26 39.83 0.21
CA PRO E 171 -0.53 40.56 1.26
C PRO E 171 -0.41 42.06 1.01
N ASN E 172 -0.76 42.53 -0.19
CA ASN E 172 -0.84 43.97 -0.42
C ASN E 172 -2.08 44.55 0.24
N SER E 173 -3.10 43.71 0.49
CA SER E 173 -4.30 44.08 1.23
C SER E 173 -4.63 42.93 2.17
N PRO E 174 -3.92 42.81 3.29
CA PRO E 174 -3.99 41.56 4.08
C PRO E 174 -5.31 41.34 4.78
N ARG E 175 -6.07 42.39 5.06
CA ARG E 175 -7.39 42.24 5.63
C ARG E 175 -8.43 42.67 4.61
N ALA E 176 -9.51 41.90 4.55
CA ALA E 176 -10.59 42.22 3.64
C ALA E 176 -11.90 41.92 4.34
N GLU E 177 -12.98 42.36 3.73
CA GLU E 177 -14.31 42.29 4.32
C GLU E 177 -15.29 41.98 3.19
N ALA E 178 -16.10 40.95 3.38
CA ALA E 178 -17.06 40.55 2.35
C ALA E 178 -18.46 41.00 2.74
N THR E 179 -19.10 41.77 1.87
CA THR E 179 -20.46 42.23 2.12
C THR E 179 -21.40 41.05 1.92
N LEU E 180 -21.84 40.46 3.02
CA LEU E 180 -22.84 39.40 3.03
C LEU E 180 -24.17 40.08 3.33
N GLY E 181 -24.87 40.50 2.27
CA GLY E 181 -26.04 41.35 2.38
C GLY E 181 -27.18 40.79 3.20
N GLY E 182 -27.70 41.60 4.12
CA GLY E 182 -28.67 41.12 5.08
C GLY E 182 -27.99 40.58 6.33
N PHE E 183 -26.95 39.79 6.16
CA PHE E 183 -26.20 39.20 7.26
C PHE E 183 -25.13 40.13 7.79
N GLY E 184 -24.99 41.33 7.25
CA GLY E 184 -23.95 42.24 7.68
C GLY E 184 -22.78 42.20 6.75
N SER E 185 -21.59 41.97 7.30
CA SER E 185 -20.37 41.85 6.51
C SER E 185 -19.33 41.12 7.33
N LEU E 186 -18.90 39.96 6.87
CA LEU E 186 -17.85 39.21 7.56
C LEU E 186 -16.51 39.88 7.32
N GLY E 187 -15.85 40.27 8.39
CA GLY E 187 -14.54 40.87 8.28
C GLY E 187 -13.44 39.89 8.59
N LEU E 188 -12.45 39.80 7.72
CA LEU E 188 -11.32 38.91 7.89
C LEU E 188 -10.07 39.74 8.18
N ASP E 189 -9.15 39.16 8.94
CA ASP E 189 -7.92 39.84 9.37
C ASP E 189 -6.72 38.91 9.15
N CYS E 190 -6.61 38.38 7.93
CA CYS E 190 -5.72 37.27 7.63
C CYS E 190 -4.25 37.66 7.75
N GLU E 191 -3.40 36.63 7.81
CA GLU E 191 -1.95 36.79 7.77
C GLU E 191 -1.42 36.00 6.58
N PRO E 192 -1.41 36.57 5.38
CA PRO E 192 -0.98 35.81 4.20
C PRO E 192 0.52 35.63 4.08
N ARG E 193 1.33 36.36 4.84
CA ARG E 193 2.77 36.18 4.74
C ARG E 193 3.28 35.08 5.66
N THR E 194 2.60 34.81 6.77
CA THR E 194 2.95 33.69 7.64
C THR E 194 2.11 32.47 7.32
N GLY E 195 2.16 32.04 6.07
CA GLY E 195 1.41 30.89 5.63
C GLY E 195 2.27 29.66 5.49
N LEU E 196 2.46 29.18 4.26
CA LEU E 196 3.29 28.01 3.99
C LEU E 196 4.67 28.44 3.53
N ASP E 197 5.39 29.15 4.42
CA ASP E 197 6.83 29.48 4.44
C ASP E 197 7.50 29.67 3.07
N PHE E 198 6.89 30.46 2.20
CA PHE E 198 7.25 30.51 0.78
C PHE E 198 8.61 31.13 0.49
N SER E 199 9.34 31.60 1.48
CA SER E 199 10.75 31.88 1.26
C SER E 199 11.57 30.61 1.16
N ASP E 200 11.05 29.48 1.67
CA ASP E 200 11.73 28.20 1.60
C ASP E 200 11.05 27.26 0.62
N LEU E 201 10.45 27.78 -0.46
CA LEU E 201 9.79 26.95 -1.46
C LEU E 201 10.02 27.53 -2.84
N TYR E 202 10.08 26.66 -3.83
CA TYR E 202 10.11 27.08 -5.21
C TYR E 202 8.95 26.44 -5.96
N TYR E 203 8.93 26.66 -7.27
CA TYR E 203 7.82 26.22 -8.11
C TYR E 203 8.44 25.56 -9.36
N LEU E 204 8.75 24.29 -9.23
CA LEU E 204 9.42 23.49 -10.30
C LEU E 204 8.48 23.31 -11.50
N THR E 205 9.06 23.16 -12.69
CA THR E 205 8.28 22.98 -13.92
C THR E 205 9.01 21.96 -14.78
N MET E 206 8.40 20.80 -14.99
CA MET E 206 9.10 19.70 -15.66
C MET E 206 8.14 19.04 -16.64
N ASN E 207 8.20 19.48 -17.91
CA ASN E 207 7.37 18.96 -19.00
C ASN E 207 5.88 19.09 -18.69
N ASN E 208 5.45 20.34 -18.45
CA ASN E 208 4.07 20.71 -18.14
C ASN E 208 3.53 20.02 -16.89
N LYS E 209 4.39 19.93 -15.87
CA LYS E 209 3.99 19.49 -14.53
C LYS E 209 4.72 20.35 -13.52
N HIS E 210 4.02 20.76 -12.47
CA HIS E 210 4.52 21.79 -11.57
C HIS E 210 4.48 21.26 -10.14
N TRP E 211 5.43 21.71 -9.32
CA TRP E 211 5.48 21.25 -7.93
C TRP E 211 5.79 22.41 -7.00
N LEU E 212 5.65 22.15 -5.70
CA LEU E 212 6.18 23.03 -4.67
C LEU E 212 7.44 22.40 -4.07
N VAL E 213 8.55 22.73 -4.70
CA VAL E 213 9.84 22.17 -4.30
C VAL E 213 10.46 23.06 -3.23
N HIS E 214 10.92 22.44 -2.15
CA HIS E 214 11.59 23.15 -1.07
C HIS E 214 12.90 23.75 -1.57
N LYS E 215 13.33 24.83 -0.89
CA LYS E 215 14.48 25.59 -1.33
C LYS E 215 15.78 24.79 -1.14
N GLU E 216 15.89 24.09 -0.01
CA GLU E 216 17.11 23.33 0.27
C GLU E 216 17.26 22.13 -0.64
N TRP E 217 16.16 21.46 -0.98
CA TRP E 217 16.25 20.30 -1.88
C TRP E 217 16.61 20.74 -3.28
N PHE E 218 16.15 21.91 -3.71
CA PHE E 218 16.33 22.30 -5.09
C PHE E 218 17.76 22.72 -5.38
N HIS E 219 18.47 23.26 -4.40
CA HIS E 219 19.85 23.65 -4.59
C HIS E 219 20.83 22.52 -4.35
N ASP E 220 20.36 21.28 -4.32
CA ASP E 220 21.22 20.13 -4.09
C ASP E 220 21.09 19.06 -5.16
N ILE E 221 20.39 19.35 -6.26
CA ILE E 221 20.18 18.38 -7.33
C ILE E 221 21.44 18.33 -8.18
N PRO E 222 22.05 17.16 -8.36
CA PRO E 222 23.24 17.05 -9.23
C PRO E 222 22.86 16.93 -10.70
N LEU E 223 22.50 18.05 -11.29
CA LEU E 223 22.15 18.13 -12.70
C LEU E 223 22.76 19.40 -13.28
N PRO E 224 22.96 19.45 -14.60
CA PRO E 224 23.48 20.67 -15.21
C PRO E 224 22.51 21.83 -15.12
N TRP E 225 22.97 22.93 -14.52
CA TRP E 225 22.13 24.08 -14.26
C TRP E 225 22.76 25.35 -14.82
N HIS E 226 21.92 26.35 -15.04
CA HIS E 226 22.38 27.70 -15.30
C HIS E 226 21.66 28.64 -14.34
N ALA E 227 21.73 29.93 -14.59
CA ALA E 227 21.33 30.88 -13.56
C ALA E 227 19.84 31.19 -13.59
N GLY E 228 19.36 31.77 -14.69
CA GLY E 228 18.04 32.37 -14.65
C GLY E 228 17.13 32.08 -15.83
N ALA E 229 16.67 33.15 -16.46
CA ALA E 229 15.71 33.10 -17.56
C ALA E 229 16.36 32.98 -18.92
N ASP E 230 17.55 32.39 -19.00
CA ASP E 230 18.29 32.34 -20.25
C ASP E 230 17.64 31.28 -21.14
N THR E 231 16.87 31.73 -22.12
CA THR E 231 16.13 30.84 -23.00
C THR E 231 16.85 30.52 -24.29
N GLY E 232 18.07 31.03 -24.48
CA GLY E 232 18.88 30.65 -25.63
C GLY E 232 19.63 29.37 -25.35
N THR E 233 20.92 29.34 -25.68
CA THR E 233 21.76 28.23 -25.23
C THR E 233 22.57 28.69 -24.04
N PRO E 234 22.26 28.23 -22.83
CA PRO E 234 22.86 28.81 -21.63
C PRO E 234 24.29 28.32 -21.44
N HIS E 235 24.86 28.71 -20.30
CA HIS E 235 26.23 28.30 -19.99
C HIS E 235 26.30 26.86 -19.53
N TRP E 236 25.28 26.40 -18.81
CA TRP E 236 25.20 25.06 -18.23
C TRP E 236 26.36 24.74 -17.31
N ASN E 237 26.29 25.11 -16.04
CA ASN E 237 27.37 24.74 -15.08
C ASN E 237 27.18 23.29 -14.56
N ASN E 238 28.25 22.64 -14.09
CA ASN E 238 28.22 21.27 -13.51
C ASN E 238 27.65 20.20 -14.45
N LYS E 239 28.10 20.16 -15.71
CA LYS E 239 27.60 19.20 -16.74
C LYS E 239 27.96 17.74 -16.47
N GLU E 240 29.16 17.41 -16.00
CA GLU E 240 29.59 16.02 -15.89
C GLU E 240 28.66 15.19 -15.03
N ALA E 241 27.49 15.71 -14.69
CA ALA E 241 26.45 14.93 -14.05
C ALA E 241 25.51 14.29 -15.05
N LEU E 242 25.74 14.48 -16.35
CA LEU E 242 25.03 13.75 -17.38
C LEU E 242 25.93 13.05 -18.38
N VAL E 243 27.07 13.61 -18.73
CA VAL E 243 27.98 12.88 -19.59
C VAL E 243 28.80 11.91 -18.75
N GLU E 244 29.28 10.85 -19.39
CA GLU E 244 30.12 9.86 -18.74
C GLU E 244 31.21 9.47 -19.71
N PHE E 245 32.46 9.67 -19.30
CA PHE E 245 33.63 9.37 -20.12
C PHE E 245 34.19 8.03 -19.65
N LYS E 246 33.87 6.96 -20.37
CA LYS E 246 34.48 5.66 -20.12
C LYS E 246 35.55 5.43 -21.17
N ASP E 247 36.72 4.99 -20.73
CA ASP E 247 37.76 4.60 -21.66
C ASP E 247 37.67 3.10 -21.96
N ALA E 248 38.65 2.59 -22.69
CA ALA E 248 38.80 1.15 -22.86
C ALA E 248 40.22 0.81 -22.45
N HIS E 249 40.70 -0.37 -22.81
CA HIS E 249 42.08 -0.73 -22.55
C HIS E 249 43.04 -0.22 -23.63
N ALA E 250 42.66 0.81 -24.37
CA ALA E 250 43.40 1.30 -25.52
C ALA E 250 43.12 2.79 -25.67
N LYS E 251 43.36 3.32 -26.87
CA LYS E 251 43.13 4.73 -27.22
C LYS E 251 41.67 5.14 -27.12
N ARG E 252 40.74 4.21 -26.95
CA ARG E 252 39.32 4.53 -26.96
C ARG E 252 38.94 5.30 -25.70
N GLN E 253 38.32 6.46 -25.89
CA GLN E 253 37.64 7.23 -24.84
C GLN E 253 36.21 7.43 -25.34
N THR E 254 35.29 6.62 -24.82
CA THR E 254 33.92 6.67 -25.25
C THR E 254 33.13 7.57 -24.32
N VAL E 255 32.53 8.62 -24.87
CA VAL E 255 31.67 9.52 -24.11
C VAL E 255 30.22 9.21 -24.44
N VAL E 256 29.42 8.98 -23.40
CA VAL E 256 27.99 8.72 -23.52
C VAL E 256 27.27 9.60 -22.51
N VAL E 257 26.10 10.04 -22.88
CA VAL E 257 25.30 10.87 -21.99
C VAL E 257 24.32 9.95 -21.25
N LEU E 258 24.05 10.28 -19.99
CA LEU E 258 22.98 9.59 -19.31
C LEU E 258 21.64 10.03 -19.88
N GLY E 259 20.63 9.19 -19.69
CA GLY E 259 19.37 9.36 -20.35
C GLY E 259 18.52 10.47 -19.76
N SER E 260 17.23 10.38 -20.02
CA SER E 260 16.30 11.37 -19.51
C SER E 260 16.14 11.20 -18.00
N GLN E 261 16.61 12.18 -17.24
CA GLN E 261 16.53 12.16 -15.79
C GLN E 261 15.20 12.66 -15.28
N GLU E 262 14.15 12.66 -16.11
CA GLU E 262 12.82 13.05 -15.65
C GLU E 262 12.28 12.03 -14.66
N GLY E 263 12.47 10.75 -14.94
CA GLY E 263 11.99 9.73 -14.03
C GLY E 263 12.79 9.61 -12.75
N ALA E 264 14.08 9.93 -12.80
CA ALA E 264 14.91 9.83 -11.61
C ALA E 264 14.62 10.93 -10.62
N VAL E 265 13.97 12.01 -11.05
CA VAL E 265 13.65 13.12 -10.17
C VAL E 265 12.16 13.11 -9.78
N HIS E 266 11.29 12.48 -10.57
CA HIS E 266 9.93 12.24 -10.11
C HIS E 266 9.90 11.29 -8.94
N THR E 267 10.78 10.31 -8.91
CA THR E 267 10.91 9.48 -7.73
C THR E 267 11.73 10.16 -6.66
N ALA E 268 12.40 11.27 -6.97
CA ALA E 268 13.13 12.04 -5.99
C ALA E 268 12.33 13.20 -5.45
N LEU E 269 11.16 13.47 -6.04
CA LEU E 269 10.19 14.44 -5.51
C LEU E 269 9.18 13.75 -4.60
N ALA E 270 9.68 12.95 -3.67
CA ALA E 270 8.82 12.05 -2.91
C ALA E 270 8.04 12.76 -1.81
N GLY E 271 8.19 14.06 -1.66
CA GLY E 271 7.45 14.79 -0.66
C GLY E 271 6.95 16.13 -1.13
N ALA E 272 7.14 16.44 -2.40
CA ALA E 272 6.72 17.74 -2.90
C ALA E 272 5.24 17.73 -3.16
N LEU E 273 4.69 18.92 -3.37
CA LEU E 273 3.26 19.12 -3.58
C LEU E 273 2.99 19.45 -5.03
N GLU E 274 2.26 18.57 -5.71
CA GLU E 274 1.94 18.77 -7.11
C GLU E 274 1.01 19.97 -7.28
N ALA E 275 1.55 21.05 -7.82
CA ALA E 275 0.77 22.26 -8.08
C ALA E 275 0.47 22.34 -9.56
N GLU E 276 -0.43 23.27 -9.92
CA GLU E 276 -0.86 23.44 -11.29
C GLU E 276 -0.67 24.90 -11.67
N MET E 277 -1.00 25.24 -12.91
CA MET E 277 -0.69 26.57 -13.41
C MET E 277 -1.62 26.88 -14.57
N ASP E 278 -2.33 28.01 -14.49
CA ASP E 278 -3.31 28.40 -15.50
C ASP E 278 -2.81 29.55 -16.39
N GLY E 279 -1.55 29.53 -16.75
CA GLY E 279 -0.98 30.63 -17.50
C GLY E 279 0.32 31.09 -16.88
N ALA E 280 0.36 32.32 -16.37
CA ALA E 280 1.51 32.80 -15.64
C ALA E 280 1.35 32.67 -14.13
N LYS E 281 0.16 32.36 -13.66
CA LYS E 281 -0.13 32.27 -12.23
C LYS E 281 -0.11 30.82 -11.78
N GLY E 282 0.62 30.54 -10.71
CA GLY E 282 0.71 29.19 -10.22
C GLY E 282 -0.34 28.86 -9.17
N ARG E 283 -1.44 28.25 -9.58
CA ARG E 283 -2.50 27.87 -8.66
C ARG E 283 -2.02 26.77 -7.75
N LEU E 284 -1.73 27.09 -6.50
CA LEU E 284 -1.37 26.08 -5.55
C LEU E 284 -2.63 25.36 -5.09
N SER E 285 -2.49 24.07 -4.80
CA SER E 285 -3.61 23.25 -4.39
C SER E 285 -3.59 22.97 -2.90
N SER E 286 -2.61 23.48 -2.17
CA SER E 286 -2.50 23.21 -0.76
C SER E 286 -1.75 24.33 -0.05
N GLY E 287 -1.89 24.36 1.26
CA GLY E 287 -1.37 25.42 2.11
C GLY E 287 -2.29 25.62 3.29
N HIS E 288 -2.15 26.77 3.95
CA HIS E 288 -3.07 27.21 4.99
C HIS E 288 -2.87 28.70 5.24
N LEU E 289 -3.97 29.39 5.55
CA LEU E 289 -3.90 30.74 6.06
C LEU E 289 -3.87 30.78 7.58
N LYS E 290 -4.09 31.97 8.12
CA LYS E 290 -4.15 32.25 9.55
C LYS E 290 -5.04 33.49 9.64
N CYS E 291 -6.30 33.27 9.99
CA CYS E 291 -7.35 34.24 9.70
C CYS E 291 -8.09 34.62 10.96
N ARG E 292 -8.04 35.89 11.34
CA ARG E 292 -8.90 36.38 12.40
C ARG E 292 -10.17 36.93 11.77
N LEU E 293 -11.31 36.57 12.36
CA LEU E 293 -12.62 36.85 11.78
C LEU E 293 -13.30 37.94 12.62
N LYS E 294 -13.42 39.13 12.07
CA LYS E 294 -14.12 40.20 12.77
C LYS E 294 -15.60 40.10 12.43
N MET E 295 -16.44 39.99 13.47
CA MET E 295 -17.86 39.68 13.31
C MET E 295 -18.79 40.65 14.00
N ASP E 296 -18.28 41.79 14.48
CA ASP E 296 -19.16 42.75 15.13
C ASP E 296 -20.01 43.52 14.12
N LYS E 297 -19.66 43.46 12.84
CA LYS E 297 -20.49 44.03 11.80
C LYS E 297 -21.39 42.99 11.13
N LEU E 298 -21.37 41.76 11.60
CA LEU E 298 -22.14 40.68 10.99
C LEU E 298 -23.32 40.33 11.90
N ARG E 299 -24.53 40.59 11.41
CA ARG E 299 -25.75 40.44 12.17
C ARG E 299 -26.55 39.26 11.66
N LEU E 300 -27.49 38.82 12.47
CA LEU E 300 -28.31 37.66 12.14
C LEU E 300 -29.54 38.12 11.38
N LYS E 301 -29.60 37.80 10.10
CA LYS E 301 -30.73 38.17 9.27
C LYS E 301 -31.95 37.36 9.66
N GLY E 302 -33.08 38.04 9.84
CA GLY E 302 -34.33 37.34 10.03
C GLY E 302 -34.71 37.04 11.45
N VAL E 303 -34.19 37.79 12.42
CA VAL E 303 -34.67 37.63 13.79
C VAL E 303 -36.02 38.30 13.95
N SER E 304 -36.26 39.37 13.19
CA SER E 304 -37.52 40.09 13.22
C SER E 304 -38.65 39.36 12.50
N TYR E 305 -38.36 38.26 11.82
CA TYR E 305 -39.37 37.58 11.02
C TYR E 305 -40.32 36.78 11.90
N SER E 306 -41.54 36.59 11.39
CA SER E 306 -42.52 35.75 12.07
C SER E 306 -42.23 34.29 11.80
N LEU E 307 -42.77 33.43 12.66
CA LEU E 307 -42.61 31.99 12.45
C LEU E 307 -43.45 31.54 11.26
N CYS E 308 -43.14 30.35 10.77
CA CYS E 308 -43.89 29.78 9.67
C CYS E 308 -45.28 29.37 10.16
N THR E 309 -46.22 29.24 9.24
CA THR E 309 -47.60 28.98 9.62
C THR E 309 -48.06 27.58 9.25
N ALA E 310 -47.66 27.06 8.10
CA ALA E 310 -48.30 25.88 7.56
C ALA E 310 -47.40 25.11 6.60
N ALA E 311 -47.57 23.79 6.61
CA ALA E 311 -47.31 22.89 5.46
C ALA E 311 -45.85 22.90 5.01
N PHE E 312 -44.99 22.34 5.86
CA PHE E 312 -43.69 21.93 5.36
C PHE E 312 -43.80 20.63 4.55
N THR E 313 -42.66 20.19 4.02
CA THR E 313 -42.56 18.94 3.27
C THR E 313 -41.09 18.56 3.23
N PHE E 314 -40.76 17.35 3.67
CA PHE E 314 -39.39 16.86 3.60
C PHE E 314 -39.08 16.40 2.19
N THR E 315 -38.30 17.18 1.47
CA THR E 315 -37.65 16.72 0.25
C THR E 315 -36.20 16.43 0.59
N LYS E 316 -35.64 15.36 0.00
CA LYS E 316 -34.29 14.89 0.30
C LYS E 316 -34.12 14.57 1.79
N ILE E 317 -34.64 13.41 2.19
CA ILE E 317 -34.57 12.77 3.50
C ILE E 317 -33.24 13.02 4.22
N PRO E 318 -33.26 13.42 5.48
CA PRO E 318 -32.01 13.86 6.16
C PRO E 318 -30.95 12.79 6.28
N ALA E 319 -29.72 13.24 6.46
CA ALA E 319 -28.55 12.36 6.42
C ALA E 319 -27.47 12.91 7.35
N GLU E 320 -26.50 12.07 7.69
CA GLU E 320 -25.48 12.39 8.67
C GLU E 320 -24.17 12.73 7.96
N THR E 321 -23.68 13.93 8.18
CA THR E 321 -22.60 14.50 7.36
C THR E 321 -21.23 14.28 7.99
N LEU E 322 -20.90 13.00 8.20
CA LEU E 322 -19.58 12.47 8.58
C LEU E 322 -19.07 12.96 9.94
N HIS E 323 -19.84 13.77 10.66
CA HIS E 323 -19.44 14.29 11.95
C HIS E 323 -20.49 14.06 13.03
N GLY E 324 -21.72 13.78 12.64
CA GLY E 324 -22.83 13.74 13.57
C GLY E 324 -23.87 14.81 13.33
N THR E 325 -23.68 15.67 12.34
CA THR E 325 -24.67 16.70 12.06
C THR E 325 -25.63 16.21 10.99
N VAL E 326 -26.82 16.79 10.97
CA VAL E 326 -27.94 16.29 10.19
C VAL E 326 -28.40 17.38 9.24
N THR E 327 -28.18 17.18 7.96
CA THR E 327 -28.60 18.14 6.97
C THR E 327 -30.01 17.82 6.52
N VAL E 328 -30.94 18.72 6.80
CA VAL E 328 -32.35 18.54 6.50
C VAL E 328 -32.74 19.55 5.44
N GLU E 329 -33.36 19.09 4.36
CA GLU E 329 -33.97 19.98 3.40
C GLU E 329 -35.48 19.90 3.54
N VAL E 330 -36.13 21.06 3.54
CA VAL E 330 -37.58 21.17 3.66
C VAL E 330 -38.10 21.86 2.42
N GLN E 331 -39.41 21.78 2.24
CA GLN E 331 -40.10 22.47 1.15
C GLN E 331 -41.30 23.17 1.76
N TYR E 332 -41.20 24.48 1.94
CA TYR E 332 -42.28 25.22 2.59
C TYR E 332 -43.40 25.51 1.61
N ALA E 333 -44.57 24.93 1.86
CA ALA E 333 -45.75 25.12 1.02
C ALA E 333 -46.57 26.23 1.65
N GLY E 334 -46.35 27.45 1.18
CA GLY E 334 -47.01 28.61 1.72
C GLY E 334 -46.41 29.87 1.18
N THR E 335 -47.26 30.87 0.98
CA THR E 335 -46.87 32.16 0.44
C THR E 335 -46.81 33.22 1.53
N ASP E 336 -46.35 32.83 2.72
CA ASP E 336 -46.30 33.75 3.84
C ASP E 336 -45.16 34.75 3.73
N GLY E 337 -44.18 34.48 2.88
CA GLY E 337 -43.12 35.42 2.65
C GLY E 337 -41.89 35.13 3.48
N PRO E 338 -41.10 36.17 3.78
CA PRO E 338 -39.88 35.97 4.55
C PRO E 338 -40.16 35.65 6.00
N CYS E 339 -40.40 34.37 6.28
CA CYS E 339 -40.75 33.88 7.60
C CYS E 339 -39.60 33.03 8.15
N LYS E 340 -39.78 32.57 9.38
CA LYS E 340 -38.73 31.93 10.16
C LYS E 340 -39.10 30.48 10.47
N VAL E 341 -38.21 29.56 10.17
CA VAL E 341 -38.49 28.13 10.28
C VAL E 341 -38.47 27.68 11.73
N PRO E 342 -39.55 27.10 12.25
CA PRO E 342 -39.56 26.55 13.62
C PRO E 342 -39.02 25.13 13.73
N ALA E 343 -37.70 25.00 13.88
CA ALA E 343 -37.07 23.70 13.90
C ALA E 343 -36.31 23.45 15.19
N GLN E 344 -36.33 22.19 15.62
CA GLN E 344 -35.61 21.76 16.82
C GLN E 344 -35.44 20.25 16.77
N MET E 345 -34.78 19.71 17.79
CA MET E 345 -34.69 18.28 18.02
C MET E 345 -35.42 17.95 19.30
N ALA E 346 -36.34 16.99 19.23
CA ALA E 346 -37.22 16.68 20.34
C ALA E 346 -37.19 15.20 20.65
N VAL E 347 -36.97 14.87 21.92
CA VAL E 347 -37.02 13.48 22.36
C VAL E 347 -38.46 13.04 22.54
N ASP E 348 -39.20 13.72 23.42
CA ASP E 348 -40.60 13.41 23.65
C ASP E 348 -41.49 14.34 22.85
N MET E 349 -42.80 14.04 22.88
CA MET E 349 -43.77 14.77 22.07
C MET E 349 -44.89 15.41 22.86
N GLN E 350 -44.86 15.33 24.18
CA GLN E 350 -45.75 16.14 24.99
C GLN E 350 -45.04 17.33 25.61
N THR E 351 -43.74 17.38 25.51
CA THR E 351 -43.02 18.53 26.06
C THR E 351 -42.21 19.25 25.02
N LEU E 352 -41.56 18.50 24.11
CA LEU E 352 -40.74 19.02 23.02
C LEU E 352 -39.62 19.91 23.54
N THR E 353 -38.82 19.36 24.43
CA THR E 353 -37.69 20.11 24.98
C THR E 353 -36.63 20.29 23.91
N PRO E 354 -35.98 21.44 23.84
CA PRO E 354 -34.82 21.57 22.94
C PRO E 354 -33.62 20.83 23.51
N VAL E 355 -33.28 19.70 22.90
CA VAL E 355 -32.27 18.83 23.47
C VAL E 355 -31.01 18.85 22.59
N GLY E 356 -31.17 19.19 21.33
CA GLY E 356 -30.06 19.25 20.40
C GLY E 356 -29.92 20.63 19.80
N ARG E 357 -28.69 21.14 19.81
CA ARG E 357 -28.44 22.47 19.30
C ARG E 357 -28.52 22.48 17.77
N LEU E 358 -28.58 23.69 17.23
CA LEU E 358 -28.88 23.91 15.82
C LEU E 358 -27.65 24.54 15.17
N ILE E 359 -27.20 23.95 14.06
CA ILE E 359 -26.03 24.49 13.39
C ILE E 359 -26.39 25.77 12.63
N THR E 360 -27.36 25.67 11.73
CA THR E 360 -27.83 26.85 10.99
C THR E 360 -28.57 27.75 11.96
N ALA E 361 -27.90 28.79 12.43
CA ALA E 361 -28.56 29.79 13.27
C ALA E 361 -29.60 30.53 12.45
N ASN E 362 -30.82 30.60 12.99
CA ASN E 362 -31.99 31.25 12.41
C ASN E 362 -32.32 30.71 11.03
N PRO E 363 -32.90 29.51 10.92
CA PRO E 363 -33.35 29.02 9.61
C PRO E 363 -34.54 29.83 9.11
N VAL E 364 -34.43 30.36 7.89
CA VAL E 364 -35.33 31.38 7.38
C VAL E 364 -35.77 31.00 5.98
N ILE E 365 -37.09 30.90 5.76
CA ILE E 365 -37.65 30.95 4.42
C ILE E 365 -37.62 32.39 3.96
N THR E 366 -37.07 32.65 2.78
CA THR E 366 -37.03 34.01 2.25
C THR E 366 -38.02 34.28 1.13
N GLU E 367 -38.10 33.41 0.13
CA GLU E 367 -38.95 33.67 -1.01
C GLU E 367 -40.42 33.56 -0.64
N SER E 368 -41.22 34.47 -1.20
CA SER E 368 -42.65 34.50 -0.98
C SER E 368 -43.42 33.68 -2.01
N THR E 369 -42.75 32.74 -2.68
CA THR E 369 -43.41 31.91 -3.67
C THR E 369 -44.18 30.77 -2.98
N GLU E 370 -44.67 29.84 -3.79
CA GLU E 370 -45.58 28.83 -3.26
C GLU E 370 -44.81 27.71 -2.56
N ASN E 371 -43.78 27.18 -3.21
CA ASN E 371 -43.02 26.06 -2.69
C ASN E 371 -41.53 26.41 -2.70
N SER E 372 -41.05 27.01 -1.62
CA SER E 372 -39.67 27.46 -1.53
C SER E 372 -38.86 26.45 -0.73
N LYS E 373 -37.95 25.75 -1.41
CA LYS E 373 -37.11 24.77 -0.74
C LYS E 373 -36.08 25.48 0.13
N MET E 374 -35.63 24.79 1.18
CA MET E 374 -34.71 25.37 2.13
C MET E 374 -34.00 24.23 2.85
N MET E 375 -32.76 24.49 3.25
CA MET E 375 -31.86 23.48 3.78
C MET E 375 -31.36 23.88 5.15
N LEU E 376 -31.35 22.95 6.09
CA LEU E 376 -30.90 23.21 7.45
C LEU E 376 -29.67 22.38 7.76
N GLU E 377 -29.29 22.41 9.04
CA GLU E 377 -28.27 21.52 9.59
C GLU E 377 -28.45 21.50 11.09
N LEU E 378 -28.51 20.31 11.67
CA LEU E 378 -28.82 20.17 13.08
C LEU E 378 -27.75 19.31 13.73
N ASP E 379 -27.51 19.54 15.02
CA ASP E 379 -26.56 18.75 15.80
C ASP E 379 -27.31 18.04 16.92
N PRO E 380 -27.85 16.85 16.68
CA PRO E 380 -28.70 16.19 17.66
C PRO E 380 -27.86 15.59 18.79
N PRO E 381 -28.47 15.28 19.92
CA PRO E 381 -27.76 14.52 20.95
C PRO E 381 -27.68 13.06 20.56
N PHE E 382 -26.79 12.35 21.23
CA PHE E 382 -26.53 10.95 20.90
C PHE E 382 -27.69 10.10 21.39
N GLY E 383 -28.15 9.21 20.54
CA GLY E 383 -29.29 8.38 20.88
C GLY E 383 -30.43 8.57 19.92
N ASP E 384 -31.62 8.79 20.46
CA ASP E 384 -32.82 8.93 19.65
C ASP E 384 -33.39 10.33 19.81
N SER E 385 -33.84 10.91 18.71
CA SER E 385 -34.35 12.26 18.68
C SER E 385 -35.08 12.49 17.35
N TYR E 386 -36.09 13.34 17.39
CA TYR E 386 -36.92 13.61 16.23
C TYR E 386 -36.60 14.99 15.68
N ILE E 387 -36.64 15.12 14.36
CA ILE E 387 -36.39 16.39 13.68
C ILE E 387 -37.76 17.05 13.54
N VAL E 388 -38.17 17.80 14.56
CA VAL E 388 -39.46 18.46 14.56
C VAL E 388 -39.32 19.78 13.81
N ILE E 389 -39.99 19.91 12.67
CA ILE E 389 -39.97 21.12 11.87
C ILE E 389 -41.39 21.52 11.57
N GLY E 390 -41.78 22.70 12.01
CA GLY E 390 -43.15 23.14 11.93
C GLY E 390 -43.78 23.26 13.31
N VAL E 391 -44.84 24.05 13.35
CA VAL E 391 -45.57 24.29 14.59
C VAL E 391 -47.05 24.03 14.35
N GLY E 392 -47.73 23.50 15.35
CA GLY E 392 -49.14 23.23 15.23
C GLY E 392 -49.46 21.77 15.04
N GLU E 393 -50.23 21.46 13.99
CA GLU E 393 -50.63 20.08 13.72
C GLU E 393 -50.19 19.58 12.37
N LYS E 394 -49.85 20.47 11.44
CA LYS E 394 -49.36 20.08 10.13
C LYS E 394 -47.84 20.01 10.07
N LYS E 395 -47.18 20.00 11.22
CA LYS E 395 -45.73 19.83 11.24
C LYS E 395 -45.37 18.43 10.79
N ILE E 396 -44.14 18.29 10.31
CA ILE E 396 -43.63 17.02 9.83
C ILE E 396 -42.36 16.72 10.60
N THR E 397 -42.36 15.59 11.31
CA THR E 397 -41.19 15.14 12.05
C THR E 397 -40.42 14.11 11.23
N HIS E 398 -39.30 13.66 11.78
CA HIS E 398 -38.48 12.63 11.18
C HIS E 398 -37.66 12.03 12.31
N HIS E 399 -37.66 10.71 12.43
CA HIS E 399 -36.83 10.10 13.45
C HIS E 399 -35.37 10.25 13.07
N TRP E 400 -34.54 10.53 14.06
CA TRP E 400 -33.10 10.49 13.85
C TRP E 400 -32.44 9.64 14.91
N HIS E 401 -31.51 8.80 14.49
CA HIS E 401 -30.63 8.08 15.40
C HIS E 401 -29.20 8.49 15.12
N ARG E 402 -28.60 9.22 16.06
CA ARG E 402 -27.19 9.61 15.95
C ARG E 402 -26.37 8.63 16.78
N SER E 403 -25.66 7.74 16.11
CA SER E 403 -24.83 6.75 16.78
C SER E 403 -23.56 7.43 17.30
N GLY E 404 -23.25 7.22 18.57
CA GLY E 404 -22.04 7.76 19.14
C GLY E 404 -22.22 7.98 20.63
N SER E 405 -21.17 8.52 21.23
CA SER E 405 -21.19 8.85 22.65
C SER E 405 -20.43 10.16 22.85
N THR E 406 -20.64 10.75 24.03
CA THR E 406 -19.98 12.01 24.36
C THR E 406 -18.49 11.79 24.60
N ILE E 407 -18.14 10.71 25.29
CA ILE E 407 -16.74 10.35 25.48
C ILE E 407 -16.11 9.86 24.18
N GLY E 408 -16.91 9.32 23.26
CA GLY E 408 -16.38 8.96 21.96
C GLY E 408 -16.16 10.16 21.07
N LYS E 409 -17.02 11.18 21.18
CA LYS E 409 -16.82 12.42 20.43
C LYS E 409 -15.63 13.20 20.96
N ALA E 410 -15.41 13.15 22.28
CA ALA E 410 -14.30 13.89 22.88
C ALA E 410 -12.95 13.25 22.54
N PHE E 411 -12.94 11.95 22.20
CA PHE E 411 -11.74 11.35 21.65
C PHE E 411 -11.62 11.62 20.16
N GLU E 412 -12.75 11.72 19.46
CA GLU E 412 -12.72 11.99 18.02
C GLU E 412 -12.28 13.42 17.74
N ALA E 413 -12.45 14.33 18.71
CA ALA E 413 -11.92 15.67 18.59
C ALA E 413 -10.48 15.79 19.09
N THR E 414 -10.02 14.86 19.92
CA THR E 414 -8.62 14.86 20.31
C THR E 414 -7.74 14.38 19.16
N VAL E 415 -8.19 13.33 18.47
CA VAL E 415 -7.54 12.88 17.25
C VAL E 415 -7.61 13.96 16.18
N ARG E 416 -8.72 14.68 16.13
CA ARG E 416 -8.89 15.78 15.19
C ARG E 416 -7.98 16.94 15.53
N GLY E 417 -7.71 17.16 16.82
CA GLY E 417 -6.78 18.20 17.21
C GLY E 417 -5.33 17.79 17.14
N ALA E 418 -5.05 16.49 17.25
CA ALA E 418 -3.67 16.02 17.11
C ALA E 418 -3.26 15.93 15.64
N LYS E 419 -4.19 15.56 14.76
CA LYS E 419 -3.89 15.61 13.33
C LYS E 419 -3.73 17.04 12.83
N ARG E 420 -4.44 17.99 13.44
CA ARG E 420 -4.25 19.38 13.10
C ARG E 420 -2.90 19.88 13.59
N MET E 421 -2.44 19.35 14.72
CA MET E 421 -1.20 19.83 15.31
C MET E 421 0.01 19.19 14.64
N ALA E 422 -0.18 18.07 13.96
CA ALA E 422 0.91 17.49 13.18
C ALA E 422 1.10 18.24 11.87
N VAL E 423 0.03 18.75 11.27
CA VAL E 423 0.16 19.51 10.02
C VAL E 423 0.71 20.90 10.30
N LEU E 424 0.09 21.62 11.24
CA LEU E 424 0.41 23.01 11.50
C LEU E 424 1.52 23.18 12.53
N GLY E 425 1.35 22.58 13.68
CA GLY E 425 2.34 22.75 14.76
C GLY E 425 2.02 24.00 15.59
N ASP E 426 2.75 25.08 15.30
CA ASP E 426 2.58 26.31 16.07
C ASP E 426 1.25 26.98 15.78
N THR E 427 0.79 26.89 14.54
CA THR E 427 -0.42 27.59 14.13
C THR E 427 -1.66 26.86 14.62
N ALA E 428 -1.54 25.59 14.97
CA ALA E 428 -2.67 24.82 15.45
C ALA E 428 -3.08 25.19 16.87
N TRP E 429 -2.28 25.98 17.57
CA TRP E 429 -2.72 26.60 18.81
C TRP E 429 -3.54 27.85 18.58
N ASP E 430 -3.82 28.19 17.33
CA ASP E 430 -4.60 29.37 17.02
C ASP E 430 -5.79 29.05 16.13
N PHE E 431 -6.41 27.89 16.32
CA PHE E 431 -7.51 27.57 15.42
C PHE E 431 -8.86 28.05 15.94
N GLY E 432 -9.10 27.97 17.23
CA GLY E 432 -10.31 28.53 17.79
C GLY E 432 -9.94 29.48 18.88
N SER E 433 -8.74 30.04 18.79
CA SER E 433 -8.18 30.81 19.88
C SER E 433 -8.82 32.19 19.95
N VAL E 434 -9.24 32.56 21.15
CA VAL E 434 -9.62 33.94 21.43
C VAL E 434 -8.57 34.68 22.22
N GLY E 435 -7.37 34.11 22.37
CA GLY E 435 -6.32 34.73 23.13
C GLY E 435 -6.42 34.41 24.60
N GLY E 436 -5.28 34.34 25.28
CA GLY E 436 -5.28 34.15 26.72
C GLY E 436 -3.88 33.90 27.24
N ALA E 437 -3.81 33.49 28.49
CA ALA E 437 -2.59 32.98 29.08
C ALA E 437 -2.47 31.47 28.94
N LEU E 438 -3.32 30.85 28.13
CA LEU E 438 -3.24 29.43 27.84
C LEU E 438 -3.18 29.13 26.35
N ASN E 439 -3.96 29.84 25.53
CA ASN E 439 -3.87 29.68 24.10
C ASN E 439 -2.84 30.60 23.47
N SER E 440 -2.00 31.25 24.28
CA SER E 440 -0.87 32.01 23.80
C SER E 440 0.39 31.77 24.63
N LEU E 441 0.28 31.12 25.78
CA LEU E 441 1.44 30.56 26.47
C LEU E 441 1.74 29.16 25.97
N GLY E 442 0.71 28.36 25.73
CA GLY E 442 0.90 27.05 25.14
C GLY E 442 1.41 27.08 23.71
N LYS E 443 1.19 28.19 23.00
CA LYS E 443 1.77 28.35 21.68
C LYS E 443 3.25 28.70 21.78
N GLY E 444 3.61 29.51 22.79
CA GLY E 444 5.01 29.85 22.98
C GLY E 444 5.85 28.70 23.49
N ILE E 445 5.23 27.80 24.26
CA ILE E 445 5.95 26.62 24.72
C ILE E 445 5.98 25.54 23.64
N HIS E 446 5.17 25.70 22.59
CA HIS E 446 5.20 24.80 21.45
C HIS E 446 6.08 25.32 20.33
N GLN E 447 6.26 26.63 20.23
CA GLN E 447 7.17 27.19 19.24
C GLN E 447 8.61 26.91 19.61
N ILE E 448 8.91 26.79 20.90
CA ILE E 448 10.23 26.35 21.35
C ILE E 448 10.42 24.87 21.03
N PHE E 449 9.41 24.04 21.33
CA PHE E 449 9.46 22.63 20.96
C PHE E 449 9.38 22.45 19.45
N GLY E 450 8.69 23.36 18.74
CA GLY E 450 8.64 23.26 17.29
C GLY E 450 9.95 23.65 16.64
N ALA E 451 10.76 24.47 17.31
CA ALA E 451 12.07 24.81 16.78
C ALA E 451 13.11 23.79 17.19
N ALA E 452 12.91 23.09 18.30
CA ALA E 452 13.81 22.03 18.75
C ALA E 452 13.37 20.66 18.26
N PHE E 453 12.49 20.61 17.29
CA PHE E 453 12.12 19.39 16.59
C PHE E 453 12.34 19.50 15.10
N LYS E 454 12.02 20.65 14.51
CA LYS E 454 12.33 20.92 13.12
C LYS E 454 13.83 21.03 12.89
N SER E 455 14.59 21.43 13.90
CA SER E 455 16.04 21.50 13.76
C SER E 455 16.72 20.24 14.25
N LEU E 456 16.15 19.57 15.25
CA LEU E 456 16.81 18.41 15.82
C LEU E 456 16.60 17.17 14.93
N PHE E 457 15.36 16.71 14.82
CA PHE E 457 15.08 15.60 13.90
C PHE E 457 14.79 16.15 12.51
N GLY E 458 13.60 16.71 12.31
CA GLY E 458 13.30 17.72 11.30
C GLY E 458 13.53 17.43 9.83
N GLY E 459 14.22 16.34 9.51
CA GLY E 459 14.62 16.06 8.16
C GLY E 459 14.49 14.58 7.87
N MET E 460 13.52 13.96 8.54
CA MET E 460 13.36 12.53 8.46
C MET E 460 12.05 12.23 7.73
N SER E 461 12.06 11.14 6.98
CA SER E 461 10.93 10.74 6.16
C SER E 461 9.95 9.94 7.01
N TRP E 462 8.98 9.31 6.33
CA TRP E 462 7.96 8.53 7.01
C TRP E 462 8.56 7.31 7.68
N PHE E 463 9.47 6.63 7.00
CA PHE E 463 9.95 5.34 7.49
C PHE E 463 10.92 5.50 8.65
N SER E 464 11.81 6.49 8.57
CA SER E 464 12.84 6.58 9.61
C SER E 464 12.30 7.19 10.90
N GLN E 465 11.20 7.94 10.83
CA GLN E 465 10.59 8.40 12.07
C GLN E 465 9.96 7.26 12.85
N ILE E 466 9.40 6.27 12.17
CA ILE E 466 9.02 5.05 12.88
C ILE E 466 10.26 4.30 13.32
N LEU E 467 11.30 4.31 12.50
CA LEU E 467 12.52 3.56 12.78
C LEU E 467 13.33 4.19 13.90
N ILE E 468 13.16 5.49 14.16
CA ILE E 468 13.78 6.16 15.29
C ILE E 468 12.77 6.44 16.40
N GLY E 469 11.48 6.31 16.11
CA GLY E 469 10.50 6.27 17.18
C GLY E 469 10.67 4.97 17.94
N THR E 470 10.76 3.86 17.22
CA THR E 470 10.91 2.54 17.83
C THR E 470 12.24 2.43 18.57
N LEU E 471 13.28 3.13 18.11
CA LEU E 471 14.55 3.14 18.82
C LEU E 471 14.46 3.94 20.11
N LEU E 472 13.54 4.90 20.18
CA LEU E 472 13.28 5.60 21.43
C LEU E 472 12.18 4.96 22.25
N MET E 473 11.34 4.13 21.63
CA MET E 473 10.43 3.28 22.39
C MET E 473 11.18 2.34 23.30
N TRP E 474 12.22 1.70 22.77
CA TRP E 474 12.99 0.75 23.58
C TRP E 474 13.83 1.47 24.63
N LEU E 475 14.32 2.67 24.34
CA LEU E 475 14.93 3.47 25.39
C LEU E 475 13.92 3.96 26.41
N GLY E 476 12.65 4.09 26.03
CA GLY E 476 11.62 4.42 27.00
C GLY E 476 11.36 3.33 27.99
N LEU E 477 11.39 2.07 27.55
CA LEU E 477 11.15 0.93 28.41
C LEU E 477 12.40 0.48 29.17
N ASN E 478 13.46 1.29 29.15
CA ASN E 478 14.67 1.04 29.93
C ASN E 478 15.16 2.39 30.44
N THR E 479 16.42 2.42 30.89
CA THR E 479 17.18 3.63 31.19
C THR E 479 16.49 4.47 32.26
N LYS E 480 16.48 3.92 33.47
CA LYS E 480 15.78 4.56 34.58
C LYS E 480 16.54 5.80 35.03
N ASN E 481 16.12 6.95 34.49
CA ASN E 481 16.73 8.22 34.81
C ASN E 481 15.67 9.29 34.55
N GLY E 482 16.01 10.55 34.87
CA GLY E 482 15.12 11.66 34.57
C GLY E 482 14.94 11.93 33.09
N SER E 483 15.90 11.51 32.28
CA SER E 483 15.81 11.57 30.82
C SER E 483 15.02 10.39 30.26
N ILE E 484 13.76 10.30 30.65
CA ILE E 484 12.88 9.23 30.18
C ILE E 484 11.59 9.78 29.58
N SER E 485 11.16 10.98 29.97
CA SER E 485 10.14 11.68 29.19
C SER E 485 10.75 12.32 27.95
N LEU E 486 12.07 12.50 27.93
CA LEU E 486 12.77 12.91 26.71
C LEU E 486 12.89 11.79 25.71
N MET E 487 12.62 10.54 26.10
CA MET E 487 12.63 9.42 25.18
C MET E 487 11.24 8.79 25.04
N CYS E 488 10.20 9.41 25.58
CA CYS E 488 8.83 8.97 25.39
C CYS E 488 7.92 10.05 24.84
N LEU E 489 8.22 11.32 25.09
CA LEU E 489 7.55 12.38 24.35
C LEU E 489 8.17 12.55 22.97
N ALA E 490 9.43 12.15 22.81
CA ALA E 490 10.04 11.98 21.50
C ALA E 490 9.77 10.60 20.92
N LEU E 491 8.78 9.90 21.45
CA LEU E 491 8.23 8.68 20.89
C LEU E 491 6.90 8.95 20.20
N GLY E 492 5.92 9.49 20.94
CA GLY E 492 4.68 9.91 20.33
C GLY E 492 4.83 11.17 19.49
N GLY E 493 5.78 12.04 19.83
CA GLY E 493 6.02 13.20 19.00
C GLY E 493 6.66 12.89 17.66
N VAL E 494 7.16 11.67 17.48
CA VAL E 494 7.82 11.25 16.26
C VAL E 494 7.00 10.20 15.51
N LEU E 495 6.37 9.27 16.24
CA LEU E 495 5.51 8.28 15.58
C LEU E 495 4.22 8.91 15.07
N ILE E 496 3.48 9.60 15.94
CA ILE E 496 2.17 10.13 15.57
C ILE E 496 2.31 11.25 14.55
N PHE E 497 3.47 11.92 14.52
CA PHE E 497 3.72 12.98 13.54
C PHE E 497 3.74 12.45 12.12
N LEU E 498 4.15 11.20 11.92
CA LEU E 498 4.02 10.52 10.63
C LEU E 498 3.48 9.10 10.82
N SER E 499 2.40 8.99 11.59
CA SER E 499 1.42 7.92 11.44
C SER E 499 0.02 8.46 11.28
N THR E 500 -0.23 9.67 11.75
CA THR E 500 -1.46 10.40 11.44
C THR E 500 -1.22 11.30 10.23
N ALA E 501 -0.96 10.64 9.10
CA ALA E 501 -0.70 11.34 7.85
C ALA E 501 -1.80 11.05 6.84
N ALA F 1 22.57 13.26 -12.04
CA ALA F 1 23.56 12.25 -11.73
C ALA F 1 22.93 11.11 -10.97
N VAL F 2 23.74 10.41 -10.19
CA VAL F 2 23.26 9.27 -9.44
C VAL F 2 22.81 9.68 -8.04
N THR F 3 23.35 10.79 -7.54
CA THR F 3 23.19 11.20 -6.15
C THR F 3 22.12 12.26 -5.95
N LEU F 4 20.98 12.15 -6.64
CA LEU F 4 19.87 13.08 -6.41
C LEU F 4 19.33 12.93 -4.99
N PRO F 5 19.11 14.03 -4.28
CA PRO F 5 18.56 13.93 -2.92
C PRO F 5 17.09 13.59 -2.97
N SER F 6 16.63 12.92 -1.93
CA SER F 6 15.21 12.64 -1.79
C SER F 6 14.51 13.88 -1.26
N HIS F 7 13.30 14.14 -1.75
CA HIS F 7 12.55 15.25 -1.20
C HIS F 7 11.81 14.87 0.06
N SER F 8 11.78 13.58 0.40
CA SER F 8 11.16 13.12 1.64
C SER F 8 11.92 13.57 2.88
N THR F 9 13.15 14.08 2.73
CA THR F 9 13.81 14.80 3.81
C THR F 9 13.02 16.03 4.21
N ARG F 10 12.48 16.76 3.24
CA ARG F 10 11.72 17.97 3.49
C ARG F 10 10.33 17.89 2.89
N LYS F 11 9.59 16.82 3.18
CA LYS F 11 8.22 16.73 2.69
C LYS F 11 7.37 17.83 3.32
N LEU F 12 6.50 18.41 2.52
CA LEU F 12 5.76 19.57 2.96
C LEU F 12 4.56 19.07 3.75
N GLN F 13 4.62 19.24 5.07
CA GLN F 13 3.59 18.67 5.92
C GLN F 13 2.35 19.54 5.84
N THR F 14 1.50 19.26 4.87
CA THR F 14 0.27 20.01 4.63
C THR F 14 -0.92 19.06 4.81
N ARG F 15 -2.10 19.55 4.43
CA ARG F 15 -3.27 18.73 4.58
C ARG F 15 -3.40 17.73 3.43
N SER F 16 -3.03 18.13 2.22
CA SER F 16 -3.21 17.26 1.07
C SER F 16 -2.08 16.24 0.97
N GLN F 17 -2.25 15.34 0.01
CA GLN F 17 -1.24 14.32 -0.26
C GLN F 17 -0.07 14.95 -1.00
N THR F 18 1.11 14.37 -0.81
CA THR F 18 2.30 14.83 -1.50
C THR F 18 2.33 14.28 -2.92
N TRP F 19 3.47 14.36 -3.58
CA TRP F 19 3.58 13.83 -4.94
C TRP F 19 3.48 12.31 -4.94
N LEU F 20 4.40 11.63 -4.30
CA LEU F 20 4.30 10.19 -4.16
C LEU F 20 4.12 9.89 -2.67
N GLU F 21 2.88 9.95 -2.21
CA GLU F 21 2.56 9.53 -0.86
C GLU F 21 2.24 8.06 -0.78
N SER F 22 1.58 7.51 -1.81
CA SER F 22 1.17 6.11 -1.80
C SER F 22 2.37 5.19 -1.94
N ARG F 23 3.42 5.64 -2.63
CA ARG F 23 4.64 4.86 -2.78
C ARG F 23 5.67 5.21 -1.73
N GLU F 24 5.28 5.87 -0.64
CA GLU F 24 6.22 6.28 0.39
C GLU F 24 6.28 5.31 1.55
N TYR F 25 5.23 4.53 1.75
CA TYR F 25 5.20 3.60 2.87
C TYR F 25 6.04 2.38 2.56
N THR F 26 5.71 1.66 1.50
CA THR F 26 6.48 0.51 1.05
C THR F 26 7.44 0.94 -0.06
N LYS F 27 8.43 1.74 0.34
CA LYS F 27 9.50 2.15 -0.56
C LYS F 27 10.84 1.60 -0.11
N HIS F 28 11.24 1.89 1.12
CA HIS F 28 12.45 1.31 1.69
C HIS F 28 12.20 -0.09 2.21
N LEU F 29 10.94 -0.42 2.47
CA LEU F 29 10.62 -1.72 3.04
C LEU F 29 10.66 -2.80 1.97
N ILE F 30 10.27 -2.45 0.74
CA ILE F 30 10.52 -3.32 -0.40
C ILE F 30 12.00 -3.42 -0.70
N ARG F 31 12.73 -2.31 -0.51
CA ARG F 31 14.14 -2.25 -0.88
C ARG F 31 15.01 -3.11 0.04
N VAL F 32 14.58 -3.30 1.29
CA VAL F 32 15.29 -4.23 2.17
C VAL F 32 14.73 -5.64 2.09
N GLU F 33 13.48 -5.80 1.67
CA GLU F 33 12.95 -7.14 1.44
C GLU F 33 13.52 -7.74 0.18
N ASN F 34 13.78 -6.90 -0.82
CA ASN F 34 14.31 -7.40 -2.09
C ASN F 34 15.79 -7.68 -1.99
N TRP F 35 16.52 -6.92 -1.18
CA TRP F 35 17.95 -7.16 -1.04
C TRP F 35 18.23 -8.44 -0.27
N ILE F 36 17.53 -8.63 0.84
CA ILE F 36 17.85 -9.75 1.72
C ILE F 36 17.26 -11.06 1.18
N PHE F 37 16.28 -10.97 0.28
CA PHE F 37 15.84 -12.17 -0.42
C PHE F 37 16.88 -12.63 -1.42
N ARG F 38 17.53 -11.68 -2.09
CA ARG F 38 18.57 -12.00 -3.05
C ARG F 38 19.90 -12.27 -2.39
N ASN F 39 20.12 -11.77 -1.19
CA ASN F 39 21.38 -11.97 -0.46
C ASN F 39 21.09 -12.52 0.93
N PRO F 40 20.69 -13.79 1.04
CA PRO F 40 20.31 -14.32 2.35
C PRO F 40 21.48 -14.56 3.27
N GLY F 41 22.67 -14.77 2.71
CA GLY F 41 23.83 -15.15 3.51
C GLY F 41 24.35 -14.05 4.41
N PHE F 42 24.07 -12.80 4.10
CA PHE F 42 24.54 -11.72 4.95
C PHE F 42 23.68 -11.57 6.20
N ALA F 43 22.47 -12.11 6.20
CA ALA F 43 21.65 -12.11 7.41
C ALA F 43 22.26 -12.93 8.53
N LEU F 44 23.03 -13.96 8.20
CA LEU F 44 23.82 -14.69 9.18
C LEU F 44 25.25 -14.20 9.25
N ALA F 45 25.64 -13.26 8.39
CA ALA F 45 26.90 -12.55 8.54
C ALA F 45 26.72 -11.24 9.27
N ALA F 46 25.52 -10.65 9.22
CA ALA F 46 25.23 -9.52 10.08
C ALA F 46 24.96 -9.99 11.50
N ALA F 47 24.30 -11.14 11.65
CA ALA F 47 24.03 -11.69 12.97
C ALA F 47 25.32 -12.14 13.65
N ALA F 48 26.28 -12.64 12.88
CA ALA F 48 27.56 -13.03 13.47
C ALA F 48 28.39 -11.82 13.88
N ILE F 49 28.13 -10.65 13.28
CA ILE F 49 28.77 -9.44 13.77
C ILE F 49 27.97 -8.85 14.91
N ALA F 50 26.63 -8.90 14.82
CA ALA F 50 25.76 -8.32 15.85
C ALA F 50 25.87 -9.07 17.17
N TRP F 51 25.98 -10.40 17.11
CA TRP F 51 26.20 -11.18 18.31
C TRP F 51 27.59 -10.97 18.89
N LEU F 52 28.51 -10.42 18.09
CA LEU F 52 29.89 -10.22 18.49
C LEU F 52 30.18 -8.77 18.85
N LEU F 53 29.34 -7.84 18.42
CA LEU F 53 29.63 -6.42 18.62
C LEU F 53 29.05 -5.93 19.96
N GLY F 54 27.78 -6.23 20.22
CA GLY F 54 27.14 -5.71 21.41
C GLY F 54 27.38 -6.57 22.63
N SER F 55 27.03 -6.03 23.79
CA SER F 55 27.27 -6.72 25.06
C SER F 55 26.02 -7.46 25.53
N SER F 56 24.91 -6.76 25.65
CA SER F 56 23.65 -7.36 26.05
C SER F 56 22.88 -7.84 24.83
N THR F 57 22.01 -8.83 25.05
CA THR F 57 21.26 -9.41 23.94
C THR F 57 20.13 -8.52 23.45
N SER F 58 19.90 -7.39 24.11
CA SER F 58 18.96 -6.40 23.60
C SER F 58 19.66 -5.31 22.81
N GLN F 59 21.00 -5.30 22.81
CA GLN F 59 21.77 -4.48 21.88
C GLN F 59 22.19 -5.27 20.64
N LYS F 60 22.32 -6.58 20.77
CA LYS F 60 22.68 -7.41 19.64
C LYS F 60 21.55 -7.51 18.63
N VAL F 61 20.30 -7.39 19.10
CA VAL F 61 19.16 -7.33 18.20
C VAL F 61 19.15 -5.98 17.48
N ILE F 62 19.64 -4.93 18.12
CA ILE F 62 19.65 -3.61 17.51
C ILE F 62 20.68 -3.54 16.38
N TYR F 63 21.86 -4.13 16.58
CA TYR F 63 22.84 -4.19 15.50
C TYR F 63 22.39 -5.11 14.38
N LEU F 64 21.69 -6.19 14.72
CA LEU F 64 21.17 -7.10 13.70
C LEU F 64 20.12 -6.40 12.85
N VAL F 65 19.41 -5.43 13.42
CA VAL F 65 18.54 -4.56 12.63
C VAL F 65 19.38 -3.56 11.85
N MET F 66 20.31 -2.88 12.53
CA MET F 66 20.97 -1.73 11.92
C MET F 66 22.05 -2.11 10.90
N ILE F 67 22.63 -3.31 11.00
CA ILE F 67 23.49 -3.74 9.91
C ILE F 67 22.65 -4.15 8.70
N LEU F 68 21.48 -4.73 8.95
CA LEU F 68 20.56 -5.09 7.87
C LEU F 68 19.74 -3.92 7.36
N LEU F 69 20.06 -2.70 7.75
CA LEU F 69 19.49 -1.50 7.16
C LEU F 69 20.51 -0.69 6.39
N ILE F 70 21.76 -0.63 6.87
CA ILE F 70 22.82 0.04 6.12
C ILE F 70 23.11 -0.73 4.84
N ALA F 71 23.36 -2.03 4.98
CA ALA F 71 23.78 -2.84 3.83
C ALA F 71 22.80 -2.96 2.67
N PRO F 72 21.46 -2.95 2.83
CA PRO F 72 20.63 -2.88 1.63
C PRO F 72 20.61 -1.52 0.97
N ALA F 73 21.08 -0.48 1.66
CA ALA F 73 21.13 0.85 1.10
C ALA F 73 22.54 1.33 0.85
N TYR F 74 23.54 0.66 1.45
CA TYR F 74 24.96 0.99 1.33
C TYR F 74 25.23 2.41 1.80
N SER F 75 24.62 2.76 2.94
CA SER F 75 24.65 4.08 3.57
C SER F 75 24.19 5.25 2.73
C1 NAG G . -65.41 -10.78 6.57
C2 NAG G . -66.59 -11.61 7.07
C3 NAG G . -67.24 -12.37 5.89
C4 NAG G . -67.59 -11.41 4.77
C5 NAG G . -66.38 -10.56 4.37
C6 NAG G . -66.71 -9.48 3.38
C7 NAG G . -66.72 -12.59 9.31
C8 NAG G . -66.18 -13.63 10.25
N2 NAG G . -66.17 -12.56 8.09
O3 NAG G . -68.40 -13.04 6.36
O4 NAG G . -68.02 -12.16 3.63
O5 NAG G . -65.84 -9.90 5.54
O6 NAG G . -67.00 -10.02 2.10
O7 NAG G . -67.62 -11.82 9.64
C1 NAG G . -69.43 -11.99 3.37
C2 NAG G . -69.77 -12.73 2.08
C3 NAG G . -71.25 -12.60 1.75
C4 NAG G . -72.10 -13.03 2.95
C5 NAG G . -71.67 -12.31 4.22
C6 NAG G . -72.38 -12.82 5.45
C7 NAG G . -68.22 -13.03 0.16
C8 NAG G . -68.27 -14.51 0.43
N2 NAG G . -68.95 -12.25 0.97
O3 NAG G . -71.55 -13.39 0.62
O4 NAG G . -73.47 -12.74 2.68
O5 NAG G . -70.27 -12.48 4.45
O6 NAG G . -73.60 -13.46 5.13
O7 NAG G . -67.55 -12.56 -0.76
C1 NAG H . 49.31 -5.29 -44.44
C2 NAG H . 49.91 -3.93 -44.76
C3 NAG H . 49.01 -3.20 -45.76
C4 NAG H . 48.79 -4.05 -47.00
C5 NAG H . 48.23 -5.42 -46.60
C6 NAG H . 48.11 -6.37 -47.77
C7 NAG H . 51.29 -2.66 -43.18
C8 NAG H . 51.31 -1.87 -41.92
N2 NAG H . 50.10 -3.14 -43.56
O3 NAG H . 49.59 -1.95 -46.11
O4 NAG H . 47.88 -3.37 -47.87
O5 NAG H . 49.10 -6.04 -45.65
O6 NAG H . 47.05 -6.00 -48.65
O7 NAG H . 52.30 -2.86 -43.85
C1 NAG H . 48.52 -3.03 -49.13
C2 NAG H . 48.02 -1.64 -49.56
C3 NAG H . 48.63 -1.27 -50.90
C4 NAG H . 50.16 -1.36 -50.87
C5 NAG H . 50.61 -2.72 -50.33
C6 NAG H . 52.10 -2.81 -50.10
C7 NAG H . 45.78 -1.00 -48.70
C8 NAG H . 46.48 -0.33 -47.56
N2 NAG H . 46.57 -1.60 -49.62
O3 NAG H . 48.24 0.06 -51.26
O4 NAG H . 50.67 -1.20 -52.18
O5 NAG H . 49.98 -3.01 -49.07
O6 NAG H . 52.80 -1.86 -50.87
O7 NAG H . 44.57 -1.02 -48.80
C1 NAG I . -27.99 28.41 -10.79
C2 NAG I . -29.04 27.40 -11.27
C3 NAG I . -29.12 27.40 -12.79
C4 NAG I . -29.35 28.81 -13.33
C5 NAG I . -28.28 29.75 -12.77
C6 NAG I . -28.50 31.20 -13.15
C7 NAG I . -29.08 25.63 -9.55
C8 NAG I . -28.69 24.24 -9.21
N2 NAG I . -28.74 26.06 -10.77
O3 NAG I . -30.18 26.54 -13.20
O4 NAG I . -29.26 28.80 -14.74
O5 NAG I . -28.28 29.70 -11.33
O6 NAG I . -27.98 31.47 -14.44
O7 NAG I . -29.69 26.35 -8.76
C1 NAG I . -30.55 29.08 -15.36
C2 NAG I . -30.49 28.70 -16.84
C3 NAG I . -31.84 28.94 -17.51
C4 NAG I . -32.95 28.21 -16.75
C5 NAG I . -32.93 28.62 -15.28
C6 NAG I . -33.93 27.86 -14.44
C7 NAG I . -28.50 28.90 -18.30
C8 NAG I . -28.52 27.40 -18.44
N2 NAG I . -29.44 29.45 -17.54
O3 NAG I . -31.80 28.50 -18.86
O4 NAG I . -34.22 28.52 -17.30
O5 NAG I . -31.63 28.37 -14.71
O6 NAG I . -35.25 28.08 -14.88
O7 NAG I . -27.63 29.58 -18.86
#